data_9MN4
#
_entry.id   9MN4
#
_cell.length_a   1.00
_cell.length_b   1.00
_cell.length_c   1.00
_cell.angle_alpha   90.00
_cell.angle_beta   90.00
_cell.angle_gamma   90.00
#
_symmetry.space_group_name_H-M   'P 1'
#
loop_
_entity.id
_entity.type
_entity.pdbx_description
1 polymer 'Transcription factor A, mitochondrial'
2 polymer 'Dimethyladenosine transferase 2, mitochondrial'
3 polymer 'DNA-directed RNA polymerase, mitochondrial'
4 polymer 'Non-Template Strand DNA'
5 polymer 'RNA (RNA3mt)'
6 polymer 'Template Strand DNA'
#
loop_
_entity_poly.entity_id
_entity_poly.type
_entity_poly.pdbx_seq_one_letter_code
_entity_poly.pdbx_strand_id
1 'polypeptide(L)'
;MAFLRSMWGVLSALGRSGAELCTGCGSRLRSPFSFVYLPRWFSSVLASSPKKPVSSYLRFSKEQLPIFKAQNPDAKTTEL
IRRIAQRWRELPDSKKKIYQDAYRAEWQVYKEEISRFKEQLTPSQIMSLEKEIMDKHLKRKAMTKKKELTLLGKPKRPRS
AYNVYVAERFQEAKGDSPQEKLKTVKENWKNLSDSEKELYIQHAKEDETRYHNEMKSWEEQMIEVGRKDLLRRTIKKQRK
YGAEEC
;
A
2 'polypeptide(L)'
;MWIPVVGLPRRLRLSALAGAGRFCILGSEAATRKHLPARNHCGLSDSSPQLWPEPDFRNPPRKASKASLDFKRYVTDRRL
AETLAQIYLGKPSRPPHLLLECNPGPGILTQALLEAGAKVVALESDKTFIPHLESLGKNLDGKLRVIHCDFFKLDPRSGG
VIKPPAMSSRGLFKNLGIEAVPWTADIPLKVVGMFPSRGEKRALWKLAYDLYSCTSIYKFGRIEVNMFIGEKEFQKLMAD
PGNPDLYHVLSVIWQLACEIKVLHMEPWSSFDIYTRKGPLENPKRRELLDQLQQKLYLIQMIPRQNLFTKNLTPMNYNIF
FHLLKHCFGRRSATVIDHLRSLTPLDARDILMQIGKQEDEKVVNMHPQDFKTLFETIERSKDCAYKWLYDETLEDR
;
B
3 'polypeptide(L)'
;MSALCWGRGAAGLKRALRPCGRPGLPGKEGTAGGVCGPRRSSSASPQEQDQDRRKDWGHVELLEVLQARVRQLQAESVSE
VVVNRVDVARLPECGSGDGSLQPPRKVQMGAKDATPVPCGRWAKILEKDKRTQQMRMQRLKAKLQMPFQSGEFKALTRRL
QVEPRLLSKQMAGCLEDCTRQAPESPWEEQLARLLQEAPGKLSLDVEQAPSGQHSQAQLSGQQQRLLAFFKCCLLTDQLP
LAHHLLVVHHGQRQKRKLLTLDMYNAVMLGWARQGAFKELVYVLFMVKDAGLTPDLLSYAAALQCMGRQDQDAGTIERCL
EQMSQEGLKLQALFTAVLLSEEDRATVLKAVHKVKPTFSLPPQLPPPVNTSKLLRDVYAKDGRVSYPKLHLPLKTLQCLF
EKQLHMELASRVCVVSVEKPTLPSKEVKHARKTLKTLRDQWEKALCRALRETKNRLEREVYEGRFSLYPFLCLLDEREVV
RMLLQVLQALPAQGESFTTLARELSARTFSRHVVQRQRVSGQVQALQNHYRKYLCLLASDAEVPEPCLPRQYWEELGAPE
ALREQPWPLPVQMELGKLLAEMLVQATQMPCSLDKPHRSSRLVPVLYHVYSFRNVQQIGILKPHPAYVQLLEKAAEPTLT
FEAVDVPMLCPPLPWTSPHSGAFLLSPTKLMRTVEGATQHQELLETCPPTALHGALDALTQLGNCAWRVNGRVLDLVLQL
FQAKGCPQLGVPAPPSEAPQPPEAHLPHSAAPARKAELRRELAHCQKVAREMHSLRAEALYRLSLAQHLRDRVFWLPHNM
DFRGRTYPCPPHFNHLGSDVARALLEFAQGRPLGPHGLDWLKIHLVNLTGLKKREPLRKRLAFAEEVMDDILDSADQPLT
GRKWWMGAEEPWQTLACCMEVANAVRASDPAAYVSHLPVHQDGSCNGLQHYAALGRDSVGAASVNLEPSDVPQDVYSGVA
AQVEVFRRQDAQRGMRVAQVLEGFITRKVVKQTVMTVVYGVTRYGGRLQIEKRLRELSDFPQEFVWEASHYLVRQVFKSL
QEMFSGTRAIQHWLTESARLISHMGSVVEWVTPLGVPVIQPYRLDSKVKQIGGGIQSITYTHNGDISRKPNTRKQKNGFP
PNFIHSLDSSHMMLTALHCYRKGLTFVSVHDCYWTHAADVSVMNQVCREQFVRLHSEPILQDLSRFLVKRFCSEPQKILE
ASQLKETLQAVPKPGAFDLEQVKRSTYFFS
;
E
4 'polydeoxyribonucleotide'
;(DG)(DA)(DA)(DA)(DA)(DT)(DA)(DA)(DT)(DG)(DT)(DG)(DT)(DT)(DA)(DG)(DT)(DT)(DG)(DG)
(DG)(DG)(DG)(DG)(DT)(DG)(DA)(DC)(DT)(DG)(DT)(DT)(DA)(DA)(DA)(DA)(DG)(DT)(DG)(DC)
(DA)(DT)(DA)(DC)(DC)(DG)(DC)(DC)(DA)(DA)(DA)(DA)(DG)(DA)(DT)(DA)(DG)(DG)(DC)(DC)
;
N
5 'polyribonucleotide' GAG R
6 'polydeoxyribonucleotide'
;(DG)(DG)(DC)(DC)(DT)(DA)(DT)(DC)(DT)(DC)(DC)(DC)(DA)(DG)(DC)(DG)(DG)(DT)(DA)(DT)
(DG)(DC)(DA)(DC)(DT)(DT)(DT)(DT)(DA)(DA)(DC)(DA)(DG)(DT)(DC)(DA)(DC)(DC)(DC)(DC)
(DC)(DC)(DA)(DA)(DC)(DT)(DA)(DA)(DC)(DA)(DC)(DA)(DT)(DT)(DA)(DT)(DT)(DT)(DT)(DC)
;
T
#
loop_
_chem_comp.id
_chem_comp.type
_chem_comp.name
_chem_comp.formula
A RNA linking ADENOSINE-5'-MONOPHOSPHATE 'C10 H14 N5 O7 P'
DA DNA linking 2'-DEOXYADENOSINE-5'-MONOPHOSPHATE 'C10 H14 N5 O6 P'
DC DNA linking 2'-DEOXYCYTIDINE-5'-MONOPHOSPHATE 'C9 H14 N3 O7 P'
DG DNA linking 2'-DEOXYGUANOSINE-5'-MONOPHOSPHATE 'C10 H14 N5 O7 P'
DT DNA linking THYMIDINE-5'-MONOPHOSPHATE 'C10 H15 N2 O8 P'
G RNA linking GUANOSINE-5'-MONOPHOSPHATE 'C10 H14 N5 O8 P'
#
# COMPACT_ATOMS: atom_id res chain seq x y z
N SER A 43 -25.74 49.70 11.85
CA SER A 43 -26.51 48.96 12.84
C SER A 43 -26.07 47.50 12.89
N SER A 44 -26.27 46.87 14.04
CA SER A 44 -25.90 45.47 14.21
C SER A 44 -26.89 44.57 13.47
N VAL A 45 -26.35 43.61 12.71
CA VAL A 45 -27.20 42.67 11.98
C VAL A 45 -27.91 41.74 12.95
N LEU A 46 -27.23 41.33 14.03
CA LEU A 46 -27.84 40.46 15.01
C LEU A 46 -28.94 41.16 15.80
N ALA A 47 -28.82 42.47 15.99
CA ALA A 47 -29.86 43.22 16.70
C ALA A 47 -31.11 43.38 15.85
N SER A 48 -30.99 43.28 14.53
CA SER A 48 -32.14 43.41 13.63
C SER A 48 -32.90 42.10 13.45
N SER A 49 -32.43 41.01 14.05
CA SER A 49 -33.14 39.74 13.93
C SER A 49 -34.44 39.78 14.73
N PRO A 50 -35.47 39.04 14.30
CA PRO A 50 -36.70 38.97 15.09
C PRO A 50 -36.47 38.30 16.44
N LYS A 51 -37.29 38.69 17.41
CA LYS A 51 -37.15 38.18 18.77
C LYS A 51 -37.52 36.70 18.83
N LYS A 52 -36.78 35.96 19.66
CA LYS A 52 -36.97 34.53 19.79
C LYS A 52 -38.29 34.22 20.49
N PRO A 53 -38.87 33.04 20.25
CA PRO A 53 -40.14 32.69 20.90
C PRO A 53 -39.98 32.51 22.40
N VAL A 54 -40.88 33.15 23.16
CA VAL A 54 -40.82 33.12 24.62
C VAL A 54 -41.37 31.78 25.10
N SER A 55 -40.60 31.09 25.95
CA SER A 55 -41.03 29.82 26.50
C SER A 55 -42.17 30.01 27.50
N SER A 56 -42.99 28.97 27.63
CA SER A 56 -44.15 29.03 28.52
C SER A 56 -43.72 29.16 29.98
N TYR A 57 -42.68 28.42 30.38
CA TYR A 57 -42.16 28.53 31.74
C TYR A 57 -41.61 29.93 31.99
N LEU A 58 -40.88 30.49 31.03
CA LEU A 58 -40.32 31.81 31.21
C LEU A 58 -41.39 32.90 31.07
N ARG A 59 -42.43 32.65 30.28
CA ARG A 59 -43.56 33.59 30.24
C ARG A 59 -44.26 33.63 31.60
N PHE A 60 -44.45 32.46 32.22
CA PHE A 60 -45.04 32.41 33.56
C PHE A 60 -44.13 33.06 34.59
N SER A 61 -42.82 32.84 34.48
CA SER A 61 -41.87 33.46 35.40
C SER A 61 -41.86 34.98 35.25
N LYS A 62 -41.91 35.48 34.01
CA LYS A 62 -41.96 36.92 33.79
C LYS A 62 -43.29 37.52 34.27
N GLU A 63 -44.38 36.75 34.16
CA GLU A 63 -45.66 37.22 34.68
C GLU A 63 -45.65 37.31 36.20
N GLN A 64 -45.06 36.32 36.87
CA GLN A 64 -45.09 36.27 38.34
C GLN A 64 -43.93 37.02 38.99
N LEU A 65 -42.93 37.47 38.22
CA LEU A 65 -41.81 38.19 38.82
C LEU A 65 -42.18 39.53 39.44
N PRO A 66 -42.96 40.44 38.81
CA PRO A 66 -43.32 41.67 39.52
C PRO A 66 -44.20 41.46 40.75
N ILE A 67 -45.07 40.45 40.72
CA ILE A 67 -45.93 40.16 41.88
C ILE A 67 -45.08 39.70 43.07
N PHE A 68 -44.13 38.81 42.82
CA PHE A 68 -43.25 38.34 43.88
C PHE A 68 -42.28 39.42 44.34
N LYS A 69 -41.89 40.31 43.43
CA LYS A 69 -41.03 41.43 43.82
C LYS A 69 -41.77 42.43 44.70
N ALA A 70 -43.04 42.68 44.39
CA ALA A 70 -43.84 43.59 45.22
C ALA A 70 -44.18 42.95 46.56
N GLN A 71 -44.48 41.65 46.58
CA GLN A 71 -44.82 40.99 47.83
C GLN A 71 -43.60 40.83 48.73
N ASN A 72 -42.43 40.56 48.14
CA ASN A 72 -41.19 40.36 48.90
C ASN A 72 -40.09 41.23 48.32
N PRO A 73 -40.07 42.52 48.70
CA PRO A 73 -39.01 43.40 48.17
C PRO A 73 -37.65 43.13 48.77
N ASP A 74 -37.58 42.71 50.03
CA ASP A 74 -36.30 42.47 50.69
C ASP A 74 -35.72 41.09 50.37
N ALA A 75 -36.51 40.19 49.79
CA ALA A 75 -36.00 38.87 49.44
C ALA A 75 -35.09 38.96 48.23
N LYS A 76 -34.08 38.08 48.20
CA LYS A 76 -33.17 38.04 47.06
C LYS A 76 -33.88 37.51 45.82
N THR A 77 -33.35 37.89 44.65
CA THR A 77 -33.96 37.48 43.40
C THR A 77 -33.79 35.97 43.15
N THR A 78 -32.67 35.40 43.63
CA THR A 78 -32.44 33.97 43.45
C THR A 78 -33.49 33.13 44.17
N GLU A 79 -33.84 33.54 45.40
CA GLU A 79 -34.90 32.85 46.13
C GLU A 79 -36.25 32.99 45.44
N LEU A 80 -36.54 34.17 44.90
CA LEU A 80 -37.80 34.38 44.20
C LEU A 80 -37.88 33.53 42.94
N ILE A 81 -36.79 33.43 42.18
CA ILE A 81 -36.77 32.60 40.98
C ILE A 81 -36.91 31.12 41.36
N ARG A 82 -36.26 30.69 42.44
CA ARG A 82 -36.39 29.31 42.89
C ARG A 82 -37.81 28.99 43.34
N ARG A 83 -38.47 29.94 44.03
CA ARG A 83 -39.85 29.73 44.44
C ARG A 83 -40.80 29.69 43.25
N ILE A 84 -40.56 30.55 42.26
CA ILE A 84 -41.37 30.54 41.03
C ILE A 84 -41.20 29.23 40.29
N ALA A 85 -39.97 28.71 40.22
CA ALA A 85 -39.73 27.43 39.57
C ALA A 85 -40.35 26.27 40.35
N GLN A 86 -40.35 26.36 41.68
CA GLN A 86 -41.03 25.34 42.49
C GLN A 86 -42.53 25.36 42.26
N ARG A 87 -43.12 26.56 42.14
CA ARG A 87 -44.53 26.66 41.82
C ARG A 87 -44.84 26.12 40.42
N TRP A 88 -43.91 26.34 39.48
CA TRP A 88 -44.06 25.76 38.14
C TRP A 88 -43.97 24.24 38.18
N ARG A 89 -43.11 23.70 39.05
CA ARG A 89 -43.07 22.25 39.25
C ARG A 89 -44.36 21.73 39.86
N GLU A 90 -45.01 22.53 40.70
CA GLU A 90 -46.31 22.16 41.24
C GLU A 90 -47.40 22.19 40.16
N LEU A 91 -47.18 22.94 39.10
CA LEU A 91 -48.19 23.06 38.04
C LEU A 91 -48.23 21.77 37.21
N PRO A 92 -49.43 21.25 36.91
CA PRO A 92 -49.51 20.07 36.04
C PRO A 92 -49.12 20.39 34.60
N ASP A 93 -48.74 19.34 33.87
CA ASP A 93 -48.25 19.50 32.50
C ASP A 93 -49.38 19.75 31.50
N SER A 94 -50.63 19.48 31.87
CA SER A 94 -51.75 19.75 30.97
C SER A 94 -51.90 21.25 30.72
N LYS A 95 -51.85 22.04 31.80
CA LYS A 95 -51.90 23.49 31.65
C LYS A 95 -50.65 24.02 30.95
N LYS A 96 -49.51 23.32 31.10
CA LYS A 96 -48.32 23.65 30.32
C LYS A 96 -48.58 23.45 28.83
N LYS A 97 -49.27 22.37 28.46
CA LYS A 97 -49.59 22.13 27.06
C LYS A 97 -50.57 23.18 26.52
N ILE A 98 -51.57 23.53 27.34
CA ILE A 98 -52.53 24.57 26.92
C ILE A 98 -51.83 25.91 26.73
N TYR A 99 -50.87 26.22 27.60
CA TYR A 99 -50.12 27.47 27.44
C TYR A 99 -49.13 27.38 26.27
N GLN A 100 -48.63 26.18 25.97
CA GLN A 100 -47.71 25.99 24.86
C GLN A 100 -48.40 25.89 23.51
N ASP A 101 -49.72 25.78 23.47
CA ASP A 101 -50.43 25.93 22.20
C ASP A 101 -50.21 27.33 21.62
N ALA A 102 -50.28 28.35 22.47
CA ALA A 102 -49.93 29.70 22.04
C ALA A 102 -48.45 29.81 21.68
N TYR A 103 -47.60 29.03 22.34
CA TYR A 103 -46.19 28.97 21.97
C TYR A 103 -46.02 28.39 20.58
N ARG A 104 -46.82 27.38 20.23
CA ARG A 104 -46.80 26.81 18.87
C ARG A 104 -47.24 27.85 17.85
N ALA A 105 -48.31 28.59 18.16
CA ALA A 105 -48.81 29.60 17.23
C ALA A 105 -47.78 30.72 17.03
N GLU A 106 -47.19 31.20 18.12
CA GLU A 106 -46.15 32.21 18.02
C GLU A 106 -44.87 31.65 17.41
N TRP A 107 -44.64 30.35 17.52
CA TRP A 107 -43.53 29.71 16.80
C TRP A 107 -43.76 29.75 15.30
N GLN A 108 -44.99 29.50 14.85
CA GLN A 108 -45.31 29.64 13.43
C GLN A 108 -45.15 31.08 12.97
N VAL A 109 -45.59 32.03 13.79
CA VAL A 109 -45.44 33.45 13.46
C VAL A 109 -43.96 33.83 13.37
N TYR A 110 -43.14 33.34 14.31
CA TYR A 110 -41.71 33.61 14.28
C TYR A 110 -41.02 32.93 13.11
N LYS A 111 -41.49 31.74 12.72
CA LYS A 111 -40.96 31.08 11.52
C LYS A 111 -41.25 31.90 10.28
N GLU A 112 -42.46 32.43 10.16
CA GLU A 112 -42.79 33.31 9.03
C GLU A 112 -41.94 34.58 9.05
N GLU A 113 -41.75 35.17 10.24
CA GLU A 113 -40.95 36.39 10.36
C GLU A 113 -39.49 36.14 9.99
N ILE A 114 -38.91 35.04 10.46
CA ILE A 114 -37.51 34.75 10.15
C ILE A 114 -37.35 34.35 8.70
N SER A 115 -38.38 33.73 8.09
CA SER A 115 -38.34 33.46 6.66
C SER A 115 -38.33 34.75 5.86
N ARG A 116 -39.18 35.71 6.25
CA ARG A 116 -39.20 37.00 5.57
C ARG A 116 -37.88 37.76 5.76
N PHE A 117 -37.31 37.68 6.97
CA PHE A 117 -36.04 38.34 7.24
C PHE A 117 -34.90 37.72 6.43
N LYS A 118 -34.88 36.38 6.32
CA LYS A 118 -33.86 35.71 5.52
C LYS A 118 -34.02 36.00 4.04
N GLU A 119 -35.28 36.14 3.58
CA GLU A 119 -35.50 36.55 2.19
C GLU A 119 -35.06 37.98 1.96
N GLN A 120 -35.16 38.84 2.98
CA GLN A 120 -34.73 40.22 2.85
C GLN A 120 -33.23 40.41 3.06
N LEU A 121 -32.51 39.37 3.47
CA LEU A 121 -31.08 39.48 3.71
C LEU A 121 -30.29 39.34 2.42
N THR A 122 -29.37 40.26 2.18
CA THR A 122 -28.40 40.14 1.11
C THR A 122 -27.30 39.17 1.52
N PRO A 123 -26.61 38.55 0.55
CA PRO A 123 -25.48 37.68 0.91
C PRO A 123 -24.37 38.38 1.67
N SER A 124 -24.14 39.67 1.39
CA SER A 124 -23.16 40.43 2.17
C SER A 124 -23.60 40.57 3.63
N GLN A 125 -24.91 40.80 3.85
CA GLN A 125 -25.43 40.87 5.21
C GLN A 125 -25.35 39.51 5.91
N ILE A 126 -25.56 38.43 5.17
CA ILE A 126 -25.44 37.08 5.73
C ILE A 126 -23.99 36.80 6.14
N MET A 127 -23.04 37.20 5.29
CA MET A 127 -21.62 37.02 5.62
C MET A 127 -21.22 37.87 6.82
N SER A 128 -21.72 39.10 6.90
CA SER A 128 -21.44 39.96 8.04
C SER A 128 -22.03 39.39 9.33
N LEU A 129 -23.25 38.85 9.25
CA LEU A 129 -23.87 38.22 10.41
C LEU A 129 -23.09 36.99 10.87
N GLU A 130 -22.62 36.17 9.92
CA GLU A 130 -21.83 35.01 10.27
C GLU A 130 -20.50 35.41 10.89
N LYS A 131 -19.86 36.46 10.37
CA LYS A 131 -18.62 36.95 10.96
C LYS A 131 -18.85 37.49 12.36
N GLU A 132 -19.96 38.21 12.58
CA GLU A 132 -20.28 38.73 13.90
C GLU A 132 -20.55 37.59 14.88
N ILE A 133 -21.25 36.55 14.43
CA ILE A 133 -21.52 35.40 15.29
C ILE A 133 -20.23 34.67 15.66
N MET A 134 -19.33 34.50 14.69
CA MET A 134 -18.05 33.85 14.96
C MET A 134 -17.19 34.68 15.91
N ASP A 135 -17.17 36.01 15.73
CA ASP A 135 -16.42 36.88 16.63
C ASP A 135 -17.01 36.86 18.04
N LYS A 136 -18.34 36.82 18.15
CA LYS A 136 -18.98 36.75 19.46
C LYS A 136 -18.66 35.42 20.15
N HIS A 137 -18.65 34.32 19.40
CA HIS A 137 -18.32 33.02 19.98
C HIS A 137 -16.87 32.97 20.44
N LEU A 138 -15.95 33.52 19.62
CA LEU A 138 -14.54 33.56 20.01
C LEU A 138 -14.33 34.45 21.23
N LYS A 139 -15.03 35.58 21.30
CA LYS A 139 -14.95 36.45 22.47
C LYS A 139 -15.48 35.75 23.71
N ARG A 140 -16.61 35.04 23.58
CA ARG A 140 -17.18 34.32 24.72
C ARG A 140 -16.25 33.24 25.22
N LYS A 141 -15.61 32.50 24.31
CA LYS A 141 -14.60 31.52 24.71
C LYS A 141 -13.41 32.21 25.37
N ALA A 142 -13.06 33.42 24.92
CA ALA A 142 -11.95 34.15 25.53
C ALA A 142 -12.25 34.53 26.98
N MET A 143 -13.44 35.07 27.25
CA MET A 143 -13.78 35.39 28.63
C MET A 143 -13.97 34.13 29.48
N THR A 144 -14.46 33.05 28.87
CA THR A 144 -14.57 31.79 29.60
C THR A 144 -13.20 31.27 30.03
N LYS A 145 -12.22 31.30 29.12
CA LYS A 145 -10.87 30.87 29.46
C LYS A 145 -10.22 31.81 30.47
N LYS A 146 -10.48 33.12 30.34
CA LYS A 146 -9.93 34.08 31.29
C LYS A 146 -10.49 33.88 32.70
N LYS A 147 -11.80 33.63 32.80
CA LYS A 147 -12.40 33.37 34.12
C LYS A 147 -11.94 32.04 34.68
N GLU A 148 -11.73 31.04 33.81
CA GLU A 148 -11.19 29.76 34.28
C GLU A 148 -9.78 29.91 34.82
N LEU A 149 -8.95 30.71 34.14
CA LEU A 149 -7.58 30.95 34.61
C LEU A 149 -7.57 31.78 35.89
N THR A 150 -8.49 32.74 36.00
CA THR A 150 -8.53 33.60 37.19
C THR A 150 -9.05 32.85 38.40
N LEU A 151 -10.02 31.95 38.21
CA LEU A 151 -10.61 31.24 39.34
C LEU A 151 -9.65 30.22 39.94
N LEU A 152 -8.72 29.68 39.14
CA LEU A 152 -7.77 28.70 39.64
C LEU A 152 -6.74 29.28 40.60
N GLY A 153 -6.58 30.61 40.64
CA GLY A 153 -5.67 31.23 41.57
C GLY A 153 -4.29 31.44 41.02
N LYS A 154 -4.19 31.87 39.77
CA LYS A 154 -2.90 32.18 39.17
C LYS A 154 -2.36 33.48 39.75
N PRO A 155 -1.14 33.48 40.29
CA PRO A 155 -0.58 34.73 40.84
C PRO A 155 -0.32 35.77 39.76
N LYS A 156 -0.47 37.03 40.14
CA LYS A 156 -0.26 38.13 39.21
C LYS A 156 1.23 38.32 38.96
N ARG A 157 1.54 39.03 37.87
CA ARG A 157 2.92 39.33 37.54
C ARG A 157 3.52 40.29 38.57
N PRO A 158 4.82 40.15 38.85
CA PRO A 158 5.44 41.01 39.89
C PRO A 158 5.53 42.46 39.43
N ARG A 159 4.92 43.34 40.21
CA ARG A 159 4.91 44.76 39.90
C ARG A 159 6.27 45.38 40.19
N SER A 160 6.67 46.33 39.33
CA SER A 160 7.92 47.02 39.51
C SER A 160 7.81 48.08 40.59
N ALA A 161 8.94 48.72 40.90
CA ALA A 161 8.97 49.76 41.92
C ALA A 161 8.15 50.98 41.50
N TYR A 162 8.10 51.26 40.20
CA TYR A 162 7.25 52.34 39.69
C TYR A 162 5.78 52.04 39.97
N ASN A 163 5.36 50.79 39.77
CA ASN A 163 3.98 50.40 40.06
C ASN A 163 3.69 50.49 41.56
N VAL A 164 4.67 50.15 42.39
CA VAL A 164 4.51 50.27 43.84
C VAL A 164 4.32 51.74 44.23
N TYR A 165 5.11 52.63 43.63
CA TYR A 165 4.98 54.06 43.91
C TYR A 165 3.63 54.60 43.44
N VAL A 166 3.16 54.13 42.28
CA VAL A 166 1.85 54.56 41.77
C VAL A 166 0.74 54.08 42.71
N ALA A 167 0.83 52.83 43.17
CA ALA A 167 -0.17 52.29 44.09
C ALA A 167 -0.15 53.03 45.43
N GLU A 168 1.04 53.39 45.91
CA GLU A 168 1.12 54.04 47.21
C GLU A 168 0.65 55.49 47.17
N ARG A 169 1.01 56.24 46.13
CA ARG A 169 0.83 57.69 46.14
C ARG A 169 -0.16 58.17 45.08
N PHE A 170 -1.13 57.34 44.68
CA PHE A 170 -2.12 57.81 43.72
C PHE A 170 -3.11 58.78 44.35
N GLN A 171 -3.50 58.51 45.60
CA GLN A 171 -4.51 59.34 46.26
C GLN A 171 -3.96 60.73 46.58
N GLU A 172 -2.68 60.82 46.93
CA GLU A 172 -2.04 62.10 47.23
C GLU A 172 -1.40 62.71 45.99
N ALA A 173 -2.20 62.89 44.94
CA ALA A 173 -1.72 63.45 43.68
C ALA A 173 -2.61 64.61 43.27
N LYS A 174 -2.00 65.64 42.69
CA LYS A 174 -2.74 66.81 42.23
C LYS A 174 -3.57 66.48 40.98
N GLY A 175 -4.70 67.16 40.85
CA GLY A 175 -5.57 66.96 39.71
C GLY A 175 -6.81 66.16 40.04
N ASP A 176 -7.97 66.63 39.59
CA ASP A 176 -9.22 65.91 39.86
C ASP A 176 -9.34 64.68 38.99
N SER A 177 -8.87 64.75 37.75
CA SER A 177 -8.98 63.62 36.84
C SER A 177 -7.99 62.52 37.23
N PRO A 178 -8.37 61.24 37.10
CA PRO A 178 -7.41 60.16 37.36
C PRO A 178 -6.21 60.16 36.44
N GLN A 179 -6.39 60.58 35.18
CA GLN A 179 -5.26 60.67 34.26
C GLN A 179 -4.26 61.73 34.71
N GLU A 180 -4.77 62.86 35.22
CA GLU A 180 -3.89 63.89 35.75
C GLU A 180 -3.14 63.41 36.98
N LYS A 181 -3.81 62.63 37.84
CA LYS A 181 -3.14 62.02 38.98
C LYS A 181 -2.05 61.06 38.55
N LEU A 182 -2.33 60.24 37.52
CA LEU A 182 -1.34 59.31 37.02
C LEU A 182 -0.13 60.03 36.43
N LYS A 183 -0.37 61.10 35.66
CA LYS A 183 0.74 61.87 35.10
C LYS A 183 1.55 62.56 36.20
N THR A 184 0.89 63.06 37.23
CA THR A 184 1.59 63.70 38.34
C THR A 184 2.46 62.69 39.10
N VAL A 185 1.93 61.48 39.33
CA VAL A 185 2.69 60.45 40.02
C VAL A 185 3.86 59.98 39.16
N LYS A 186 3.66 59.88 37.84
CA LYS A 186 4.75 59.51 36.94
C LYS A 186 5.85 60.57 36.93
N GLU A 187 5.46 61.85 36.92
CA GLU A 187 6.45 62.92 36.99
C GLU A 187 7.19 62.92 38.33
N ASN A 188 6.48 62.62 39.43
CA ASN A 188 7.14 62.51 40.73
C ASN A 188 8.11 61.34 40.77
N TRP A 189 7.75 60.23 40.15
CA TRP A 189 8.66 59.08 40.05
C TRP A 189 9.89 59.41 39.22
N LYS A 190 9.70 60.19 38.15
CA LYS A 190 10.85 60.65 37.36
C LYS A 190 11.73 61.59 38.16
N ASN A 191 11.13 62.41 39.04
CA ASN A 191 11.89 63.34 39.86
C ASN A 191 12.50 62.69 41.09
N LEU A 192 12.17 61.44 41.40
CA LEU A 192 12.69 60.79 42.59
C LEU A 192 14.16 60.42 42.41
N SER A 193 14.89 60.36 43.52
CA SER A 193 16.27 59.94 43.53
C SER A 193 16.37 58.44 43.85
N ASP A 194 17.57 57.89 43.64
CA ASP A 194 17.77 56.46 43.85
C ASP A 194 17.72 56.08 45.33
N SER A 195 18.11 57.00 46.22
CA SER A 195 18.05 56.74 47.66
C SER A 195 16.60 56.57 48.12
N GLU A 196 15.69 57.38 47.60
CA GLU A 196 14.28 57.21 47.91
C GLU A 196 13.69 56.01 47.16
N LYS A 197 14.26 55.66 46.01
CA LYS A 197 13.79 54.50 45.24
C LYS A 197 14.29 53.18 45.80
N GLU A 198 15.26 53.20 46.73
CA GLU A 198 15.80 51.95 47.28
C GLU A 198 14.74 51.19 48.05
N LEU A 199 13.89 51.89 48.81
CA LEU A 199 12.81 51.25 49.54
C LEU A 199 11.80 50.59 48.60
N TYR A 200 11.47 51.27 47.50
CA TYR A 200 10.56 50.69 46.52
C TYR A 200 11.19 49.50 45.79
N ILE A 201 12.50 49.55 45.54
CA ILE A 201 13.18 48.40 44.95
C ILE A 201 13.17 47.20 45.91
N GLN A 202 13.37 47.46 47.21
CA GLN A 202 13.29 46.39 48.19
C GLN A 202 11.88 45.82 48.28
N HIS A 203 10.86 46.68 48.21
CA HIS A 203 9.48 46.22 48.22
C HIS A 203 9.17 45.39 46.98
N ALA A 204 9.70 45.79 45.82
CA ALA A 204 9.52 45.01 44.60
C ALA A 204 10.24 43.66 44.69
N LYS A 205 11.39 43.64 45.35
CA LYS A 205 12.11 42.37 45.57
C LYS A 205 11.32 41.43 46.46
N GLU A 206 10.74 41.95 47.54
CA GLU A 206 9.89 41.12 48.41
C GLU A 206 8.64 40.64 47.67
N ASP A 207 8.06 41.52 46.83
CA ASP A 207 6.90 41.12 46.03
C ASP A 207 7.27 40.03 45.03
N GLU A 208 8.46 40.12 44.44
CA GLU A 208 8.93 39.10 43.51
C GLU A 208 9.18 37.78 44.22
N THR A 209 9.72 37.83 45.44
CA THR A 209 9.91 36.61 46.23
C THR A 209 8.58 35.96 46.59
N ARG A 210 7.60 36.78 46.99
CA ARG A 210 6.26 36.27 47.28
C ARG A 210 5.61 35.67 46.03
N TYR A 211 5.79 36.32 44.88
CA TYR A 211 5.28 35.81 43.61
C TYR A 211 5.94 34.48 43.25
N HIS A 212 7.25 34.36 43.50
CA HIS A 212 7.95 33.10 43.23
C HIS A 212 7.44 31.97 44.12
N ASN A 213 7.22 32.27 45.40
CA ASN A 213 6.69 31.25 46.31
C ASN A 213 5.28 30.82 45.91
N GLU A 214 4.42 31.79 45.59
CA GLU A 214 3.06 31.46 45.17
C GLU A 214 3.04 30.73 43.83
N MET A 215 3.95 31.09 42.93
CA MET A 215 4.06 30.39 41.65
C MET A 215 4.54 28.96 41.83
N LYS A 216 5.48 28.74 42.74
CA LYS A 216 5.93 27.38 43.02
C LYS A 216 4.82 26.54 43.62
N SER A 217 4.07 27.10 44.57
CA SER A 217 2.94 26.36 45.16
C SER A 217 1.85 26.08 44.13
N TRP A 218 1.55 27.07 43.28
CA TRP A 218 0.56 26.90 42.22
C TRP A 218 0.99 25.83 41.23
N GLU A 219 2.28 25.84 40.85
CA GLU A 219 2.80 24.84 39.93
C GLU A 219 2.76 23.44 40.55
N GLU A 220 3.07 23.32 41.85
CA GLU A 220 2.96 22.03 42.51
C GLU A 220 1.52 21.53 42.56
N GLN A 221 0.57 22.44 42.77
CA GLN A 221 -0.83 22.01 42.81
C GLN A 221 -1.35 21.61 41.43
N MET A 222 -0.91 22.30 40.38
CA MET A 222 -1.26 21.87 39.02
C MET A 222 -0.57 20.57 38.61
N ILE A 223 0.66 20.34 39.06
CA ILE A 223 1.30 19.04 38.81
C ILE A 223 0.60 17.93 39.58
N GLU A 224 0.02 18.26 40.75
CA GLU A 224 -0.76 17.29 41.50
C GLU A 224 -2.00 16.85 40.70
N VAL A 225 -2.59 17.76 39.93
CA VAL A 225 -3.71 17.41 39.05
C VAL A 225 -3.28 17.28 37.60
N GLY A 226 -1.99 17.41 37.31
CA GLY A 226 -1.49 17.19 35.95
C GLY A 226 -1.91 18.24 34.94
N ARG A 227 -1.89 19.52 35.33
CA ARG A 227 -2.12 20.62 34.39
C ARG A 227 -0.79 21.00 33.72
N LYS A 228 -0.40 20.17 32.76
CA LYS A 228 0.90 20.38 32.09
C LYS A 228 0.86 21.57 31.16
N ASP A 229 -0.31 21.92 30.63
CA ASP A 229 -0.41 23.08 29.73
C ASP A 229 -0.24 24.39 30.49
N LEU A 230 -0.64 24.44 31.76
CA LEU A 230 -0.51 25.66 32.54
C LEU A 230 0.91 25.89 33.06
N LEU A 231 1.77 24.88 32.99
CA LEU A 231 3.14 25.04 33.44
C LEU A 231 3.93 25.94 32.51
N ARG A 232 4.75 26.81 33.08
CA ARG A 232 5.57 27.71 32.29
C ARG A 232 6.72 26.95 31.63
N ARG A 233 7.03 27.31 30.39
CA ARG A 233 8.12 26.66 29.67
C ARG A 233 9.47 27.00 30.28
N THR A 234 9.66 28.25 30.69
CA THR A 234 10.92 28.68 31.29
C THR A 234 10.72 29.02 32.77
N LYS B 72 -26.36 4.14 -37.26
CA LYS B 72 -26.50 4.95 -36.06
C LYS B 72 -27.61 5.99 -36.21
N ARG B 73 -27.27 7.15 -36.76
CA ARG B 73 -28.21 8.24 -36.95
C ARG B 73 -28.21 8.65 -38.42
N TYR B 74 -29.36 8.60 -39.07
CA TYR B 74 -29.50 9.04 -40.45
C TYR B 74 -30.85 9.72 -40.62
N VAL B 75 -30.92 10.55 -41.66
CA VAL B 75 -32.09 11.39 -41.92
C VAL B 75 -32.88 10.76 -43.06
N THR B 76 -34.21 10.81 -42.96
CA THR B 76 -35.08 10.35 -44.04
C THR B 76 -36.15 11.37 -44.40
N ASP B 77 -35.99 12.64 -44.02
CA ASP B 77 -37.00 13.67 -44.24
C ASP B 77 -36.42 14.76 -45.14
N ARG B 78 -37.18 15.13 -46.18
CA ARG B 78 -36.70 16.12 -47.14
C ARG B 78 -36.76 17.53 -46.58
N ARG B 79 -37.66 17.77 -45.62
CA ARG B 79 -37.83 19.12 -45.07
C ARG B 79 -36.58 19.59 -44.33
N LEU B 80 -36.07 18.77 -43.42
CA LEU B 80 -34.84 19.10 -42.72
C LEU B 80 -33.65 19.08 -43.67
N ALA B 81 -33.71 18.25 -44.72
CA ALA B 81 -32.66 18.24 -45.73
C ALA B 81 -32.54 19.59 -46.43
N GLU B 82 -33.65 20.11 -46.92
CA GLU B 82 -33.66 21.43 -47.56
C GLU B 82 -33.33 22.56 -46.59
N THR B 83 -33.88 22.51 -45.37
CA THR B 83 -33.61 23.55 -44.39
C THR B 83 -32.13 23.59 -44.00
N LEU B 84 -31.55 22.41 -43.76
CA LEU B 84 -30.14 22.31 -43.43
C LEU B 84 -29.25 22.67 -44.62
N ALA B 85 -29.71 22.39 -45.85
CA ALA B 85 -28.97 22.84 -47.02
C ALA B 85 -28.94 24.36 -47.11
N GLN B 86 -30.06 25.01 -46.81
CA GLN B 86 -30.08 26.48 -46.80
C GLN B 86 -29.24 27.04 -45.65
N ILE B 87 -29.22 26.35 -44.51
CA ILE B 87 -28.42 26.81 -43.37
C ILE B 87 -26.93 26.73 -43.68
N TYR B 88 -26.49 25.58 -44.19
CA TYR B 88 -25.07 25.42 -44.50
C TYR B 88 -24.68 26.09 -45.82
N LEU B 89 -25.67 26.55 -46.60
CA LEU B 89 -25.37 27.27 -47.83
C LEU B 89 -24.66 28.58 -47.53
N GLY B 90 -25.36 29.51 -46.88
CA GLY B 90 -24.80 30.80 -46.52
C GLY B 90 -24.29 31.59 -47.70
N LYS B 91 -22.96 31.68 -47.81
CA LYS B 91 -22.32 32.19 -49.01
C LYS B 91 -21.71 31.01 -49.76
N PRO B 92 -22.26 30.61 -50.91
CA PRO B 92 -21.77 29.41 -51.60
C PRO B 92 -20.53 29.62 -52.46
N SER B 93 -20.03 30.86 -52.57
CA SER B 93 -18.86 31.14 -53.40
C SER B 93 -17.62 30.63 -52.69
N ARG B 94 -17.29 29.36 -52.91
CA ARG B 94 -16.13 28.73 -52.29
C ARG B 94 -15.25 28.10 -53.38
N PRO B 95 -14.33 28.86 -53.95
CA PRO B 95 -13.35 28.28 -54.88
C PRO B 95 -12.48 27.19 -54.24
N PRO B 96 -12.09 27.28 -52.92
CA PRO B 96 -11.47 26.09 -52.31
C PRO B 96 -12.46 24.96 -52.04
N HIS B 97 -11.97 23.93 -51.34
CA HIS B 97 -12.77 22.74 -51.05
C HIS B 97 -13.98 23.09 -50.20
N LEU B 98 -15.14 22.56 -50.59
CA LEU B 98 -16.41 23.10 -50.12
C LEU B 98 -17.04 22.28 -48.99
N LEU B 99 -17.31 21.01 -49.21
CA LEU B 99 -18.00 20.19 -48.21
C LEU B 99 -17.26 18.89 -47.97
N LEU B 100 -17.37 18.40 -46.73
CA LEU B 100 -16.81 17.11 -46.32
C LEU B 100 -17.82 16.49 -45.37
N GLU B 101 -18.71 15.66 -45.89
CA GLU B 101 -19.77 15.10 -45.07
C GLU B 101 -19.19 13.92 -44.28
N CYS B 102 -19.42 13.91 -42.96
CA CYS B 102 -18.84 12.88 -42.10
C CYS B 102 -19.33 11.49 -42.45
N ASN B 103 -20.64 11.32 -42.64
CA ASN B 103 -21.18 10.02 -42.97
C ASN B 103 -22.49 10.20 -43.71
N PRO B 104 -22.49 10.09 -45.05
CA PRO B 104 -23.73 10.37 -45.80
C PRO B 104 -24.82 9.32 -45.60
N GLY B 105 -24.48 8.03 -45.66
CA GLY B 105 -25.46 6.99 -45.48
C GLY B 105 -26.31 6.81 -46.72
N PRO B 106 -27.62 7.02 -46.58
CA PRO B 106 -28.52 6.94 -47.75
C PRO B 106 -28.20 7.97 -48.82
N GLY B 107 -27.76 9.17 -48.44
CA GLY B 107 -27.29 10.16 -49.39
C GLY B 107 -28.31 11.14 -49.91
N ILE B 108 -29.48 11.26 -49.27
CA ILE B 108 -30.45 12.26 -49.71
C ILE B 108 -29.97 13.66 -49.37
N LEU B 109 -29.18 13.80 -48.30
CA LEU B 109 -28.55 15.07 -48.02
C LEU B 109 -27.52 15.44 -49.08
N THR B 110 -26.86 14.44 -49.67
CA THR B 110 -25.89 14.71 -50.73
C THR B 110 -26.56 15.27 -51.98
N GLN B 111 -27.67 14.65 -52.41
CA GLN B 111 -28.39 15.16 -53.56
C GLN B 111 -29.09 16.48 -53.22
N ALA B 112 -29.44 16.69 -51.96
CA ALA B 112 -29.99 17.98 -51.54
C ALA B 112 -28.95 19.09 -51.65
N LEU B 113 -27.71 18.80 -51.26
CA LEU B 113 -26.66 19.81 -51.35
C LEU B 113 -26.25 20.05 -52.80
N LEU B 114 -26.24 18.99 -53.62
CA LEU B 114 -26.00 19.17 -55.05
C LEU B 114 -27.11 19.96 -55.71
N GLU B 115 -28.36 19.81 -55.22
CA GLU B 115 -29.47 20.59 -55.76
C GLU B 115 -29.32 22.07 -55.44
N ALA B 116 -28.78 22.39 -54.26
CA ALA B 116 -28.64 23.77 -53.83
C ALA B 116 -27.41 24.46 -54.39
N GLY B 117 -26.57 23.76 -55.16
CA GLY B 117 -25.39 24.36 -55.74
C GLY B 117 -24.11 24.12 -54.97
N ALA B 118 -24.05 23.11 -54.13
CA ALA B 118 -22.87 22.81 -53.33
C ALA B 118 -22.39 21.40 -53.61
N LYS B 119 -21.08 21.24 -53.72
CA LYS B 119 -20.50 19.92 -53.93
C LYS B 119 -20.55 19.10 -52.64
N VAL B 120 -20.46 17.79 -52.79
CA VAL B 120 -20.44 16.85 -51.68
C VAL B 120 -19.24 15.93 -51.87
N VAL B 121 -18.44 15.75 -50.82
CA VAL B 121 -17.35 14.78 -50.81
C VAL B 121 -17.68 13.79 -49.69
N ALA B 122 -18.15 12.61 -50.07
CA ALA B 122 -18.68 11.64 -49.12
C ALA B 122 -17.54 10.85 -48.48
N LEU B 123 -17.32 11.09 -47.19
CA LEU B 123 -16.33 10.35 -46.41
C LEU B 123 -17.00 9.21 -45.64
N GLU B 124 -17.66 8.34 -46.39
CA GLU B 124 -18.50 7.32 -45.74
C GLU B 124 -17.65 6.25 -45.09
N SER B 125 -17.88 6.04 -43.79
CA SER B 125 -17.08 5.09 -43.02
C SER B 125 -17.40 3.64 -43.36
N ASP B 126 -18.66 3.33 -43.61
CA ASP B 126 -19.05 1.96 -43.90
C ASP B 126 -18.62 1.57 -45.31
N LYS B 127 -18.14 0.32 -45.45
CA LYS B 127 -17.66 -0.13 -46.74
C LYS B 127 -18.81 -0.37 -47.72
N THR B 128 -20.01 -0.61 -47.22
CA THR B 128 -21.18 -0.68 -48.08
C THR B 128 -21.66 0.73 -48.41
N PHE B 129 -22.51 0.82 -49.44
CA PHE B 129 -23.08 2.05 -50.00
C PHE B 129 -22.03 3.00 -50.56
N ILE B 130 -20.78 2.56 -50.68
CA ILE B 130 -19.76 3.39 -51.33
C ILE B 130 -20.02 3.61 -52.81
N PRO B 131 -20.27 2.58 -53.65
CA PRO B 131 -20.42 2.86 -55.09
C PRO B 131 -21.72 3.55 -55.46
N HIS B 132 -22.73 3.51 -54.58
CA HIS B 132 -24.04 4.08 -54.91
C HIS B 132 -23.94 5.58 -55.10
N LEU B 133 -23.19 6.26 -54.21
CA LEU B 133 -23.06 7.71 -54.28
C LEU B 133 -22.33 8.15 -55.54
N GLU B 134 -21.25 7.45 -55.88
CA GLU B 134 -20.49 7.83 -57.07
C GLU B 134 -21.23 7.48 -58.35
N SER B 135 -21.96 6.36 -58.36
CA SER B 135 -22.75 5.99 -59.53
C SER B 135 -23.93 6.93 -59.71
N LEU B 136 -24.44 7.50 -58.61
CA LEU B 136 -25.53 8.45 -58.70
C LEU B 136 -25.05 9.90 -58.78
N GLY B 137 -23.74 10.12 -58.74
CA GLY B 137 -23.23 11.48 -58.73
C GLY B 137 -22.19 11.85 -59.76
N LYS B 138 -21.62 10.85 -60.46
CA LYS B 138 -20.55 11.14 -61.41
C LYS B 138 -21.08 11.83 -62.66
N ASN B 139 -22.33 11.56 -63.04
CA ASN B 139 -22.86 12.10 -64.29
C ASN B 139 -23.10 13.60 -64.22
N LEU B 140 -23.40 14.14 -63.05
CA LEU B 140 -23.58 15.57 -62.93
C LEU B 140 -22.23 16.29 -62.91
N ASP B 141 -22.27 17.60 -63.15
CA ASP B 141 -21.06 18.42 -63.06
C ASP B 141 -20.55 18.47 -61.62
N GLY B 142 -21.45 18.59 -60.65
CA GLY B 142 -21.06 18.46 -59.25
C GLY B 142 -20.69 17.01 -58.96
N LYS B 143 -19.49 16.81 -58.43
CA LYS B 143 -18.91 15.47 -58.32
C LYS B 143 -18.92 15.01 -56.87
N LEU B 144 -19.29 13.74 -56.67
CA LEU B 144 -19.24 13.15 -55.34
C LEU B 144 -17.81 12.92 -54.87
N ARG B 145 -16.98 12.31 -55.72
CA ARG B 145 -15.58 11.97 -55.40
C ARG B 145 -15.48 11.19 -54.10
N VAL B 146 -16.18 10.06 -54.05
CA VAL B 146 -16.33 9.31 -52.81
C VAL B 146 -15.00 8.63 -52.46
N ILE B 147 -14.54 8.86 -51.23
CA ILE B 147 -13.31 8.27 -50.72
C ILE B 147 -13.62 7.47 -49.47
N HIS B 148 -13.12 6.25 -49.41
CA HIS B 148 -13.36 5.37 -48.26
C HIS B 148 -12.51 5.82 -47.09
N CYS B 149 -13.11 6.63 -46.22
CA CYS B 149 -12.49 7.03 -44.96
C CYS B 149 -13.60 7.42 -44.01
N ASP B 150 -13.21 7.99 -42.87
CA ASP B 150 -14.15 8.54 -41.90
C ASP B 150 -13.58 9.86 -41.40
N PHE B 151 -14.44 10.72 -40.85
CA PHE B 151 -13.93 11.92 -40.22
C PHE B 151 -13.40 11.60 -38.82
N PHE B 152 -13.71 10.43 -38.31
CA PHE B 152 -12.97 9.94 -37.17
C PHE B 152 -11.98 8.88 -37.64
N LYS B 153 -11.15 8.42 -36.70
CA LYS B 153 -10.16 7.36 -36.95
C LYS B 153 -9.15 7.78 -38.01
N LEU B 154 -8.52 8.94 -37.82
CA LEU B 154 -7.44 9.36 -38.70
C LEU B 154 -6.16 9.59 -37.91
N ASP B 155 -5.06 9.68 -38.66
CA ASP B 155 -3.68 9.82 -38.22
C ASP B 155 -3.38 8.81 -37.12
N PRO B 156 -3.28 7.51 -37.45
CA PRO B 156 -2.99 6.53 -36.41
C PRO B 156 -1.53 6.59 -35.98
N ARG B 157 -1.33 6.58 -34.66
CA ARG B 157 0.00 6.57 -34.08
C ARG B 157 0.25 5.19 -33.44
N SER B 158 1.52 4.80 -33.45
CA SER B 158 1.97 3.44 -33.14
C SER B 158 1.24 2.41 -34.00
N GLY B 159 1.14 2.73 -35.29
CA GLY B 159 0.45 1.88 -36.23
C GLY B 159 0.22 2.62 -37.54
N GLY B 160 -0.60 1.99 -38.39
CA GLY B 160 -0.96 2.58 -39.66
C GLY B 160 -0.29 1.97 -40.87
N VAL B 161 0.30 0.78 -40.74
CA VAL B 161 0.87 0.11 -41.91
C VAL B 161 -0.23 -0.33 -42.87
N ILE B 162 -1.27 -0.98 -42.34
CA ILE B 162 -2.42 -1.41 -43.12
C ILE B 162 -3.67 -0.79 -42.50
N LYS B 163 -4.46 -0.11 -43.32
CA LYS B 163 -5.71 0.48 -42.86
C LYS B 163 -6.70 0.69 -44.01
N PRO B 164 -7.59 -0.26 -44.29
CA PRO B 164 -8.68 0.01 -45.24
C PRO B 164 -9.83 0.83 -44.66
N PRO B 165 -10.32 0.60 -43.37
CA PRO B 165 -11.38 1.50 -42.89
C PRO B 165 -10.88 2.90 -42.59
N ALA B 166 -9.83 2.98 -41.77
CA ALA B 166 -9.20 4.23 -41.42
C ALA B 166 -8.22 4.63 -42.51
N MET B 167 -7.88 5.91 -42.57
CA MET B 167 -6.94 6.35 -43.59
C MET B 167 -6.29 7.63 -43.09
N SER B 168 -5.07 7.89 -43.56
CA SER B 168 -4.19 8.92 -43.03
C SER B 168 -4.68 10.32 -43.37
N SER B 169 -3.91 11.32 -42.92
CA SER B 169 -4.34 12.71 -43.06
C SER B 169 -3.99 13.28 -44.42
N ARG B 170 -2.74 13.09 -44.87
CA ARG B 170 -2.30 13.71 -46.11
C ARG B 170 -2.92 13.05 -47.33
N GLY B 171 -3.37 11.80 -47.21
CA GLY B 171 -3.97 11.11 -48.34
C GLY B 171 -5.29 11.73 -48.77
N LEU B 172 -6.06 12.22 -47.81
CA LEU B 172 -7.35 12.83 -48.12
C LEU B 172 -7.19 14.19 -48.77
N PHE B 173 -6.01 14.81 -48.63
CA PHE B 173 -5.78 16.15 -49.16
C PHE B 173 -4.93 16.16 -50.42
N LYS B 174 -4.11 15.14 -50.65
CA LYS B 174 -3.43 15.02 -51.94
C LYS B 174 -4.39 14.52 -53.01
N ASN B 175 -5.50 13.89 -52.62
CA ASN B 175 -6.51 13.49 -53.58
C ASN B 175 -7.41 14.65 -53.99
N LEU B 176 -7.33 15.78 -53.30
CA LEU B 176 -8.18 16.92 -53.61
C LEU B 176 -7.40 18.20 -53.92
N GLY B 177 -6.17 18.32 -53.46
CA GLY B 177 -5.33 19.45 -53.84
C GLY B 177 -5.45 20.70 -52.99
N ILE B 178 -5.79 20.56 -51.71
CA ILE B 178 -5.86 21.72 -50.83
C ILE B 178 -4.46 22.27 -50.54
N GLU B 179 -3.48 21.36 -50.38
CA GLU B 179 -2.15 21.58 -49.77
C GLU B 179 -2.35 22.40 -48.48
N ALA B 180 -1.51 23.39 -48.19
CA ALA B 180 -1.52 24.02 -46.89
C ALA B 180 -1.62 25.54 -47.01
N VAL B 181 -2.21 26.14 -45.98
CA VAL B 181 -2.30 27.60 -45.84
C VAL B 181 -1.89 27.93 -44.41
N PRO B 182 -1.42 29.15 -44.16
CA PRO B 182 -1.10 29.54 -42.78
C PRO B 182 -2.35 29.73 -41.92
N TRP B 183 -2.13 29.75 -40.61
CA TRP B 183 -3.22 29.91 -39.65
C TRP B 183 -3.89 31.28 -39.78
N THR B 184 -3.16 32.29 -40.22
CA THR B 184 -3.69 33.65 -40.25
C THR B 184 -4.58 33.92 -41.46
N ALA B 185 -4.74 32.95 -42.35
CA ALA B 185 -5.55 33.14 -43.56
C ALA B 185 -7.03 33.00 -43.24
N ASP B 186 -7.84 32.98 -44.29
CA ASP B 186 -9.29 32.85 -44.16
C ASP B 186 -9.67 31.39 -43.91
N ILE B 187 -10.98 31.11 -43.95
CA ILE B 187 -11.48 29.77 -43.66
C ILE B 187 -11.31 28.89 -44.88
N PRO B 188 -10.46 27.86 -44.82
CA PRO B 188 -10.18 27.06 -46.03
C PRO B 188 -11.26 26.07 -46.43
N LEU B 189 -11.80 25.30 -45.48
CA LEU B 189 -12.69 24.18 -45.77
C LEU B 189 -13.94 24.27 -44.91
N LYS B 190 -14.79 23.24 -45.01
CA LYS B 190 -16.00 23.16 -44.22
C LYS B 190 -16.39 21.69 -44.05
N VAL B 191 -16.48 21.24 -42.80
CA VAL B 191 -16.72 19.83 -42.49
C VAL B 191 -18.02 19.73 -41.69
N VAL B 192 -18.94 18.89 -42.15
CA VAL B 192 -20.24 18.74 -41.51
C VAL B 192 -20.46 17.26 -41.18
N GLY B 193 -21.29 17.02 -40.17
CA GLY B 193 -21.61 15.65 -39.82
C GLY B 193 -22.01 15.51 -38.36
N MET B 194 -21.87 14.28 -37.84
CA MET B 194 -22.34 13.91 -36.52
C MET B 194 -21.16 13.64 -35.59
N PHE B 195 -21.40 13.82 -34.29
CA PHE B 195 -20.59 13.16 -33.27
C PHE B 195 -21.13 11.75 -33.01
N PRO B 196 -20.29 10.86 -32.48
CA PRO B 196 -20.78 9.53 -32.11
C PRO B 196 -21.77 9.59 -30.96
N SER B 197 -22.63 8.57 -30.88
CA SER B 197 -23.68 8.54 -29.86
C SER B 197 -23.07 8.44 -28.46
N ARG B 198 -22.08 7.57 -28.29
CA ARG B 198 -21.32 7.49 -27.07
C ARG B 198 -19.85 7.76 -27.39
N GLY B 199 -19.10 8.14 -26.38
CA GLY B 199 -17.73 8.54 -26.61
C GLY B 199 -17.60 9.91 -27.23
N GLU B 200 -18.55 10.80 -26.96
CA GLU B 200 -18.45 12.17 -27.44
C GLU B 200 -17.26 12.89 -26.80
N LYS B 201 -17.02 12.64 -25.51
CA LYS B 201 -15.91 13.27 -24.81
C LYS B 201 -14.57 12.85 -25.38
N ARG B 202 -14.43 11.58 -25.76
CA ARG B 202 -13.19 11.11 -26.38
C ARG B 202 -12.95 11.81 -27.72
N ALA B 203 -14.03 12.00 -28.49
CA ALA B 203 -13.92 12.71 -29.76
C ALA B 203 -13.53 14.17 -29.55
N LEU B 204 -14.11 14.83 -28.54
CA LEU B 204 -13.75 16.21 -28.27
C LEU B 204 -12.31 16.31 -27.77
N TRP B 205 -11.85 15.30 -27.03
CA TRP B 205 -10.46 15.31 -26.57
C TRP B 205 -9.49 15.12 -27.73
N LYS B 206 -9.81 14.21 -28.66
CA LYS B 206 -8.96 14.01 -29.82
C LYS B 206 -8.92 15.26 -30.69
N LEU B 207 -10.08 15.89 -30.90
CA LEU B 207 -10.14 17.13 -31.67
C LEU B 207 -9.37 18.26 -30.97
N ALA B 208 -9.46 18.33 -29.64
CA ALA B 208 -8.77 19.37 -28.89
C ALA B 208 -7.27 19.19 -28.94
N TYR B 209 -6.81 17.94 -28.86
CA TYR B 209 -5.37 17.70 -28.94
C TYR B 209 -4.84 17.98 -30.35
N ASP B 210 -5.62 17.64 -31.38
CA ASP B 210 -5.26 17.99 -32.75
C ASP B 210 -5.23 19.52 -32.92
N LEU B 211 -6.14 20.23 -32.25
CA LEU B 211 -6.19 21.68 -32.37
C LEU B 211 -4.99 22.33 -31.70
N TYR B 212 -4.71 21.95 -30.46
CA TYR B 212 -3.65 22.58 -29.71
C TYR B 212 -2.25 22.15 -30.17
N SER B 213 -2.13 21.01 -30.82
CA SER B 213 -0.82 20.54 -31.27
C SER B 213 -0.40 21.11 -32.62
N CYS B 214 -1.32 21.74 -33.35
CA CYS B 214 -1.11 22.22 -34.73
C CYS B 214 -0.64 21.08 -35.65
N THR B 215 -1.09 19.87 -35.35
CA THR B 215 -0.75 18.69 -36.13
C THR B 215 -2.00 17.96 -36.53
N SER B 216 -1.84 16.73 -37.04
CA SER B 216 -2.93 15.82 -37.42
C SER B 216 -3.76 16.51 -38.50
N ILE B 217 -5.05 16.71 -38.31
CA ILE B 217 -5.88 17.32 -39.34
C ILE B 217 -5.60 18.81 -39.46
N TYR B 218 -5.46 19.52 -38.34
CA TYR B 218 -5.39 20.98 -38.37
C TYR B 218 -3.98 21.49 -38.63
N LYS B 219 -3.15 20.70 -39.32
CA LYS B 219 -1.81 21.13 -39.72
C LYS B 219 -1.88 22.31 -40.67
N PHE B 220 -2.89 22.35 -41.53
CA PHE B 220 -3.11 23.47 -42.43
C PHE B 220 -3.80 24.58 -41.65
N GLY B 221 -4.37 25.57 -42.38
CA GLY B 221 -4.68 26.86 -41.77
C GLY B 221 -5.73 26.78 -40.67
N ARG B 222 -6.98 26.56 -41.03
CA ARG B 222 -8.07 26.54 -40.06
C ARG B 222 -9.03 25.44 -40.50
N ILE B 223 -10.23 25.43 -39.91
CA ILE B 223 -11.31 24.56 -40.36
C ILE B 223 -12.60 25.11 -39.78
N GLU B 224 -13.72 24.76 -40.41
CA GLU B 224 -15.05 24.92 -39.82
C GLU B 224 -15.64 23.53 -39.67
N VAL B 225 -15.96 23.17 -38.44
CA VAL B 225 -16.33 21.82 -38.05
C VAL B 225 -17.73 21.80 -37.46
N ASN B 226 -18.66 22.48 -38.13
CA ASN B 226 -20.08 22.42 -37.80
C ASN B 226 -20.56 20.98 -37.64
N MET B 227 -20.99 20.59 -36.43
CA MET B 227 -21.62 19.28 -36.24
C MET B 227 -22.87 19.40 -35.38
N PHE B 228 -23.42 18.24 -35.05
CA PHE B 228 -24.51 18.08 -34.10
C PHE B 228 -23.95 17.53 -32.80
N ILE B 229 -24.43 18.05 -31.67
CA ILE B 229 -23.99 17.59 -30.35
C ILE B 229 -25.22 17.46 -29.46
N GLY B 230 -25.14 16.55 -28.48
CA GLY B 230 -26.26 16.34 -27.60
C GLY B 230 -26.43 17.47 -26.59
N GLU B 231 -27.61 17.53 -25.98
CA GLU B 231 -27.92 18.60 -25.03
C GLU B 231 -27.14 18.44 -23.74
N LYS B 232 -26.96 17.19 -23.29
CA LYS B 232 -26.26 16.93 -22.04
C LYS B 232 -24.80 17.38 -22.11
N GLU B 233 -24.16 17.16 -23.25
CA GLU B 233 -22.81 17.69 -23.43
C GLU B 233 -22.81 19.14 -23.88
N PHE B 234 -23.91 19.64 -24.44
CA PHE B 234 -23.96 21.06 -24.80
C PHE B 234 -23.97 21.93 -23.55
N GLN B 235 -24.64 21.48 -22.50
CA GLN B 235 -24.74 22.26 -21.27
C GLN B 235 -23.37 22.47 -20.64
N LYS B 236 -22.51 21.45 -20.70
CA LYS B 236 -21.15 21.53 -20.19
C LYS B 236 -20.15 21.95 -21.25
N LEU B 237 -20.58 22.15 -22.50
CA LEU B 237 -19.63 22.52 -23.54
C LEU B 237 -19.11 23.94 -23.35
N MET B 238 -19.99 24.87 -23.03
CA MET B 238 -19.58 26.19 -22.58
C MET B 238 -20.35 26.55 -21.32
N ALA B 239 -19.64 27.10 -20.35
CA ALA B 239 -20.21 27.62 -19.12
C ALA B 239 -19.41 28.85 -18.72
N ASP B 240 -19.94 29.57 -17.75
CA ASP B 240 -19.45 30.89 -17.40
C ASP B 240 -19.00 30.87 -15.93
N PRO B 241 -18.50 31.97 -15.38
CA PRO B 241 -18.51 32.09 -13.92
C PRO B 241 -19.92 31.90 -13.39
N GLY B 242 -20.05 31.03 -12.40
CA GLY B 242 -21.34 30.50 -12.06
C GLY B 242 -21.58 29.18 -12.76
N ASN B 243 -22.84 28.76 -12.78
CA ASN B 243 -23.24 27.41 -13.17
C ASN B 243 -22.40 26.36 -12.43
N PRO B 244 -22.62 26.21 -11.11
CA PRO B 244 -21.64 25.49 -10.29
C PRO B 244 -21.58 24.00 -10.54
N ASP B 245 -22.68 23.39 -10.98
CA ASP B 245 -22.68 21.94 -11.14
C ASP B 245 -21.94 21.50 -12.40
N LEU B 246 -21.89 22.37 -13.42
CA LEU B 246 -21.51 21.94 -14.76
C LEU B 246 -20.21 22.57 -15.27
N TYR B 247 -19.54 23.41 -14.49
CA TYR B 247 -18.31 24.02 -14.95
C TYR B 247 -17.16 23.00 -14.89
N HIS B 248 -16.65 22.62 -16.06
CA HIS B 248 -15.68 21.54 -16.16
C HIS B 248 -14.46 22.04 -16.94
N VAL B 249 -13.53 21.11 -17.22
CA VAL B 249 -12.30 21.47 -17.91
C VAL B 249 -12.55 21.73 -19.39
N LEU B 250 -13.32 20.84 -20.03
CA LEU B 250 -13.65 20.99 -21.45
C LEU B 250 -14.45 22.26 -21.71
N SER B 251 -15.22 22.71 -20.72
CA SER B 251 -15.91 23.99 -20.83
C SER B 251 -14.94 25.14 -20.97
N VAL B 252 -13.81 25.07 -20.27
CA VAL B 252 -12.78 26.09 -20.44
C VAL B 252 -12.10 25.93 -21.79
N ILE B 253 -11.75 24.69 -22.15
CA ILE B 253 -10.93 24.43 -23.33
C ILE B 253 -11.67 24.83 -24.61
N TRP B 254 -12.95 24.49 -24.71
CA TRP B 254 -13.67 24.70 -25.97
C TRP B 254 -14.04 26.17 -26.18
N GLN B 255 -14.27 26.94 -25.11
CA GLN B 255 -14.43 28.38 -25.32
C GLN B 255 -13.10 29.05 -25.62
N LEU B 256 -12.02 28.57 -25.01
CA LEU B 256 -10.72 29.19 -25.24
C LEU B 256 -10.25 28.96 -26.66
N ALA B 257 -10.44 27.76 -27.19
CA ALA B 257 -9.92 27.42 -28.50
C ALA B 257 -10.73 28.09 -29.61
N CYS B 258 -12.02 27.77 -29.69
CA CYS B 258 -12.87 28.22 -30.77
C CYS B 258 -14.05 29.01 -30.23
N GLU B 259 -14.55 29.93 -31.03
CA GLU B 259 -15.83 30.55 -30.74
C GLU B 259 -16.95 29.69 -31.32
N ILE B 260 -18.02 29.54 -30.54
CA ILE B 260 -19.09 28.60 -30.83
C ILE B 260 -20.38 29.39 -30.98
N LYS B 261 -21.09 29.15 -32.08
CA LYS B 261 -22.43 29.66 -32.29
C LYS B 261 -23.37 28.49 -32.55
N VAL B 262 -24.58 28.59 -32.00
CA VAL B 262 -25.61 27.58 -32.21
C VAL B 262 -26.45 28.00 -33.41
N LEU B 263 -26.82 27.04 -34.25
CA LEU B 263 -27.48 27.35 -35.52
C LEU B 263 -28.90 26.79 -35.60
N HIS B 264 -29.09 25.50 -35.33
CA HIS B 264 -30.42 24.91 -35.49
C HIS B 264 -30.64 23.86 -34.42
N MET B 265 -31.91 23.56 -34.16
CA MET B 265 -32.34 22.61 -33.15
C MET B 265 -33.06 21.45 -33.82
N GLU B 266 -32.82 20.24 -33.32
CA GLU B 266 -33.40 19.06 -33.92
C GLU B 266 -33.91 18.10 -32.87
N PRO B 267 -34.94 17.31 -33.18
CA PRO B 267 -35.39 16.26 -32.27
C PRO B 267 -34.78 14.91 -32.62
N TRP B 268 -35.03 13.94 -31.74
CA TRP B 268 -34.59 12.57 -31.99
C TRP B 268 -35.50 11.87 -33.01
N SER B 269 -36.80 12.16 -32.96
CA SER B 269 -37.78 11.42 -33.75
C SER B 269 -37.62 11.65 -35.25
N SER B 270 -37.12 12.83 -35.64
CA SER B 270 -36.89 13.11 -37.05
C SER B 270 -35.79 12.21 -37.62
N PHE B 271 -34.74 11.97 -36.83
CA PHE B 271 -33.66 11.10 -37.26
C PHE B 271 -34.11 9.64 -37.27
N ASP B 272 -33.57 8.87 -38.20
CA ASP B 272 -33.86 7.45 -38.30
C ASP B 272 -32.72 6.66 -37.68
N ILE B 273 -33.07 5.75 -36.78
CA ILE B 273 -32.07 4.89 -36.13
C ILE B 273 -31.65 3.80 -37.10
N TYR B 274 -30.34 3.57 -37.19
CA TYR B 274 -29.77 2.71 -38.21
C TYR B 274 -28.78 1.75 -37.56
N THR B 275 -28.66 0.56 -38.13
CA THR B 275 -27.75 -0.46 -37.63
C THR B 275 -26.70 -0.78 -38.68
N ARG B 276 -25.77 -1.66 -38.32
CA ARG B 276 -24.71 -2.06 -39.25
C ARG B 276 -25.26 -2.87 -40.40
N LYS B 277 -26.22 -3.75 -40.13
CA LYS B 277 -26.81 -4.57 -41.20
C LYS B 277 -27.72 -3.74 -42.09
N GLY B 278 -28.47 -2.81 -41.51
CA GLY B 278 -29.40 -1.99 -42.25
C GLY B 278 -30.17 -1.05 -41.36
N PRO B 279 -31.23 -0.45 -41.88
CA PRO B 279 -32.09 0.41 -41.05
C PRO B 279 -32.83 -0.41 -40.00
N LEU B 280 -33.16 0.25 -38.89
CA LEU B 280 -33.83 -0.43 -37.79
C LEU B 280 -35.25 -0.81 -38.17
N GLU B 281 -35.60 -2.07 -37.92
CA GLU B 281 -36.92 -2.61 -38.25
C GLU B 281 -37.78 -2.85 -37.02
N ASN B 282 -37.35 -2.40 -35.85
CA ASN B 282 -38.09 -2.62 -34.63
C ASN B 282 -38.78 -1.32 -34.20
N PRO B 283 -40.11 -1.23 -34.28
CA PRO B 283 -40.79 -0.02 -33.78
C PRO B 283 -40.63 0.20 -32.29
N LYS B 284 -40.56 -0.88 -31.50
CA LYS B 284 -40.43 -0.73 -30.06
C LYS B 284 -39.11 -0.07 -29.67
N ARG B 285 -38.02 -0.45 -30.34
CA ARG B 285 -36.71 0.12 -30.02
C ARG B 285 -36.65 1.61 -30.36
N ARG B 286 -37.19 2.00 -31.51
CA ARG B 286 -37.11 3.40 -31.89
C ARG B 286 -38.07 4.25 -31.06
N GLU B 287 -39.23 3.70 -30.66
CA GLU B 287 -40.10 4.43 -29.73
C GLU B 287 -39.45 4.57 -28.36
N LEU B 288 -38.74 3.52 -27.91
CA LEU B 288 -38.05 3.58 -26.63
C LEU B 288 -36.93 4.62 -26.65
N LEU B 289 -36.19 4.71 -27.75
CA LEU B 289 -35.14 5.72 -27.85
C LEU B 289 -35.72 7.12 -28.08
N ASP B 290 -36.89 7.23 -28.71
CA ASP B 290 -37.48 8.53 -28.95
C ASP B 290 -38.20 9.08 -27.71
N GLN B 291 -38.59 8.21 -26.78
CA GLN B 291 -39.28 8.70 -25.58
C GLN B 291 -38.37 9.52 -24.68
N LEU B 292 -37.05 9.38 -24.82
CA LEU B 292 -36.14 10.28 -24.12
C LEU B 292 -36.15 11.67 -24.74
N GLN B 293 -36.12 11.74 -26.09
CA GLN B 293 -36.22 12.98 -26.86
C GLN B 293 -35.14 13.99 -26.48
N GLN B 294 -33.89 13.59 -26.71
CA GLN B 294 -32.77 14.51 -26.51
C GLN B 294 -32.75 15.54 -27.63
N LYS B 295 -32.67 16.81 -27.26
CA LYS B 295 -32.72 17.91 -28.21
C LYS B 295 -31.31 18.15 -28.73
N LEU B 296 -31.04 17.72 -29.97
CA LEU B 296 -29.73 17.87 -30.56
C LEU B 296 -29.50 19.32 -30.97
N TYR B 297 -28.23 19.67 -31.11
CA TYR B 297 -27.81 21.06 -31.24
C TYR B 297 -26.75 21.20 -32.32
N LEU B 298 -27.04 22.04 -33.31
CA LEU B 298 -26.07 22.36 -34.34
C LEU B 298 -25.11 23.39 -33.79
N ILE B 299 -23.83 23.04 -33.77
CA ILE B 299 -22.78 23.87 -33.19
C ILE B 299 -21.70 24.13 -34.23
N GLN B 300 -21.20 25.38 -34.25
CA GLN B 300 -20.19 25.85 -35.20
C GLN B 300 -18.95 26.28 -34.43
N MET B 301 -17.89 25.47 -34.51
CA MET B 301 -16.59 25.89 -34.00
C MET B 301 -15.91 26.73 -35.08
N ILE B 302 -15.36 27.87 -34.69
CA ILE B 302 -14.40 28.59 -35.53
C ILE B 302 -13.19 28.99 -34.69
N PRO B 303 -11.97 28.68 -35.11
CA PRO B 303 -10.80 29.00 -34.28
C PRO B 303 -10.53 30.49 -34.27
N ARG B 304 -10.30 31.01 -33.07
CA ARG B 304 -9.86 32.38 -32.90
C ARG B 304 -8.49 32.56 -33.55
N GLN B 305 -8.28 33.74 -34.15
CA GLN B 305 -7.07 33.98 -34.93
C GLN B 305 -5.82 33.98 -34.06
N ASN B 306 -5.89 34.58 -32.87
CA ASN B 306 -4.71 34.75 -32.01
C ASN B 306 -4.78 33.88 -30.75
N LEU B 307 -5.26 32.65 -30.89
CA LEU B 307 -5.23 31.71 -29.77
C LEU B 307 -3.81 31.38 -29.36
N PHE B 308 -2.97 31.02 -30.31
CA PHE B 308 -1.58 30.70 -30.04
C PHE B 308 -0.78 31.98 -29.89
N THR B 309 -0.15 32.16 -28.73
CA THR B 309 0.60 33.36 -28.44
C THR B 309 1.97 32.98 -27.92
N LYS B 310 2.74 34.00 -27.50
CA LYS B 310 4.10 33.76 -27.06
C LYS B 310 4.15 33.01 -25.74
N ASN B 311 3.13 33.19 -24.89
CA ASN B 311 3.09 32.50 -23.62
C ASN B 311 2.43 31.13 -23.75
N LEU B 312 1.27 31.08 -24.40
CA LEU B 312 0.59 29.82 -24.68
C LEU B 312 0.96 29.39 -26.09
N THR B 313 2.01 28.59 -26.21
CA THR B 313 2.56 28.04 -27.44
C THR B 313 1.99 26.66 -27.70
N PRO B 314 1.98 26.18 -28.95
CA PRO B 314 1.47 24.82 -29.22
C PRO B 314 2.40 23.70 -28.78
N MET B 315 3.54 24.00 -28.17
CA MET B 315 4.40 22.97 -27.61
C MET B 315 4.27 22.82 -26.10
N ASN B 316 3.65 23.80 -25.43
CA ASN B 316 3.54 23.82 -23.97
C ASN B 316 2.10 23.79 -23.47
N TYR B 317 1.17 23.33 -24.31
CA TYR B 317 -0.24 23.33 -23.93
C TYR B 317 -0.54 22.30 -22.85
N ASN B 318 0.17 21.16 -22.84
CA ASN B 318 -0.13 20.10 -21.89
C ASN B 318 0.07 20.53 -20.44
N ILE B 319 0.96 21.48 -20.20
CA ILE B 319 1.09 22.06 -18.86
C ILE B 319 -0.17 22.81 -18.48
N PHE B 320 -0.77 23.54 -19.45
CA PHE B 320 -2.03 24.22 -19.19
C PHE B 320 -3.17 23.23 -18.97
N PHE B 321 -3.15 22.11 -19.69
CA PHE B 321 -4.13 21.05 -19.46
C PHE B 321 -3.97 20.45 -18.07
N HIS B 322 -2.73 20.28 -17.62
CA HIS B 322 -2.45 19.86 -16.24
C HIS B 322 -2.98 20.86 -15.23
N LEU B 323 -2.78 22.16 -15.50
CA LEU B 323 -3.26 23.21 -14.60
C LEU B 323 -4.78 23.18 -14.48
N LEU B 324 -5.47 23.00 -15.60
CA LEU B 324 -6.93 22.95 -15.56
C LEU B 324 -7.44 21.66 -14.92
N LYS B 325 -6.75 20.55 -15.12
CA LYS B 325 -7.19 19.29 -14.51
C LYS B 325 -6.96 19.28 -13.01
N HIS B 326 -5.82 19.83 -12.55
CA HIS B 326 -5.54 19.89 -11.13
C HIS B 326 -6.39 20.95 -10.42
N CYS B 327 -6.54 22.12 -11.04
CA CYS B 327 -7.27 23.24 -10.43
C CYS B 327 -8.75 22.93 -10.29
N PHE B 328 -9.29 22.04 -11.12
CA PHE B 328 -10.62 21.50 -10.95
C PHE B 328 -10.60 20.17 -10.21
N GLY B 329 -9.42 19.71 -9.76
CA GLY B 329 -9.36 18.45 -9.02
C GLY B 329 -10.05 18.54 -7.67
N ARG B 330 -9.79 19.62 -6.94
CA ARG B 330 -10.50 19.93 -5.69
C ARG B 330 -11.38 21.13 -5.99
N ARG B 331 -12.68 20.87 -6.20
CA ARG B 331 -13.57 21.89 -6.73
C ARG B 331 -13.92 22.93 -5.67
N SER B 332 -14.21 22.49 -4.45
CA SER B 332 -14.56 23.41 -3.37
C SER B 332 -13.27 23.80 -2.64
N ALA B 333 -12.52 24.71 -3.24
CA ALA B 333 -11.23 25.10 -2.72
C ALA B 333 -10.93 26.52 -3.16
N THR B 334 -9.67 26.94 -3.01
CA THR B 334 -9.21 28.27 -3.37
C THR B 334 -8.08 28.16 -4.38
N VAL B 335 -7.81 29.30 -5.04
CA VAL B 335 -6.71 29.36 -5.99
C VAL B 335 -5.37 29.31 -5.26
N ILE B 336 -5.34 29.82 -4.03
CA ILE B 336 -4.10 29.92 -3.26
C ILE B 336 -3.48 28.55 -3.02
N ASP B 337 -4.32 27.58 -2.61
CA ASP B 337 -3.80 26.25 -2.25
C ASP B 337 -3.33 25.48 -3.48
N HIS B 338 -4.11 25.51 -4.56
CA HIS B 338 -3.71 24.84 -5.78
C HIS B 338 -2.44 25.46 -6.36
N LEU B 339 -2.31 26.78 -6.29
CA LEU B 339 -1.11 27.42 -6.82
C LEU B 339 0.09 27.18 -5.93
N ARG B 340 -0.13 26.99 -4.62
CA ARG B 340 0.97 26.57 -3.75
C ARG B 340 1.43 25.16 -4.07
N SER B 341 0.49 24.26 -4.35
CA SER B 341 0.86 22.88 -4.68
C SER B 341 1.50 22.78 -6.05
N LEU B 342 1.14 23.67 -6.97
CA LEU B 342 1.64 23.61 -8.34
C LEU B 342 2.97 24.33 -8.52
N THR B 343 3.05 25.59 -8.10
CA THR B 343 4.24 26.36 -8.36
C THR B 343 4.98 26.66 -7.06
N PRO B 344 6.31 26.71 -7.09
CA PRO B 344 7.06 27.14 -5.91
C PRO B 344 7.21 28.65 -5.84
N LEU B 345 6.12 29.37 -6.08
CA LEU B 345 6.10 30.82 -6.06
C LEU B 345 5.01 31.29 -5.11
N ASP B 346 5.16 32.52 -4.62
CA ASP B 346 4.11 33.12 -3.81
C ASP B 346 2.88 33.40 -4.68
N ALA B 347 1.78 32.72 -4.37
CA ALA B 347 0.58 32.84 -5.20
C ALA B 347 -0.12 34.18 -5.01
N ARG B 348 0.07 34.84 -3.87
CA ARG B 348 -0.53 36.15 -3.64
C ARG B 348 0.02 37.19 -4.61
N ASP B 349 1.31 37.09 -4.94
CA ASP B 349 1.91 38.02 -5.91
C ASP B 349 1.23 37.89 -7.27
N ILE B 350 0.99 36.66 -7.73
CA ILE B 350 0.34 36.47 -9.02
C ILE B 350 -1.12 36.91 -8.96
N LEU B 351 -1.81 36.63 -7.83
CA LEU B 351 -3.24 36.92 -7.76
C LEU B 351 -3.52 38.42 -7.70
N MET B 352 -2.74 39.19 -6.93
CA MET B 352 -2.90 40.64 -7.03
C MET B 352 -2.09 41.24 -8.17
N GLN B 353 -1.34 40.44 -8.92
CA GLN B 353 -0.79 40.92 -10.17
C GLN B 353 -1.83 40.89 -11.28
N ILE B 354 -2.68 39.87 -11.30
CA ILE B 354 -3.70 39.84 -12.35
C ILE B 354 -4.91 40.70 -11.97
N GLY B 355 -5.08 41.02 -10.69
CA GLY B 355 -6.14 41.93 -10.29
C GLY B 355 -7.21 41.33 -9.40
N LYS B 356 -7.10 40.07 -9.04
CA LYS B 356 -8.09 39.43 -8.19
C LYS B 356 -7.60 39.34 -6.75
N GLN B 357 -8.50 38.93 -5.87
CA GLN B 357 -8.22 38.87 -4.44
C GLN B 357 -7.92 37.42 -4.02
N GLU B 358 -7.77 37.22 -2.72
CA GLU B 358 -7.26 35.95 -2.19
C GLU B 358 -8.37 34.93 -2.02
N ASP B 359 -9.49 35.32 -1.44
CA ASP B 359 -10.47 34.37 -0.94
C ASP B 359 -11.46 33.88 -1.99
N GLU B 360 -11.14 34.00 -3.28
CA GLU B 360 -12.08 33.60 -4.32
C GLU B 360 -12.05 32.08 -4.51
N LYS B 361 -13.11 31.57 -5.11
CA LYS B 361 -13.28 30.15 -5.33
C LYS B 361 -13.19 29.86 -6.83
N VAL B 362 -12.73 28.64 -7.16
CA VAL B 362 -12.41 28.31 -8.54
C VAL B 362 -13.65 28.24 -9.43
N VAL B 363 -14.84 28.07 -8.85
CA VAL B 363 -16.06 28.03 -9.64
C VAL B 363 -16.57 29.43 -9.89
N ASN B 364 -15.79 30.44 -9.52
CA ASN B 364 -16.14 31.84 -9.70
C ASN B 364 -15.08 32.58 -10.53
N MET B 365 -14.63 31.97 -11.63
CA MET B 365 -13.70 32.64 -12.52
C MET B 365 -14.13 32.46 -13.98
N HIS B 366 -13.71 33.41 -14.82
CA HIS B 366 -13.98 33.33 -16.24
C HIS B 366 -13.11 32.24 -16.87
N PRO B 367 -13.52 31.71 -18.02
CA PRO B 367 -12.57 30.94 -18.83
C PRO B 367 -11.37 31.75 -19.29
N GLN B 368 -11.56 33.04 -19.57
CA GLN B 368 -10.44 33.88 -19.98
C GLN B 368 -9.47 34.12 -18.83
N ASP B 369 -9.95 34.09 -17.60
CA ASP B 369 -9.11 34.31 -16.44
C ASP B 369 -8.07 33.19 -16.28
N PHE B 370 -8.39 31.99 -16.72
CA PHE B 370 -7.43 30.88 -16.66
C PHE B 370 -6.24 31.13 -17.57
N LYS B 371 -6.52 31.56 -18.81
CA LYS B 371 -5.43 31.94 -19.71
C LYS B 371 -4.67 33.14 -19.19
N THR B 372 -5.37 34.07 -18.53
CA THR B 372 -4.70 35.23 -17.93
C THR B 372 -3.71 34.78 -16.86
N LEU B 373 -4.14 33.91 -15.96
CA LEU B 373 -3.26 33.41 -14.89
C LEU B 373 -2.08 32.62 -15.47
N PHE B 374 -2.38 31.72 -16.42
CA PHE B 374 -1.37 30.87 -17.02
C PHE B 374 -0.33 31.69 -17.78
N GLU B 375 -0.76 32.74 -18.48
CA GLU B 375 0.20 33.56 -19.21
C GLU B 375 0.93 34.54 -18.31
N THR B 376 0.34 34.93 -17.17
CA THR B 376 1.07 35.79 -16.24
C THR B 376 2.13 35.03 -15.46
N ILE B 377 1.99 33.71 -15.33
CA ILE B 377 3.02 32.94 -14.63
C ILE B 377 4.36 33.00 -15.36
N GLU B 378 4.35 32.79 -16.68
CA GLU B 378 5.58 32.46 -17.39
C GLU B 378 6.56 33.62 -17.50
N ARG B 379 6.08 34.85 -17.60
CA ARG B 379 7.00 35.95 -17.92
C ARG B 379 7.91 36.33 -16.76
N SER B 380 7.69 35.78 -15.56
CA SER B 380 8.65 35.93 -14.46
C SER B 380 9.81 34.97 -14.72
N LYS B 381 10.77 35.44 -15.50
CA LYS B 381 11.92 34.62 -15.90
C LYS B 381 13.03 34.58 -14.85
N ASP B 382 12.86 35.29 -13.73
CA ASP B 382 13.90 35.30 -12.70
C ASP B 382 14.03 33.94 -12.03
N CYS B 383 12.92 33.23 -11.85
CA CYS B 383 12.92 31.92 -11.20
C CYS B 383 12.88 30.83 -12.25
N ALA B 384 13.86 29.92 -12.21
CA ALA B 384 13.94 28.86 -13.21
C ALA B 384 12.89 27.78 -13.00
N TYR B 385 12.69 27.36 -11.75
CA TYR B 385 11.76 26.29 -11.42
C TYR B 385 10.38 26.90 -11.20
N LYS B 386 9.45 26.63 -12.10
CA LYS B 386 8.19 27.36 -12.12
C LYS B 386 6.94 26.51 -12.22
N TRP B 387 7.04 25.22 -12.56
CA TRP B 387 5.81 24.51 -12.91
C TRP B 387 5.58 23.23 -12.11
N LEU B 388 6.67 22.52 -11.79
CA LEU B 388 6.62 21.24 -11.06
C LEU B 388 5.74 20.22 -11.78
N TYR B 389 5.95 20.09 -13.09
CA TYR B 389 5.26 19.08 -13.88
C TYR B 389 6.23 18.58 -14.96
N ASP B 390 6.35 17.26 -15.08
CA ASP B 390 7.22 16.64 -16.05
C ASP B 390 6.46 15.51 -16.72
N GLU B 391 7.15 14.79 -17.62
CA GLU B 391 6.57 13.63 -18.27
C GLU B 391 6.40 12.44 -17.32
N THR B 392 7.01 12.48 -16.14
CA THR B 392 6.82 11.42 -15.15
C THR B 392 5.41 11.40 -14.60
N LEU B 393 4.73 12.55 -14.64
CA LEU B 393 3.35 12.63 -14.15
C LEU B 393 2.36 12.02 -15.13
N GLU B 394 2.77 11.75 -16.36
CA GLU B 394 1.88 11.15 -17.35
C GLU B 394 1.53 9.72 -17.00
N ASP B 395 2.51 8.96 -16.49
CA ASP B 395 2.37 7.55 -16.09
C ASP B 395 1.81 6.67 -17.21
N TRP C 122 -1.87 50.10 48.64
CA TRP C 122 -1.16 48.85 48.37
C TRP C 122 -1.47 47.82 49.46
N ALA C 123 -1.61 48.29 50.69
CA ALA C 123 -1.87 47.38 51.80
C ALA C 123 -3.27 46.79 51.72
N LYS C 124 -4.29 47.65 51.52
CA LYS C 124 -5.66 47.16 51.42
C LYS C 124 -5.88 46.34 50.16
N ILE C 125 -5.13 46.63 49.10
CA ILE C 125 -5.16 45.81 47.89
C ILE C 125 -4.64 44.41 48.19
N LEU C 126 -3.54 44.32 48.95
CA LEU C 126 -3.02 43.03 49.38
C LEU C 126 -4.03 42.28 50.26
N GLU C 127 -4.70 42.99 51.17
CA GLU C 127 -5.68 42.36 52.04
C GLU C 127 -6.86 41.81 51.25
N LYS C 128 -7.39 42.61 50.31
CA LYS C 128 -8.55 42.15 49.54
C LYS C 128 -8.18 41.03 48.58
N ASP C 129 -6.96 41.07 48.01
CA ASP C 129 -6.50 39.97 47.17
C ASP C 129 -6.29 38.70 47.99
N LYS C 130 -5.79 38.83 49.22
CA LYS C 130 -5.63 37.67 50.10
C LYS C 130 -6.98 37.06 50.46
N ARG C 131 -7.97 37.90 50.77
CA ARG C 131 -9.31 37.39 51.07
C ARG C 131 -9.93 36.71 49.86
N THR C 132 -9.78 37.31 48.67
CA THR C 132 -10.31 36.71 47.44
C THR C 132 -9.59 35.38 47.15
N GLN C 133 -8.29 35.31 47.44
CA GLN C 133 -7.56 34.05 47.32
C GLN C 133 -8.10 33.00 48.27
N GLN C 134 -8.44 33.39 49.50
CA GLN C 134 -9.02 32.43 50.45
C GLN C 134 -10.37 31.90 49.94
N MET C 135 -11.21 32.78 49.39
CA MET C 135 -12.44 32.29 48.77
C MET C 135 -12.15 31.40 47.55
N ARG C 136 -11.04 31.66 46.85
CA ARG C 136 -10.69 30.82 45.71
C ARG C 136 -10.29 29.41 46.13
N MET C 137 -9.49 29.28 47.19
CA MET C 137 -9.21 27.93 47.70
C MET C 137 -10.45 27.27 48.31
N GLN C 138 -11.36 28.06 48.88
CA GLN C 138 -12.62 27.48 49.34
C GLN C 138 -13.45 26.91 48.19
N ARG C 139 -13.52 27.65 47.07
CA ARG C 139 -14.20 27.15 45.88
C ARG C 139 -13.46 25.93 45.30
N LEU C 140 -12.13 25.94 45.36
CA LEU C 140 -11.37 24.78 44.88
C LEU C 140 -11.64 23.54 45.73
N LYS C 141 -11.72 23.71 47.05
CA LYS C 141 -12.05 22.58 47.93
C LYS C 141 -13.49 22.12 47.69
N ALA C 142 -14.40 23.04 47.38
CA ALA C 142 -15.76 22.67 47.02
C ALA C 142 -15.79 21.88 45.72
N LYS C 143 -14.94 22.24 44.76
CA LYS C 143 -14.81 21.47 43.53
C LYS C 143 -14.24 20.08 43.80
N LEU C 144 -13.30 19.99 44.75
CA LEU C 144 -12.80 18.67 45.15
C LEU C 144 -13.90 17.82 45.77
N GLN C 145 -14.76 18.43 46.60
CA GLN C 145 -15.91 17.70 47.11
C GLN C 145 -16.93 17.42 46.03
N MET C 146 -16.97 18.25 44.98
CA MET C 146 -17.85 17.98 43.84
C MET C 146 -17.36 16.75 43.10
N PRO C 147 -18.25 15.81 42.74
CA PRO C 147 -17.82 14.61 42.03
C PRO C 147 -17.33 14.91 40.63
N PHE C 148 -16.48 14.00 40.13
CA PHE C 148 -15.88 14.16 38.81
C PHE C 148 -16.86 13.92 37.68
N GLN C 149 -18.06 13.42 37.98
CA GLN C 149 -19.07 13.21 36.95
C GLN C 149 -19.60 14.53 36.40
N SER C 150 -19.53 15.60 37.19
CA SER C 150 -19.99 16.90 36.74
C SER C 150 -19.06 17.45 35.65
N GLY C 151 -19.67 18.07 34.64
CA GLY C 151 -18.91 18.60 33.52
C GLY C 151 -18.01 19.77 33.88
N GLU C 152 -18.46 20.62 34.82
CA GLU C 152 -17.70 21.81 35.19
C GLU C 152 -16.39 21.44 35.88
N PHE C 153 -16.42 20.46 36.79
CA PHE C 153 -15.21 20.06 37.49
C PHE C 153 -14.23 19.35 36.57
N LYS C 154 -14.74 18.66 35.54
CA LYS C 154 -13.86 18.05 34.55
C LYS C 154 -13.25 19.11 33.63
N ALA C 155 -14.04 20.12 33.26
CA ALA C 155 -13.56 21.12 32.31
C ALA C 155 -12.57 22.08 32.95
N LEU C 156 -12.85 22.51 34.18
CA LEU C 156 -11.97 23.49 34.83
C LEU C 156 -10.65 22.87 35.25
N THR C 157 -10.70 21.69 35.87
CA THR C 157 -9.50 21.02 36.38
C THR C 157 -9.35 19.67 35.68
N ARG C 158 -8.15 19.40 35.18
CA ARG C 158 -7.84 18.11 34.58
C ARG C 158 -7.52 17.09 35.65
N ARG C 159 -7.93 15.85 35.40
CA ARG C 159 -7.72 14.72 36.30
C ARG C 159 -8.07 13.44 35.54
N LEU C 160 -7.48 12.34 35.98
CA LEU C 160 -7.86 11.01 35.50
C LEU C 160 -8.72 10.34 36.56
N GLN C 161 -9.84 9.79 36.13
CA GLN C 161 -10.83 9.25 37.06
C GLN C 161 -10.55 7.77 37.33
N VAL C 162 -10.55 7.39 38.60
CA VAL C 162 -10.26 6.03 39.01
C VAL C 162 -11.47 5.31 39.57
N GLU C 163 -12.27 5.97 40.42
CA GLU C 163 -13.41 5.33 41.04
C GLU C 163 -14.50 5.07 40.01
N PRO C 164 -14.96 3.83 39.83
CA PRO C 164 -15.94 3.55 38.79
C PRO C 164 -17.35 3.99 39.14
N ARG C 165 -18.16 4.19 38.11
CA ARG C 165 -19.58 4.45 38.24
C ARG C 165 -20.35 3.27 37.64
N LEU C 166 -21.29 2.73 38.40
CA LEU C 166 -22.00 1.51 38.02
C LEU C 166 -23.50 1.77 38.06
N LEU C 167 -24.20 1.38 37.00
CA LEU C 167 -25.62 1.67 36.85
C LEU C 167 -26.49 0.53 37.39
N SER C 168 -26.37 0.30 38.69
CA SER C 168 -27.21 -0.66 39.40
C SER C 168 -27.31 -0.26 40.86
N LYS C 169 -28.38 -0.70 41.52
CA LYS C 169 -28.66 -0.25 42.88
C LYS C 169 -27.72 -0.90 43.90
N GLN C 170 -27.48 -2.21 43.77
CA GLN C 170 -26.62 -2.91 44.72
C GLN C 170 -25.16 -2.49 44.56
N MET C 171 -24.72 -2.31 43.31
CA MET C 171 -23.35 -1.87 43.07
C MET C 171 -23.11 -0.45 43.55
N ALA C 172 -24.08 0.44 43.39
CA ALA C 172 -23.96 1.78 43.96
C ALA C 172 -24.02 1.72 45.49
N GLY C 173 -24.81 0.79 46.03
CA GLY C 173 -24.85 0.60 47.47
C GLY C 173 -23.50 0.23 48.03
N CYS C 174 -22.80 -0.71 47.38
CA CYS C 174 -21.45 -1.00 47.84
C CYS C 174 -20.49 0.13 47.45
N LEU C 175 -20.78 0.90 46.40
CA LEU C 175 -19.94 2.04 46.09
C LEU C 175 -19.84 2.97 47.30
N GLU C 176 -21.01 3.38 47.83
CA GLU C 176 -21.00 4.15 49.07
C GLU C 176 -20.41 3.37 50.25
N ASP C 177 -20.86 2.12 50.45
CA ASP C 177 -20.46 1.39 51.65
C ASP C 177 -18.99 0.97 51.62
N CYS C 178 -18.61 0.11 50.67
CA CYS C 178 -17.24 -0.36 50.54
C CYS C 178 -16.35 0.59 49.73
N THR C 179 -16.68 1.89 49.66
CA THR C 179 -15.62 2.89 49.56
C THR C 179 -15.56 3.83 50.76
N ARG C 180 -16.63 3.90 51.56
CA ARG C 180 -16.58 4.69 52.78
C ARG C 180 -15.77 4.01 53.89
N GLN C 181 -15.42 2.74 53.72
CA GLN C 181 -14.66 2.01 54.72
C GLN C 181 -13.22 2.50 54.80
N SER C 185 -9.45 -5.37 56.36
CA SER C 185 -9.51 -4.84 55.00
C SER C 185 -10.56 -5.58 54.17
N PRO C 186 -11.79 -5.05 54.14
CA PRO C 186 -12.83 -5.66 53.30
C PRO C 186 -12.52 -5.64 51.82
N TRP C 187 -11.78 -4.64 51.33
CA TRP C 187 -11.42 -4.60 49.92
C TRP C 187 -10.41 -5.69 49.57
N GLU C 188 -9.64 -6.15 50.56
CA GLU C 188 -8.77 -7.30 50.34
C GLU C 188 -9.59 -8.57 50.15
N GLU C 189 -10.63 -8.76 50.97
CA GLU C 189 -11.45 -9.95 50.89
C GLU C 189 -12.40 -9.93 49.68
N GLN C 190 -12.73 -8.72 49.18
CA GLN C 190 -13.62 -8.63 48.03
C GLN C 190 -12.98 -9.18 46.77
N LEU C 191 -11.65 -9.16 46.69
CA LEU C 191 -10.93 -9.73 45.54
C LEU C 191 -11.20 -11.23 45.42
N ALA C 192 -11.29 -11.93 46.54
CA ALA C 192 -11.62 -13.35 46.51
C ALA C 192 -13.13 -13.59 46.52
N ARG C 193 -13.90 -12.66 47.10
CA ARG C 193 -15.36 -12.83 47.15
C ARG C 193 -15.98 -12.67 45.77
N LEU C 194 -15.43 -11.79 44.92
CA LEU C 194 -15.96 -11.61 43.58
C LEU C 194 -15.64 -12.77 42.66
N LEU C 195 -14.60 -13.56 42.98
CA LEU C 195 -14.30 -14.75 42.20
C LEU C 195 -15.35 -15.83 42.42
N GLN C 196 -16.04 -15.82 43.56
CA GLN C 196 -17.11 -16.77 43.81
C GLN C 196 -18.29 -16.52 42.89
N GLU C 197 -18.61 -15.25 42.63
CA GLU C 197 -19.72 -14.90 41.76
C GLU C 197 -19.35 -15.13 40.29
N GLN C 218 -15.63 -11.63 14.43
CA GLN C 218 -16.09 -10.41 13.77
C GLN C 218 -15.89 -9.20 14.67
N LEU C 219 -14.80 -8.46 14.42
CA LEU C 219 -14.46 -7.28 15.20
C LEU C 219 -14.39 -6.06 14.29
N SER C 220 -15.00 -4.97 14.71
CA SER C 220 -14.99 -3.73 13.94
C SER C 220 -13.65 -3.01 14.12
N GLY C 221 -13.48 -1.94 13.36
CA GLY C 221 -12.21 -1.22 13.38
C GLY C 221 -11.93 -0.52 14.71
N GLN C 222 -12.97 0.08 15.30
CA GLN C 222 -12.80 0.76 16.59
C GLN C 222 -12.48 -0.25 17.69
N GLN C 223 -13.07 -1.44 17.62
CA GLN C 223 -12.79 -2.48 18.60
C GLN C 223 -11.34 -2.95 18.51
N GLN C 224 -10.84 -3.13 17.28
CA GLN C 224 -9.44 -3.52 17.10
C GLN C 224 -8.50 -2.43 17.59
N ARG C 225 -8.83 -1.17 17.32
CA ARG C 225 -8.00 -0.06 17.78
C ARG C 225 -7.99 0.03 19.31
N LEU C 226 -9.15 -0.21 19.94
CA LEU C 226 -9.20 -0.15 21.41
C LEU C 226 -8.43 -1.30 22.04
N LEU C 227 -8.54 -2.51 21.48
CA LEU C 227 -7.77 -3.64 22.01
C LEU C 227 -6.27 -3.41 21.85
N ALA C 228 -5.85 -2.88 20.69
CA ALA C 228 -4.45 -2.56 20.50
C ALA C 228 -4.00 -1.46 21.44
N PHE C 229 -4.89 -0.51 21.74
CA PHE C 229 -4.58 0.56 22.70
C PHE C 229 -4.29 -0.01 24.07
N PHE C 230 -5.13 -0.92 24.55
CA PHE C 230 -4.93 -1.48 25.89
C PHE C 230 -3.72 -2.40 25.94
N LYS C 231 -3.50 -3.20 24.90
CA LYS C 231 -2.31 -4.05 24.88
C LYS C 231 -1.02 -3.24 24.78
N CYS C 232 -1.05 -2.09 24.11
CA CYS C 232 0.12 -1.23 24.07
C CYS C 232 0.30 -0.46 25.38
N CYS C 233 -0.78 -0.12 26.06
CA CYS C 233 -0.69 0.50 27.38
C CYS C 233 -0.30 -0.50 28.46
N LEU C 234 -0.32 -1.79 28.17
CA LEU C 234 0.27 -2.75 29.10
C LEU C 234 1.79 -2.66 29.09
N LEU C 235 2.40 -2.61 27.90
CA LEU C 235 3.86 -2.73 27.80
C LEU C 235 4.56 -1.49 28.33
N THR C 236 4.13 -0.31 27.90
CA THR C 236 4.51 0.92 28.57
C THR C 236 3.77 0.99 29.90
N ASP C 237 4.37 1.63 30.89
CA ASP C 237 3.86 1.60 32.26
C ASP C 237 2.62 2.47 32.48
N GLN C 238 1.96 2.95 31.43
CA GLN C 238 0.80 3.83 31.56
C GLN C 238 -0.46 3.00 31.72
N LEU C 239 -0.65 2.48 32.93
CA LEU C 239 -1.90 1.85 33.37
C LEU C 239 -3.00 2.85 33.76
N PRO C 240 -2.72 4.01 34.40
CA PRO C 240 -3.80 4.98 34.65
C PRO C 240 -4.53 5.47 33.42
N LEU C 241 -3.85 5.66 32.29
CA LEU C 241 -4.54 6.08 31.08
C LEU C 241 -5.51 5.02 30.57
N ALA C 242 -5.08 3.75 30.62
CA ALA C 242 -5.95 2.65 30.23
C ALA C 242 -7.16 2.56 31.16
N HIS C 243 -6.95 2.74 32.47
CA HIS C 243 -8.05 2.73 33.41
C HIS C 243 -9.01 3.89 33.16
N HIS C 244 -8.45 5.06 32.81
CA HIS C 244 -9.27 6.22 32.50
C HIS C 244 -10.16 5.97 31.29
N LEU C 245 -9.59 5.46 30.20
CA LEU C 245 -10.40 5.19 29.02
C LEU C 245 -11.42 4.09 29.28
N LEU C 246 -11.05 3.07 30.05
CA LEU C 246 -11.99 2.00 30.35
C LEU C 246 -13.19 2.51 31.13
N VAL C 247 -12.95 3.34 32.14
CA VAL C 247 -14.06 3.81 32.96
C VAL C 247 -14.88 4.87 32.22
N VAL C 248 -14.25 5.62 31.30
CA VAL C 248 -15.01 6.58 30.51
C VAL C 248 -15.91 5.85 29.52
N HIS C 249 -15.39 4.82 28.85
CA HIS C 249 -16.22 4.04 27.94
C HIS C 249 -17.29 3.26 28.68
N HIS C 250 -17.04 2.91 29.95
CA HIS C 250 -18.11 2.32 30.76
C HIS C 250 -19.14 3.36 31.17
N GLY C 251 -18.74 4.63 31.26
CA GLY C 251 -19.68 5.67 31.67
C GLY C 251 -20.77 5.94 30.65
N GLN C 252 -20.41 5.96 29.37
CA GLN C 252 -21.37 6.25 28.31
C GLN C 252 -21.97 4.97 27.75
N ARG C 253 -23.18 5.09 27.21
CA ARG C 253 -23.93 3.90 26.82
C ARG C 253 -23.39 3.29 25.53
N GLN C 254 -23.09 4.12 24.53
CA GLN C 254 -22.70 3.59 23.22
C GLN C 254 -21.32 2.96 23.26
N LYS C 255 -20.40 3.51 24.03
CA LYS C 255 -19.05 2.98 24.10
C LYS C 255 -18.96 1.75 24.98
N ARG C 256 -20.00 1.44 25.76
CA ARG C 256 -20.03 0.20 26.53
C ARG C 256 -20.13 -1.02 25.61
N LYS C 257 -20.89 -0.90 24.52
CA LYS C 257 -21.11 -2.04 23.64
C LYS C 257 -19.86 -2.42 22.85
N LEU C 258 -18.89 -1.52 22.71
CA LEU C 258 -17.67 -1.84 21.99
C LEU C 258 -16.77 -2.76 22.79
N LEU C 259 -16.88 -2.74 24.12
CA LEU C 259 -15.92 -3.41 24.98
C LEU C 259 -16.24 -4.90 25.11
N THR C 260 -15.21 -5.73 24.98
CA THR C 260 -15.31 -7.18 25.11
C THR C 260 -14.49 -7.65 26.30
N LEU C 261 -14.50 -8.97 26.51
CA LEU C 261 -13.93 -9.55 27.74
C LEU C 261 -12.41 -9.38 27.80
N ASP C 262 -11.73 -9.55 26.67
CA ASP C 262 -10.27 -9.41 26.63
C ASP C 262 -9.85 -8.00 26.99
N MET C 263 -10.70 -7.01 26.68
CA MET C 263 -10.42 -5.62 27.04
C MET C 263 -10.41 -5.43 28.54
N TYR C 264 -11.25 -6.17 29.28
CA TYR C 264 -11.14 -6.13 30.73
C TYR C 264 -9.93 -6.91 31.22
N ASN C 265 -9.70 -8.09 30.64
CA ASN C 265 -8.64 -8.98 31.16
C ASN C 265 -7.26 -8.38 30.99
N ALA C 266 -7.04 -7.58 29.94
CA ALA C 266 -5.73 -6.97 29.73
C ALA C 266 -5.38 -6.02 30.86
N VAL C 267 -6.27 -5.09 31.18
CA VAL C 267 -6.00 -4.16 32.28
C VAL C 267 -6.08 -4.86 33.64
N MET C 268 -6.82 -5.98 33.73
CA MET C 268 -6.79 -6.78 34.95
C MET C 268 -5.41 -7.33 35.22
N LEU C 269 -4.78 -7.93 34.20
CA LEU C 269 -3.41 -8.41 34.35
C LEU C 269 -2.44 -7.26 34.57
N GLY C 270 -2.69 -6.12 33.95
CA GLY C 270 -1.83 -4.96 34.12
C GLY C 270 -1.83 -4.43 35.54
N TRP C 271 -3.00 -4.35 36.17
CA TRP C 271 -3.03 -3.98 37.58
C TRP C 271 -2.58 -5.12 38.50
N ALA C 272 -2.69 -6.37 38.05
CA ALA C 272 -2.23 -7.49 38.86
C ALA C 272 -0.71 -7.53 38.93
N ARG C 273 -0.03 -7.03 37.90
CA ARG C 273 1.44 -7.03 37.93
C ARG C 273 1.99 -6.11 39.01
N GLN C 274 1.21 -5.10 39.43
CA GLN C 274 1.67 -4.22 40.49
C GLN C 274 1.11 -4.59 41.86
N GLY C 275 0.17 -5.53 41.93
CA GLY C 275 -0.30 -6.04 43.19
C GLY C 275 -1.19 -5.13 44.00
N ALA C 276 -2.09 -4.39 43.38
CA ALA C 276 -3.03 -3.54 44.10
C ALA C 276 -4.40 -4.24 44.15
N PHE C 277 -4.91 -4.46 45.36
CA PHE C 277 -6.13 -5.25 45.51
C PHE C 277 -7.37 -4.49 45.08
N LYS C 278 -7.50 -3.23 45.50
CA LYS C 278 -8.77 -2.52 45.37
C LYS C 278 -9.10 -2.21 43.91
N GLU C 279 -8.09 -2.00 43.08
CA GLU C 279 -8.34 -1.72 41.68
C GLU C 279 -8.67 -2.98 40.90
N LEU C 280 -8.12 -4.13 41.31
CA LEU C 280 -8.60 -5.42 40.83
C LEU C 280 -10.06 -5.62 41.19
N VAL C 281 -10.44 -5.25 42.42
CA VAL C 281 -11.84 -5.35 42.85
C VAL C 281 -12.72 -4.45 41.98
N TYR C 282 -12.24 -3.25 41.66
CA TYR C 282 -13.01 -2.32 40.83
C TYR C 282 -13.21 -2.87 39.42
N VAL C 283 -12.15 -3.43 38.82
CA VAL C 283 -12.28 -3.99 37.49
C VAL C 283 -13.18 -5.21 37.50
N LEU C 284 -13.14 -6.02 38.56
CA LEU C 284 -14.04 -7.17 38.64
C LEU C 284 -15.48 -6.74 38.87
N PHE C 285 -15.69 -5.61 39.57
CA PHE C 285 -17.01 -5.00 39.67
C PHE C 285 -17.51 -4.61 38.29
N MET C 286 -16.63 -4.03 37.46
CA MET C 286 -17.01 -3.68 36.10
C MET C 286 -17.37 -4.91 35.28
N VAL C 287 -16.60 -6.00 35.46
CA VAL C 287 -16.85 -7.22 34.69
C VAL C 287 -18.18 -7.84 35.08
N LYS C 288 -18.47 -7.92 36.38
CA LYS C 288 -19.72 -8.52 36.80
C LYS C 288 -20.92 -7.63 36.52
N ASP C 289 -20.72 -6.31 36.50
CA ASP C 289 -21.82 -5.40 36.19
C ASP C 289 -22.19 -5.45 34.72
N ALA C 290 -21.21 -5.70 33.86
CA ALA C 290 -21.45 -5.72 32.41
C ALA C 290 -22.05 -7.04 31.94
N GLY C 291 -22.23 -8.02 32.83
CA GLY C 291 -22.79 -9.29 32.45
C GLY C 291 -21.83 -10.26 31.82
N LEU C 292 -20.54 -9.95 31.81
CA LEU C 292 -19.52 -10.83 31.24
C LEU C 292 -19.04 -11.79 32.33
N THR C 293 -19.12 -13.09 32.04
CA THR C 293 -18.62 -14.09 32.97
C THR C 293 -17.09 -14.13 32.92
N PRO C 294 -16.42 -14.16 34.07
CA PRO C 294 -14.95 -14.17 34.08
C PRO C 294 -14.38 -15.46 33.50
N ASP C 295 -13.11 -15.39 33.10
CA ASP C 295 -12.44 -16.45 32.38
C ASP C 295 -11.26 -16.97 33.21
N LEU C 296 -10.57 -17.97 32.67
CA LEU C 296 -9.44 -18.59 33.38
C LEU C 296 -8.28 -17.61 33.56
N LEU C 297 -7.98 -16.82 32.53
CA LEU C 297 -6.92 -15.81 32.64
C LEU C 297 -7.31 -14.73 33.65
N SER C 298 -8.62 -14.43 33.73
CA SER C 298 -9.10 -13.45 34.70
C SER C 298 -8.86 -13.94 36.13
N TYR C 299 -9.05 -15.23 36.38
CA TYR C 299 -8.73 -15.80 37.69
C TYR C 299 -7.23 -15.90 37.89
N ALA C 300 -6.48 -16.10 36.81
CA ALA C 300 -5.02 -16.17 36.89
C ALA C 300 -4.43 -14.84 37.36
N ALA C 301 -4.98 -13.74 36.86
CA ALA C 301 -4.54 -12.42 37.31
C ALA C 301 -4.80 -12.23 38.80
N ALA C 302 -5.96 -12.71 39.27
CA ALA C 302 -6.27 -12.61 40.69
C ALA C 302 -5.31 -13.42 41.54
N LEU C 303 -5.03 -14.67 41.14
CA LEU C 303 -4.12 -15.52 41.91
C LEU C 303 -2.69 -14.97 41.89
N GLN C 304 -2.29 -14.39 40.76
CA GLN C 304 -0.99 -13.72 40.70
C GLN C 304 -0.96 -12.50 41.61
N CYS C 305 -2.08 -11.80 41.74
CA CYS C 305 -2.14 -10.64 42.61
C CYS C 305 -2.05 -11.01 44.08
N MET C 306 -2.72 -12.09 44.49
CA MET C 306 -2.53 -12.57 45.86
C MET C 306 -1.15 -13.18 46.06
N GLY C 307 -0.53 -13.68 44.99
CA GLY C 307 0.79 -14.27 45.11
C GLY C 307 1.86 -13.27 45.46
N ARG C 308 1.90 -12.14 44.75
CA ARG C 308 2.85 -11.09 45.08
C ARG C 308 2.35 -10.26 46.25
N GLN C 309 3.23 -9.39 46.73
CA GLN C 309 3.04 -8.60 47.96
C GLN C 309 2.70 -9.53 49.12
N ASP C 310 3.70 -10.33 49.51
CA ASP C 310 3.52 -11.43 50.45
C ASP C 310 3.07 -10.96 51.82
N GLN C 311 1.81 -11.25 52.16
CA GLN C 311 1.28 -10.99 53.48
C GLN C 311 1.14 -12.23 54.33
N ASP C 312 1.45 -13.42 53.76
CA ASP C 312 1.30 -14.71 54.41
C ASP C 312 -0.11 -14.94 54.93
N ALA C 313 -1.10 -14.50 54.14
CA ALA C 313 -2.48 -14.67 54.53
C ALA C 313 -2.92 -16.12 54.39
N GLY C 314 -3.85 -16.53 55.26
CA GLY C 314 -4.40 -17.87 55.14
C GLY C 314 -5.23 -18.05 53.88
N THR C 315 -5.95 -17.00 53.49
CA THR C 315 -6.84 -17.07 52.33
C THR C 315 -6.14 -16.64 51.05
N ILE C 316 -4.97 -17.21 50.79
CA ILE C 316 -4.35 -17.12 49.47
C ILE C 316 -4.94 -18.22 48.61
N GLU C 317 -5.31 -17.87 47.37
CA GLU C 317 -6.13 -18.71 46.49
C GLU C 317 -7.43 -19.09 47.20
N ARG C 318 -8.02 -18.11 47.88
CA ARG C 318 -9.28 -18.31 48.59
C ARG C 318 -10.39 -18.68 47.62
N CYS C 319 -11.19 -19.66 48.02
CA CYS C 319 -12.30 -20.21 47.23
C CYS C 319 -11.82 -20.70 45.86
N LEU C 320 -10.74 -21.49 45.86
CA LEU C 320 -10.43 -22.29 44.67
C LEU C 320 -11.46 -23.38 44.46
N GLU C 321 -12.22 -23.72 45.50
CA GLU C 321 -13.37 -24.60 45.36
C GLU C 321 -14.43 -23.98 44.44
N GLN C 322 -14.49 -22.64 44.40
CA GLN C 322 -15.36 -21.99 43.42
C GLN C 322 -14.84 -22.17 42.00
N MET C 323 -13.50 -22.18 41.83
CA MET C 323 -12.93 -22.50 40.52
C MET C 323 -13.25 -23.93 40.12
N SER C 324 -13.24 -24.84 41.10
CA SER C 324 -13.67 -26.22 40.84
C SER C 324 -15.15 -26.29 40.52
N GLN C 325 -15.97 -25.45 41.19
CA GLN C 325 -17.40 -25.46 40.99
C GLN C 325 -17.78 -24.97 39.59
N GLU C 326 -17.12 -23.91 39.13
CA GLU C 326 -17.36 -23.45 37.76
C GLU C 326 -16.78 -24.43 36.74
N GLY C 327 -15.79 -25.23 37.12
CA GLY C 327 -15.28 -26.29 36.27
C GLY C 327 -13.87 -26.12 35.79
N LEU C 328 -13.13 -25.15 36.29
CA LEU C 328 -11.78 -24.89 35.80
C LEU C 328 -10.76 -25.68 36.63
N LYS C 329 -9.89 -26.39 35.93
CA LYS C 329 -8.82 -27.14 36.58
C LYS C 329 -7.57 -26.28 36.71
N LEU C 330 -6.77 -26.58 37.74
CA LEU C 330 -5.58 -25.77 38.00
C LEU C 330 -4.46 -26.10 37.03
N GLN C 331 -4.49 -27.27 36.40
CA GLN C 331 -3.42 -27.63 35.46
C GLN C 331 -3.50 -26.82 34.18
N ALA C 332 -4.71 -26.40 33.78
CA ALA C 332 -4.87 -25.55 32.61
C ALA C 332 -4.42 -24.12 32.86
N LEU C 333 -4.11 -23.77 34.10
CA LEU C 333 -3.62 -22.44 34.41
C LEU C 333 -2.17 -22.27 33.96
N PHE C 334 -1.34 -23.30 34.17
CA PHE C 334 0.07 -23.21 33.83
C PHE C 334 0.32 -23.28 32.33
N THR C 335 -0.40 -24.15 31.62
CA THR C 335 -0.16 -24.39 30.20
C THR C 335 -1.29 -23.79 29.37
N ALA C 336 -0.96 -23.49 28.11
CA ALA C 336 -1.87 -22.95 27.10
C ALA C 336 -2.51 -21.62 27.52
N VAL C 337 -1.80 -20.83 28.31
CA VAL C 337 -2.22 -19.48 28.66
C VAL C 337 -1.08 -18.53 28.26
N LEU C 338 -1.44 -17.42 27.63
CA LEU C 338 -0.45 -16.55 26.99
C LEU C 338 0.35 -15.69 27.97
N LEU C 339 0.14 -15.83 29.28
CA LEU C 339 0.93 -15.08 30.25
C LEU C 339 2.37 -15.56 30.26
N SER C 340 3.27 -14.67 30.68
CA SER C 340 4.70 -14.93 30.62
C SER C 340 5.11 -15.93 31.69
N GLU C 341 6.40 -16.27 31.69
CA GLU C 341 6.92 -17.29 32.60
C GLU C 341 6.97 -16.79 34.04
N GLU C 342 7.24 -15.50 34.22
CA GLU C 342 7.26 -14.92 35.57
C GLU C 342 5.88 -14.97 36.20
N ASP C 343 4.82 -14.83 35.38
CA ASP C 343 3.47 -15.01 35.88
C ASP C 343 3.23 -16.43 36.35
N ARG C 344 3.75 -17.43 35.61
CA ARG C 344 3.66 -18.81 36.07
C ARG C 344 4.43 -19.01 37.38
N ALA C 345 5.58 -18.36 37.52
CA ALA C 345 6.37 -18.50 38.74
C ALA C 345 5.63 -17.91 39.95
N THR C 346 5.05 -16.73 39.79
CA THR C 346 4.32 -16.11 40.90
C THR C 346 3.03 -16.86 41.21
N VAL C 347 2.34 -17.39 40.19
CA VAL C 347 1.12 -18.13 40.48
C VAL C 347 1.47 -19.50 41.05
N LEU C 348 2.66 -20.03 40.75
CA LEU C 348 3.13 -21.24 41.41
C LEU C 348 3.45 -20.96 42.88
N LYS C 349 4.02 -19.78 43.15
CA LYS C 349 4.20 -19.35 44.53
C LYS C 349 2.87 -19.25 45.27
N ALA C 350 1.84 -18.78 44.57
CA ALA C 350 0.53 -18.66 45.18
C ALA C 350 -0.15 -20.01 45.37
N VAL C 351 0.17 -20.98 44.52
CA VAL C 351 -0.66 -22.19 44.49
C VAL C 351 -0.20 -23.23 45.52
N HIS C 352 1.05 -23.17 45.97
CA HIS C 352 1.55 -24.24 46.84
C HIS C 352 1.14 -24.05 48.30
N LYS C 353 0.62 -22.89 48.67
CA LYS C 353 0.37 -22.60 50.09
C LYS C 353 -0.79 -23.43 50.63
N VAL C 354 -1.87 -23.53 49.87
CA VAL C 354 -3.01 -24.32 50.31
C VAL C 354 -2.71 -25.81 50.20
N LYS C 355 -2.22 -26.25 49.04
CA LYS C 355 -1.98 -27.66 48.80
C LYS C 355 -0.48 -27.90 48.60
N PRO C 356 0.23 -28.41 49.61
CA PRO C 356 1.67 -28.66 49.45
C PRO C 356 1.97 -29.80 48.50
N THR C 357 1.09 -30.79 48.37
CA THR C 357 1.32 -31.93 47.49
C THR C 357 0.75 -31.61 46.12
N PHE C 358 1.49 -30.78 45.39
CA PHE C 358 1.08 -30.34 44.06
C PHE C 358 2.32 -30.18 43.20
N SER C 359 2.41 -30.98 42.15
CA SER C 359 3.57 -30.99 41.28
C SER C 359 3.14 -30.86 39.82
N LEU C 360 4.06 -30.35 39.00
CA LEU C 360 3.81 -30.25 37.57
C LEU C 360 3.74 -31.65 36.95
N PRO C 361 2.94 -31.83 35.91
CA PRO C 361 2.93 -33.09 35.16
C PRO C 361 4.29 -33.34 34.53
N PRO C 362 4.75 -34.60 34.49
CA PRO C 362 6.07 -34.88 33.94
C PRO C 362 6.10 -34.70 32.43
N GLN C 363 7.17 -34.07 31.95
CA GLN C 363 7.32 -33.84 30.52
C GLN C 363 7.78 -35.13 29.82
N LEU C 364 7.62 -35.14 28.51
CA LEU C 364 7.96 -36.29 27.67
C LEU C 364 8.77 -35.81 26.47
N PRO C 365 9.64 -36.66 25.92
CA PRO C 365 10.36 -36.27 24.71
C PRO C 365 9.41 -36.14 23.53
N PRO C 366 9.72 -35.27 22.56
CA PRO C 366 8.79 -35.01 21.46
C PRO C 366 8.60 -36.24 20.59
N PRO C 367 7.37 -36.51 20.18
CA PRO C 367 7.11 -37.69 19.35
C PRO C 367 7.67 -37.52 17.95
N VAL C 368 8.04 -38.64 17.34
CA VAL C 368 8.49 -38.67 15.96
C VAL C 368 7.33 -39.13 15.08
N ASN C 369 7.43 -38.81 13.79
CA ASN C 369 6.34 -39.10 12.87
C ASN C 369 6.43 -40.53 12.35
N THR C 370 5.26 -41.12 12.10
CA THR C 370 5.13 -42.47 11.56
C THR C 370 4.53 -42.48 10.17
N SER C 371 4.57 -41.36 9.46
CA SER C 371 4.08 -41.31 8.10
C SER C 371 4.99 -42.12 7.19
N LYS C 372 4.44 -42.59 6.07
CA LYS C 372 5.16 -43.52 5.21
C LYS C 372 6.34 -42.86 4.52
N LEU C 373 6.13 -41.66 3.97
CA LEU C 373 7.20 -41.02 3.21
C LEU C 373 8.28 -40.44 4.11
N LEU C 374 7.92 -40.06 5.34
CA LEU C 374 8.84 -39.43 6.26
C LEU C 374 9.37 -40.40 7.32
N ARG C 375 9.15 -41.70 7.15
CA ARG C 375 9.58 -42.66 8.16
C ARG C 375 11.10 -42.83 8.17
N ASP C 376 11.71 -42.94 6.99
CA ASP C 376 13.09 -43.37 6.90
C ASP C 376 14.07 -42.35 7.47
N VAL C 377 13.80 -41.06 7.27
CA VAL C 377 14.71 -40.04 7.80
C VAL C 377 14.60 -39.95 9.31
N TYR C 378 13.38 -40.03 9.85
CA TYR C 378 13.16 -40.00 11.31
C TYR C 378 12.97 -41.42 11.83
N ALA C 379 14.05 -42.19 11.79
CA ALA C 379 14.01 -43.60 12.19
C ALA C 379 15.27 -43.95 12.97
N LYS C 380 15.19 -45.06 13.69
CA LYS C 380 16.32 -45.57 14.46
C LYS C 380 17.10 -46.58 13.63
N ASP C 381 18.13 -47.15 14.26
CA ASP C 381 19.09 -48.12 13.71
C ASP C 381 19.52 -47.77 12.27
N GLY C 382 20.13 -46.60 12.14
CA GLY C 382 20.64 -46.15 10.85
C GLY C 382 22.02 -45.56 10.99
N ARG C 383 22.84 -45.79 9.96
CA ARG C 383 24.19 -45.23 9.90
C ARG C 383 24.18 -44.03 8.97
N VAL C 384 24.42 -42.84 9.53
CA VAL C 384 24.28 -41.58 8.82
C VAL C 384 25.60 -40.83 8.87
N SER C 385 26.01 -40.28 7.73
CA SER C 385 27.16 -39.39 7.66
C SER C 385 26.65 -37.97 7.42
N TYR C 386 26.56 -37.19 8.50
CA TYR C 386 25.97 -35.85 8.41
C TYR C 386 27.02 -34.82 8.03
N PRO C 387 26.66 -33.82 7.24
CA PRO C 387 27.66 -32.85 6.78
C PRO C 387 28.11 -31.91 7.90
N LYS C 388 29.24 -31.26 7.65
CA LYS C 388 29.87 -30.40 8.63
C LYS C 388 30.59 -29.27 7.91
N LEU C 389 30.57 -28.10 8.53
CA LEU C 389 31.11 -26.90 7.90
C LEU C 389 32.62 -26.81 8.12
N HIS C 390 33.28 -26.00 7.28
CA HIS C 390 34.73 -26.04 7.21
C HIS C 390 35.42 -25.12 8.23
N LEU C 391 34.74 -24.06 8.66
CA LEU C 391 35.40 -23.06 9.50
C LEU C 391 35.09 -23.28 10.99
N PRO C 392 36.03 -22.89 11.89
CA PRO C 392 35.94 -23.34 13.30
C PRO C 392 34.97 -22.58 14.18
N LEU C 393 35.05 -22.88 15.50
CA LEU C 393 34.14 -22.27 16.48
C LEU C 393 34.36 -20.77 16.60
N LYS C 394 35.61 -20.32 16.58
CA LYS C 394 35.91 -18.91 16.82
C LYS C 394 35.34 -18.01 15.73
N THR C 395 35.43 -18.46 14.47
CA THR C 395 34.86 -17.69 13.37
C THR C 395 33.35 -17.58 13.50
N LEU C 396 32.68 -18.68 13.87
CA LEU C 396 31.24 -18.67 14.06
C LEU C 396 30.83 -17.76 15.20
N GLN C 397 31.57 -17.77 16.30
CA GLN C 397 31.25 -16.91 17.44
C GLN C 397 31.43 -15.44 17.10
N CYS C 398 32.54 -15.11 16.42
CA CYS C 398 32.76 -13.72 16.01
C CYS C 398 31.71 -13.24 15.03
N LEU C 399 31.28 -14.12 14.10
CA LEU C 399 30.26 -13.72 13.14
C LEU C 399 28.88 -13.62 13.80
N PHE C 400 28.61 -14.40 14.84
CA PHE C 400 27.38 -14.22 15.60
C PHE C 400 27.37 -12.87 16.31
N GLU C 401 28.51 -12.47 16.89
CA GLU C 401 28.59 -11.14 17.49
C GLU C 401 28.41 -10.04 16.46
N LYS C 402 29.02 -10.22 15.28
CA LYS C 402 28.88 -9.24 14.20
C LYS C 402 27.44 -9.12 13.73
N GLN C 403 26.74 -10.25 13.59
CA GLN C 403 25.34 -10.21 13.16
C GLN C 403 24.43 -9.61 14.23
N LEU C 404 24.70 -9.89 15.51
CA LEU C 404 23.91 -9.25 16.56
C LEU C 404 24.08 -7.74 16.56
N HIS C 405 25.31 -7.25 16.36
CA HIS C 405 25.49 -5.80 16.30
C HIS C 405 24.87 -5.23 15.04
N MET C 406 24.90 -5.98 13.93
CA MET C 406 24.25 -5.56 12.70
C MET C 406 22.75 -5.43 12.87
N GLU C 407 22.12 -6.38 13.57
CA GLU C 407 20.68 -6.37 13.76
C GLU C 407 20.25 -5.37 14.83
N LEU C 408 21.06 -5.16 15.88
CA LEU C 408 20.72 -4.17 16.88
C LEU C 408 20.90 -2.75 16.35
N ALA C 409 21.85 -2.54 15.44
CA ALA C 409 21.95 -1.23 14.79
C ALA C 409 20.82 -1.00 13.80
N SER C 410 20.27 -2.07 13.23
CA SER C 410 19.11 -2.10 12.35
C SER C 410 19.32 -1.39 11.01
N ARG C 411 20.57 -1.10 10.63
CA ARG C 411 20.87 -0.36 9.42
C ARG C 411 22.34 -0.57 9.08
N VAL C 412 22.63 -0.71 7.77
CA VAL C 412 24.02 -0.79 7.31
C VAL C 412 24.25 0.21 6.19
N CYS C 413 25.51 0.63 6.06
CA CYS C 413 25.93 1.57 5.04
C CYS C 413 26.93 0.89 4.13
N VAL C 414 26.81 1.15 2.83
CA VAL C 414 27.54 0.44 1.80
C VAL C 414 28.35 1.44 0.99
N VAL C 415 29.63 1.14 0.76
CA VAL C 415 30.51 2.04 0.03
C VAL C 415 30.04 2.16 -1.42
N SER C 416 30.38 3.27 -2.05
CA SER C 416 29.91 3.53 -3.39
C SER C 416 30.63 2.66 -4.41
N VAL C 417 29.85 2.03 -5.30
CA VAL C 417 30.43 1.15 -6.30
C VAL C 417 30.85 1.92 -7.56
N GLU C 418 30.34 3.14 -7.75
CA GLU C 418 30.68 3.94 -8.91
C GLU C 418 31.96 4.73 -8.66
N LYS C 419 32.36 5.49 -9.68
CA LYS C 419 33.59 6.26 -9.59
C LYS C 419 33.41 7.46 -8.67
N PRO C 420 34.47 7.88 -7.98
CA PRO C 420 34.40 9.13 -7.22
C PRO C 420 34.29 10.35 -8.11
N THR C 421 33.72 11.40 -7.57
CA THR C 421 33.55 12.67 -8.27
C THR C 421 34.72 13.58 -7.93
N LEU C 422 35.18 14.33 -8.94
CA LEU C 422 36.35 15.18 -8.77
C LEU C 422 36.04 16.35 -7.84
N PRO C 423 36.93 16.66 -6.89
CA PRO C 423 36.69 17.77 -5.98
C PRO C 423 36.72 19.11 -6.71
N SER C 424 35.90 20.04 -6.22
CA SER C 424 35.79 21.38 -6.79
C SER C 424 35.20 22.30 -5.73
N LYS C 425 35.04 23.58 -6.11
CA LYS C 425 34.41 24.54 -5.20
C LYS C 425 32.96 24.19 -4.94
N GLU C 426 32.22 23.80 -5.98
CA GLU C 426 30.82 23.39 -5.81
C GLU C 426 30.71 22.10 -5.01
N VAL C 427 31.71 21.21 -5.16
CA VAL C 427 31.74 19.98 -4.37
C VAL C 427 31.89 20.31 -2.89
N LYS C 428 32.76 21.27 -2.56
CA LYS C 428 32.91 21.70 -1.17
C LYS C 428 31.67 22.42 -0.66
N HIS C 429 31.01 23.20 -1.52
CA HIS C 429 29.77 23.88 -1.12
C HIS C 429 28.68 22.87 -0.77
N ALA C 430 28.51 21.85 -1.61
CA ALA C 430 27.47 20.86 -1.32
C ALA C 430 27.89 19.92 -0.19
N ARG C 431 29.19 19.74 0.03
CA ARG C 431 29.62 18.90 1.14
C ARG C 431 29.44 19.61 2.48
N LYS C 432 29.69 20.92 2.51
CA LYS C 432 29.52 21.69 3.74
C LYS C 432 28.10 22.16 3.97
N THR C 433 27.17 21.85 3.06
CA THR C 433 25.76 22.14 3.27
C THR C 433 25.11 21.00 4.05
N LEU C 434 25.61 20.80 5.27
CA LEU C 434 25.04 19.89 6.24
C LEU C 434 24.38 20.63 7.39
N LYS C 435 24.45 21.97 7.38
CA LYS C 435 23.75 22.76 8.39
C LYS C 435 22.23 22.62 8.23
N THR C 436 21.75 22.55 7.00
CA THR C 436 20.34 22.35 6.73
C THR C 436 19.98 20.90 6.46
N LEU C 437 20.96 20.00 6.39
CA LEU C 437 20.70 18.64 5.91
C LEU C 437 19.90 17.84 6.93
N ARG C 438 20.26 17.94 8.21
CA ARG C 438 19.48 17.27 9.24
C ARG C 438 19.18 18.22 10.40
N ASP C 439 20.07 19.19 10.63
CA ASP C 439 19.99 20.00 11.85
C ASP C 439 18.79 20.95 11.81
N GLN C 440 18.44 21.47 10.64
CA GLN C 440 17.28 22.33 10.55
C GLN C 440 15.96 21.57 10.54
N TRP C 441 15.98 20.24 10.40
CA TRP C 441 14.76 19.47 10.40
C TRP C 441 14.65 18.46 11.53
N GLU C 442 15.77 18.04 12.14
CA GLU C 442 15.68 17.15 13.30
C GLU C 442 15.03 17.85 14.48
N LYS C 443 15.37 19.12 14.70
CA LYS C 443 14.71 19.90 15.75
C LYS C 443 13.24 20.11 15.44
N ALA C 444 12.91 20.35 14.16
CA ALA C 444 11.52 20.53 13.77
C ALA C 444 10.72 19.25 13.98
N LEU C 445 11.33 18.10 13.69
CA LEU C 445 10.67 16.82 13.93
C LEU C 445 10.49 16.56 15.42
N CYS C 446 11.47 16.94 16.25
CA CYS C 446 11.31 16.82 17.70
C CYS C 446 10.17 17.69 18.21
N ARG C 447 10.09 18.94 17.71
CA ARG C 447 9.01 19.84 18.11
C ARG C 447 7.65 19.27 17.72
N ALA C 448 7.52 18.83 16.46
CA ALA C 448 6.26 18.29 15.97
C ALA C 448 5.88 17.03 16.71
N LEU C 449 6.88 16.21 17.06
CA LEU C 449 6.63 14.97 17.77
C LEU C 449 6.11 15.23 19.19
N ARG C 450 6.76 16.14 19.92
CA ARG C 450 6.33 16.47 21.27
C ARG C 450 4.95 17.13 21.26
N GLU C 451 4.71 18.05 20.32
CA GLU C 451 3.41 18.69 20.22
C GLU C 451 2.31 17.70 19.89
N THR C 452 2.60 16.75 18.98
CA THR C 452 1.63 15.72 18.64
C THR C 452 1.33 14.83 19.83
N LYS C 453 2.35 14.48 20.62
CA LYS C 453 2.12 13.64 21.79
C LYS C 453 1.30 14.38 22.85
N ASN C 454 1.57 15.67 23.07
CA ASN C 454 0.77 16.44 24.03
C ASN C 454 -0.68 16.58 23.57
N ARG C 455 -0.88 16.85 22.28
CA ARG C 455 -2.23 16.95 21.73
C ARG C 455 -2.98 15.63 21.84
N LEU C 456 -2.30 14.53 21.51
CA LEU C 456 -2.92 13.22 21.62
C LEU C 456 -3.18 12.82 23.06
N GLU C 457 -2.37 13.31 24.00
CA GLU C 457 -2.63 13.05 25.41
C GLU C 457 -3.86 13.80 25.91
N ARG C 458 -4.00 15.08 25.54
CA ARG C 458 -5.20 15.79 25.96
C ARG C 458 -6.44 15.30 25.22
N GLU C 459 -6.27 14.63 24.08
CA GLU C 459 -7.40 13.92 23.49
C GLU C 459 -7.65 12.58 24.17
N VAL C 460 -6.62 11.97 24.78
CA VAL C 460 -6.82 10.77 25.58
C VAL C 460 -7.69 11.10 26.79
N TYR C 461 -7.39 12.21 27.47
CA TYR C 461 -8.16 12.56 28.66
C TYR C 461 -9.61 12.89 28.33
N GLU C 462 -9.89 13.35 27.11
CA GLU C 462 -11.26 13.67 26.72
C GLU C 462 -11.92 12.50 26.01
N GLY C 463 -11.80 11.30 26.59
CA GLY C 463 -12.59 10.13 26.21
C GLY C 463 -12.54 9.68 24.77
N ARG C 464 -11.36 9.67 24.15
CA ARG C 464 -11.25 9.29 22.75
C ARG C 464 -9.99 8.44 22.54
N PHE C 465 -9.99 7.70 21.43
CA PHE C 465 -8.82 6.91 21.07
C PHE C 465 -7.71 7.83 20.56
N SER C 466 -6.47 7.36 20.73
CA SER C 466 -5.30 8.12 20.33
C SER C 466 -4.14 7.19 20.05
N LEU C 467 -3.12 7.73 19.39
CA LEU C 467 -1.88 7.03 19.09
C LEU C 467 -0.78 7.36 20.09
N TYR C 468 -1.14 7.81 21.29
CA TYR C 468 -0.15 8.24 22.27
C TYR C 468 0.78 7.11 22.75
N PRO C 469 0.30 5.92 23.16
CA PRO C 469 1.27 4.87 23.49
C PRO C 469 1.97 4.30 22.27
N PHE C 470 1.30 4.30 21.12
CA PHE C 470 1.90 3.85 19.87
C PHE C 470 3.01 4.76 19.39
N LEU C 471 3.03 6.02 19.84
CA LEU C 471 4.11 6.93 19.56
C LEU C 471 5.08 7.05 20.71
N CYS C 472 4.71 6.59 21.90
CA CYS C 472 5.61 6.56 23.06
C CYS C 472 6.27 5.20 23.25
N LEU C 473 6.02 4.24 22.34
CA LEU C 473 6.72 2.96 22.39
C LEU C 473 8.21 3.13 22.15
N LEU C 474 8.56 3.79 21.06
CA LEU C 474 9.95 3.97 20.65
C LEU C 474 10.40 5.36 21.02
N ASP C 475 11.69 5.50 21.31
CA ASP C 475 12.23 6.78 21.73
C ASP C 475 12.27 7.76 20.57
N GLU C 476 12.54 9.03 20.89
CA GLU C 476 12.48 10.10 19.90
C GLU C 476 13.58 9.97 18.85
N ARG C 477 14.76 9.50 19.27
CA ARG C 477 15.93 9.46 18.39
C ARG C 477 15.69 8.57 17.18
N GLU C 478 15.28 7.33 17.41
CA GLU C 478 15.13 6.39 16.31
C GLU C 478 13.87 6.67 15.49
N VAL C 479 12.82 7.22 16.10
CA VAL C 479 11.62 7.52 15.32
C VAL C 479 11.83 8.76 14.46
N VAL C 480 12.79 9.63 14.82
CA VAL C 480 13.18 10.69 13.89
C VAL C 480 14.14 10.16 12.84
N ARG C 481 15.04 9.25 13.24
CA ARG C 481 15.99 8.66 12.31
C ARG C 481 15.29 7.87 11.22
N MET C 482 14.12 7.30 11.52
CA MET C 482 13.33 6.61 10.50
C MET C 482 12.93 7.56 9.39
N LEU C 483 12.42 8.75 9.75
CA LEU C 483 12.01 9.73 8.75
C LEU C 483 13.21 10.27 7.99
N LEU C 484 14.33 10.46 8.69
CA LEU C 484 15.54 10.95 8.03
C LEU C 484 16.08 9.96 7.01
N GLN C 485 16.05 8.66 7.34
CA GLN C 485 16.53 7.66 6.39
C GLN C 485 15.53 7.38 5.28
N VAL C 486 14.23 7.51 5.56
CA VAL C 486 13.23 7.35 4.50
C VAL C 486 13.31 8.50 3.51
N LEU C 487 13.58 9.71 3.99
CA LEU C 487 13.72 10.88 3.11
C LEU C 487 14.91 10.76 2.16
N GLN C 488 15.90 9.93 2.49
CA GLN C 488 16.98 9.68 1.56
C GLN C 488 16.51 8.79 0.41
N ALA C 489 17.31 8.79 -0.66
CA ALA C 489 17.08 7.99 -1.87
C ALA C 489 15.73 8.29 -2.53
N LEU C 490 15.25 9.52 -2.39
CA LEU C 490 14.01 9.92 -3.05
C LEU C 490 14.27 10.18 -4.52
N PRO C 491 13.59 9.50 -5.44
CA PRO C 491 13.77 9.80 -6.86
C PRO C 491 13.13 11.12 -7.24
N ALA C 492 13.38 11.61 -8.45
CA ALA C 492 12.70 12.80 -8.91
C ALA C 492 11.21 12.54 -9.13
N GLN C 493 10.84 11.30 -9.47
CA GLN C 493 9.46 10.98 -9.81
C GLN C 493 8.58 10.75 -8.58
N GLY C 494 9.17 10.69 -7.39
CA GLY C 494 8.38 10.54 -6.17
C GLY C 494 7.74 9.17 -6.03
N GLU C 495 6.82 9.10 -5.07
CA GLU C 495 6.04 7.90 -4.82
C GLU C 495 4.69 8.28 -4.24
N SER C 496 3.80 7.31 -4.19
CA SER C 496 2.44 7.55 -3.72
C SER C 496 2.41 7.70 -2.19
N PHE C 497 1.28 8.22 -1.71
CA PHE C 497 1.08 8.40 -0.28
C PHE C 497 0.99 7.05 0.44
N THR C 498 0.20 6.13 -0.13
CA THR C 498 -0.08 4.84 0.49
C THR C 498 1.17 3.97 0.62
N THR C 499 2.03 3.95 -0.39
CA THR C 499 3.29 3.20 -0.32
C THR C 499 4.18 3.71 0.80
N LEU C 500 4.29 5.03 0.95
CA LEU C 500 5.14 5.61 1.98
C LEU C 500 4.60 5.30 3.38
N ALA C 501 3.27 5.38 3.54
CA ALA C 501 2.67 5.01 4.82
C ALA C 501 2.91 3.54 5.16
N ARG C 502 2.74 2.66 4.18
CA ARG C 502 2.93 1.23 4.40
C ARG C 502 4.37 0.91 4.75
N GLU C 503 5.31 1.64 4.16
CA GLU C 503 6.72 1.45 4.52
C GLU C 503 6.99 1.90 5.96
N LEU C 504 6.50 3.09 6.33
CA LEU C 504 6.82 3.67 7.63
C LEU C 504 6.26 2.83 8.78
N SER C 505 5.05 2.29 8.61
CA SER C 505 4.45 1.51 9.70
C SER C 505 5.25 0.23 10.00
N ALA C 506 5.63 -0.51 8.96
CA ALA C 506 6.41 -1.72 9.16
C ALA C 506 7.80 -1.42 9.69
N ARG C 507 8.40 -0.32 9.22
CA ARG C 507 9.70 0.09 9.74
C ARG C 507 9.63 0.43 11.23
N THR C 508 8.51 0.99 11.68
CA THR C 508 8.35 1.24 13.11
C THR C 508 8.20 -0.06 13.88
N PHE C 509 7.40 -1.00 13.36
CA PHE C 509 7.10 -2.23 14.08
C PHE C 509 8.35 -3.10 14.28
N SER C 510 9.21 -3.17 13.27
CA SER C 510 10.43 -3.97 13.38
C SER C 510 11.33 -3.48 14.50
N ARG C 511 11.52 -2.16 14.58
CA ARG C 511 12.35 -1.58 15.64
C ARG C 511 11.72 -1.77 17.01
N HIS C 512 10.38 -1.71 17.07
CA HIS C 512 9.69 -1.97 18.33
C HIS C 512 9.97 -3.38 18.83
N VAL C 513 9.87 -4.37 17.94
CA VAL C 513 10.09 -5.76 18.35
C VAL C 513 11.53 -5.99 18.79
N VAL C 514 12.51 -5.47 18.03
CA VAL C 514 13.90 -5.72 18.40
C VAL C 514 14.28 -5.00 19.68
N GLN C 515 13.76 -3.78 19.91
CA GLN C 515 14.10 -3.06 21.13
C GLN C 515 13.44 -3.70 22.35
N ARG C 516 12.20 -4.17 22.21
CA ARG C 516 11.55 -4.87 23.32
C ARG C 516 12.29 -6.15 23.67
N GLN C 517 12.75 -6.90 22.66
CA GLN C 517 13.58 -8.07 22.95
C GLN C 517 14.89 -7.69 23.61
N ARG C 518 15.44 -6.51 23.28
CA ARG C 518 16.66 -6.06 23.96
C ARG C 518 16.42 -5.80 25.44
N VAL C 519 15.29 -5.15 25.78
CA VAL C 519 15.06 -4.74 27.16
C VAL C 519 14.76 -5.93 28.06
N SER C 520 13.96 -6.90 27.59
CA SER C 520 13.45 -7.96 28.45
C SER C 520 14.47 -9.04 28.78
N GLY C 521 15.68 -8.97 28.24
CA GLY C 521 16.72 -9.92 28.60
C GLY C 521 16.70 -11.24 27.87
N GLN C 522 16.09 -11.31 26.69
CA GLN C 522 16.11 -12.54 25.91
C GLN C 522 17.32 -12.63 24.98
N VAL C 523 18.05 -11.53 24.79
CA VAL C 523 19.25 -11.54 23.94
C VAL C 523 20.35 -12.40 24.57
N GLN C 524 20.57 -12.23 25.89
CA GLN C 524 21.58 -13.02 26.58
C GLN C 524 21.19 -14.50 26.63
N ALA C 525 19.90 -14.79 26.80
CA ALA C 525 19.43 -16.17 26.75
C ALA C 525 19.66 -16.78 25.38
N LEU C 526 19.43 -16.00 24.32
CA LEU C 526 19.69 -16.47 22.97
C LEU C 526 21.17 -16.74 22.77
N GLN C 527 22.04 -15.88 23.31
CA GLN C 527 23.48 -16.10 23.18
C GLN C 527 23.92 -17.38 23.89
N ASN C 528 23.48 -17.56 25.13
CA ASN C 528 23.89 -18.72 25.90
C ASN C 528 23.22 -20.01 25.43
N HIS C 529 22.13 -19.93 24.66
CA HIS C 529 21.61 -21.12 24.01
C HIS C 529 22.33 -21.41 22.71
N TYR C 530 22.69 -20.37 21.97
CA TYR C 530 23.30 -20.57 20.66
C TYR C 530 24.73 -21.05 20.76
N ARG C 531 25.46 -20.64 21.82
CA ARG C 531 26.81 -21.14 22.01
C ARG C 531 26.84 -22.66 22.21
N LYS C 532 25.90 -23.18 23.00
CA LYS C 532 25.86 -24.62 23.22
C LYS C 532 25.24 -25.36 22.04
N TYR C 533 24.32 -24.72 21.32
CA TYR C 533 23.80 -25.31 20.09
C TYR C 533 24.89 -25.47 19.03
N LEU C 534 25.80 -24.51 18.95
CA LEU C 534 26.78 -24.48 17.87
C LEU C 534 27.90 -25.49 18.07
N CYS C 535 27.89 -26.24 19.18
CA CYS C 535 28.75 -27.40 19.33
C CYS C 535 28.44 -28.47 18.28
N LEU C 536 27.16 -28.66 17.97
CA LEU C 536 26.79 -29.39 16.77
C LEU C 536 27.13 -28.56 15.54
N LEU C 537 27.38 -29.24 14.42
CA LEU C 537 27.71 -28.66 13.12
C LEU C 537 28.92 -27.72 13.22
N ALA C 538 29.92 -28.18 13.96
CA ALA C 538 31.20 -27.48 14.08
C ALA C 538 32.33 -28.45 13.78
N SER C 539 33.32 -27.99 13.03
CA SER C 539 34.42 -28.85 12.59
C SER C 539 35.35 -29.24 13.73
N ASP C 540 35.51 -28.39 14.74
CA ASP C 540 36.39 -28.67 15.86
C ASP C 540 35.67 -29.30 17.05
N ALA C 541 34.39 -29.60 16.93
CA ALA C 541 33.61 -30.09 18.05
C ALA C 541 32.95 -31.42 17.70
N GLU C 542 32.47 -32.11 18.74
CA GLU C 542 31.83 -33.41 18.60
C GLU C 542 30.54 -33.42 19.39
N VAL C 543 29.79 -34.50 19.25
CA VAL C 543 28.48 -34.66 19.87
C VAL C 543 28.41 -36.08 20.43
N PRO C 544 27.65 -36.34 21.49
CA PRO C 544 27.41 -37.74 21.89
C PRO C 544 26.78 -38.59 20.81
N GLU C 545 25.61 -38.20 20.30
CA GLU C 545 25.05 -38.88 19.14
C GLU C 545 24.71 -37.85 18.07
N PRO C 546 24.90 -38.19 16.80
CA PRO C 546 24.59 -37.21 15.73
C PRO C 546 23.09 -37.08 15.53
N CYS C 547 22.66 -35.84 15.30
CA CYS C 547 21.24 -35.55 15.08
C CYS C 547 21.13 -34.22 14.35
N LEU C 548 19.91 -33.93 13.89
CA LEU C 548 19.64 -32.72 13.14
C LEU C 548 19.71 -31.49 14.05
N PRO C 549 19.95 -30.30 13.48
CA PRO C 549 20.01 -29.08 14.31
C PRO C 549 18.74 -28.78 15.09
N ARG C 550 17.56 -29.09 14.56
CA ARG C 550 16.32 -28.82 15.28
C ARG C 550 16.19 -29.72 16.52
N GLN C 551 16.54 -31.00 16.40
CA GLN C 551 16.44 -31.91 17.53
C GLN C 551 17.45 -31.58 18.60
N TYR C 552 18.63 -31.07 18.22
CA TYR C 552 19.60 -30.65 19.22
C TYR C 552 19.19 -29.34 19.87
N TRP C 553 18.54 -28.46 19.11
CA TRP C 553 18.04 -27.20 19.67
C TRP C 553 16.90 -27.46 20.66
N GLU C 554 16.11 -28.50 20.40
CA GLU C 554 15.06 -28.88 21.35
C GLU C 554 15.62 -29.70 22.50
N GLU C 555 16.74 -30.40 22.27
CA GLU C 555 17.32 -31.24 23.31
C GLU C 555 17.93 -30.40 24.42
N LEU C 556 18.48 -29.24 24.06
CA LEU C 556 18.87 -28.25 25.05
C LEU C 556 17.64 -27.63 25.68
N GLY C 557 17.84 -26.88 26.75
CA GLY C 557 16.73 -26.20 27.39
C GLY C 557 16.04 -25.21 26.47
N ALA C 558 14.71 -25.16 26.61
CA ALA C 558 13.86 -24.36 25.74
C ALA C 558 14.19 -22.88 25.87
N PRO C 559 14.47 -22.20 24.75
CA PRO C 559 14.78 -20.77 24.83
C PRO C 559 13.60 -19.92 25.29
N GLU C 560 12.38 -20.34 24.97
CA GLU C 560 11.14 -19.69 25.38
C GLU C 560 11.10 -18.22 24.96
N ALA C 561 11.32 -18.00 23.66
CA ALA C 561 11.27 -16.68 23.07
C ALA C 561 9.92 -16.53 22.38
N LEU C 562 9.02 -15.76 23.00
CA LEU C 562 7.69 -15.52 22.47
C LEU C 562 7.59 -14.06 22.07
N ARG C 563 7.11 -13.81 20.85
CA ARG C 563 6.99 -12.48 20.30
C ARG C 563 5.53 -12.19 19.96
N GLU C 564 5.15 -10.91 20.08
CA GLU C 564 3.76 -10.51 19.95
C GLU C 564 3.36 -10.38 18.48
N GLN C 565 2.10 -10.65 18.20
CA GLN C 565 1.57 -10.56 16.85
C GLN C 565 1.56 -9.11 16.37
N PRO C 566 1.70 -8.88 15.07
CA PRO C 566 1.72 -7.51 14.56
C PRO C 566 0.37 -6.81 14.71
N TRP C 567 0.42 -5.48 14.62
CA TRP C 567 -0.76 -4.67 14.75
C TRP C 567 -1.72 -4.93 13.59
N PRO C 568 -3.03 -4.72 13.79
CA PRO C 568 -3.96 -4.80 12.68
C PRO C 568 -3.74 -3.66 11.69
N LEU C 569 -4.25 -3.88 10.47
CA LEU C 569 -4.01 -2.94 9.37
C LEU C 569 -4.49 -1.51 9.59
N PRO C 570 -5.67 -1.22 10.20
CA PRO C 570 -6.03 0.19 10.42
C PRO C 570 -5.05 0.99 11.26
N VAL C 571 -4.49 0.39 12.32
CA VAL C 571 -3.54 1.13 13.15
C VAL C 571 -2.25 1.40 12.40
N GLN C 572 -1.79 0.43 11.60
CA GLN C 572 -0.62 0.64 10.77
C GLN C 572 -0.86 1.76 9.75
N MET C 573 -2.04 1.76 9.14
CA MET C 573 -2.37 2.79 8.15
C MET C 573 -2.40 4.17 8.79
N GLU C 574 -3.03 4.30 9.96
CA GLU C 574 -3.11 5.61 10.62
C GLU C 574 -1.74 6.09 11.09
N LEU C 575 -0.92 5.20 11.64
CA LEU C 575 0.40 5.61 12.12
C LEU C 575 1.31 6.01 10.96
N GLY C 576 1.26 5.27 9.85
CA GLY C 576 2.04 5.64 8.69
C GLY C 576 1.58 6.95 8.08
N LYS C 577 0.26 7.18 8.04
CA LYS C 577 -0.27 8.44 7.54
C LYS C 577 0.18 9.61 8.42
N LEU C 578 0.15 9.42 9.74
CA LEU C 578 0.58 10.47 10.66
C LEU C 578 2.06 10.79 10.49
N LEU C 579 2.90 9.75 10.34
CA LEU C 579 4.34 9.99 10.15
C LEU C 579 4.62 10.67 8.82
N ALA C 580 3.90 10.27 7.76
CA ALA C 580 4.09 10.91 6.46
C ALA C 580 3.67 12.38 6.50
N GLU C 581 2.56 12.68 7.18
CA GLU C 581 2.12 14.06 7.33
C GLU C 581 3.12 14.88 8.14
N MET C 582 3.66 14.30 9.21
CA MET C 582 4.66 15.00 10.01
C MET C 582 5.92 15.27 9.20
N LEU C 583 6.32 14.32 8.35
CA LEU C 583 7.48 14.54 7.48
C LEU C 583 7.21 15.65 6.47
N VAL C 584 6.02 15.65 5.85
CA VAL C 584 5.76 16.58 4.76
C VAL C 584 5.50 17.98 5.29
N GLN C 585 5.10 18.11 6.56
CA GLN C 585 4.81 19.43 7.08
C GLN C 585 5.94 19.99 7.93
N ALA C 586 6.74 19.13 8.58
CA ALA C 586 7.82 19.63 9.41
C ALA C 586 8.99 20.12 8.58
N THR C 587 9.35 19.36 7.54
CA THR C 587 10.52 19.69 6.73
C THR C 587 10.15 20.78 5.72
N GLN C 588 10.76 21.96 5.88
CA GLN C 588 10.60 23.05 4.94
C GLN C 588 11.96 23.71 4.79
N MET C 589 12.26 24.19 3.58
CA MET C 589 13.58 24.70 3.28
C MET C 589 13.50 26.06 2.61
N PRO C 590 14.54 26.88 2.73
CA PRO C 590 14.59 28.14 1.96
C PRO C 590 14.84 27.85 0.49
N CYS C 591 14.03 28.47 -0.38
CA CYS C 591 14.15 28.24 -1.81
C CYS C 591 15.33 28.97 -2.44
N SER C 592 15.99 29.85 -1.68
CA SER C 592 17.11 30.64 -2.20
C SER C 592 18.41 29.84 -2.04
N LEU C 593 18.47 28.71 -2.76
CA LEU C 593 19.65 27.86 -2.71
C LEU C 593 20.81 28.45 -3.51
N ASP C 594 20.52 29.01 -4.69
CA ASP C 594 21.59 29.54 -5.54
C ASP C 594 22.16 30.84 -4.98
N LYS C 595 21.29 31.74 -4.55
CA LYS C 595 21.70 33.04 -4.01
C LYS C 595 20.90 33.35 -2.76
N PRO C 596 21.53 33.35 -1.58
CA PRO C 596 20.78 33.62 -0.34
C PRO C 596 20.22 35.04 -0.26
N HIS C 597 20.83 35.99 -0.95
CA HIS C 597 20.36 37.38 -0.90
C HIS C 597 19.23 37.66 -1.87
N ARG C 598 18.85 36.69 -2.71
CA ARG C 598 17.79 36.93 -3.70
C ARG C 598 16.43 37.06 -3.03
N SER C 599 16.09 36.12 -2.15
CA SER C 599 14.79 36.12 -1.49
C SER C 599 14.87 35.32 -0.20
N SER C 600 13.89 35.50 0.66
CA SER C 600 13.77 34.78 1.92
C SER C 600 12.36 34.25 2.05
N ARG C 601 12.10 33.07 1.50
CA ARG C 601 10.81 32.41 1.63
C ARG C 601 11.03 30.93 1.91
N LEU C 602 10.15 30.36 2.73
CA LEU C 602 10.22 28.96 3.14
C LEU C 602 9.25 28.15 2.31
N VAL C 603 9.78 27.25 1.48
CA VAL C 603 8.96 26.41 0.60
C VAL C 603 8.97 24.99 1.17
N PRO C 604 7.92 24.20 0.91
CA PRO C 604 7.94 22.80 1.33
C PRO C 604 9.00 21.99 0.59
N VAL C 605 9.48 20.96 1.27
CA VAL C 605 10.39 20.00 0.66
C VAL C 605 9.67 19.03 -0.27
N LEU C 606 8.47 18.59 0.08
CA LEU C 606 7.72 17.64 -0.73
C LEU C 606 6.34 18.20 -1.02
N TYR C 607 5.99 18.26 -2.30
CA TYR C 607 4.71 18.79 -2.75
C TYR C 607 3.70 17.67 -2.98
N HIS C 608 2.44 18.00 -2.77
CA HIS C 608 1.33 17.08 -3.03
C HIS C 608 0.76 17.39 -4.41
N VAL C 609 1.21 16.63 -5.40
CA VAL C 609 0.74 16.82 -6.78
C VAL C 609 -0.12 15.63 -7.19
N TYR C 610 -1.14 15.89 -7.98
CA TYR C 610 -1.98 14.82 -8.48
C TYR C 610 -1.47 14.32 -9.82
N SER C 611 -1.49 13.00 -9.98
CA SER C 611 -1.16 12.37 -11.25
C SER C 611 -2.43 11.73 -11.79
N PHE C 612 -2.78 12.08 -13.02
CA PHE C 612 -4.01 11.64 -13.64
C PHE C 612 -3.70 10.58 -14.68
N ARG C 613 -4.39 9.45 -14.60
CA ARG C 613 -4.35 8.47 -15.68
C ARG C 613 -5.74 7.88 -15.82
N ASN C 614 -6.17 7.73 -17.07
CA ASN C 614 -7.54 7.33 -17.46
C ASN C 614 -8.50 8.32 -16.79
N VAL C 615 -9.49 7.84 -16.04
CA VAL C 615 -10.35 8.74 -15.29
C VAL C 615 -9.70 9.10 -13.95
N GLN C 616 -8.88 8.22 -13.39
CA GLN C 616 -8.49 8.29 -11.99
C GLN C 616 -7.33 9.25 -11.76
N GLN C 617 -7.17 9.66 -10.51
CA GLN C 617 -6.00 10.41 -10.04
C GLN C 617 -5.35 9.66 -8.88
N ILE C 618 -4.15 10.12 -8.53
CA ILE C 618 -3.42 9.57 -7.40
C ILE C 618 -2.54 10.68 -6.81
N GLY C 619 -2.39 10.68 -5.49
CA GLY C 619 -1.51 11.64 -4.86
C GLY C 619 -0.06 11.21 -4.90
N ILE C 620 0.80 12.19 -5.17
CA ILE C 620 2.23 11.95 -5.37
C ILE C 620 3.01 13.00 -4.60
N LEU C 621 4.00 12.56 -3.84
CA LEU C 621 4.93 13.47 -3.17
C LEU C 621 6.10 13.75 -4.09
N LYS C 622 6.15 14.98 -4.59
CA LYS C 622 7.13 15.40 -5.57
C LYS C 622 8.18 16.26 -4.88
N PRO C 623 9.45 15.86 -4.89
CA PRO C 623 10.49 16.74 -4.32
C PRO C 623 10.66 17.99 -5.16
N HIS C 624 11.07 19.06 -4.50
CA HIS C 624 11.39 20.30 -5.20
C HIS C 624 12.61 20.08 -6.09
N PRO C 625 12.65 20.68 -7.28
CA PRO C 625 13.77 20.42 -8.19
C PRO C 625 15.12 20.90 -7.69
N ALA C 626 15.16 21.86 -6.78
CA ALA C 626 16.43 22.32 -6.23
C ALA C 626 17.06 21.26 -5.34
N TYR C 627 16.25 20.56 -4.53
CA TYR C 627 16.78 19.48 -3.71
C TYR C 627 17.25 18.31 -4.57
N VAL C 628 16.53 18.03 -5.67
CA VAL C 628 16.97 16.99 -6.61
C VAL C 628 18.30 17.37 -7.24
N GLN C 629 18.44 18.64 -7.63
CA GLN C 629 19.69 19.13 -8.18
C GLN C 629 20.82 19.03 -7.16
N LEU C 630 20.54 19.34 -5.89
CA LEU C 630 21.55 19.24 -4.84
C LEU C 630 21.93 17.79 -4.59
N LEU C 631 20.96 16.88 -4.61
CA LEU C 631 21.25 15.47 -4.34
C LEU C 631 22.09 14.86 -5.44
N GLU C 632 21.73 15.10 -6.70
CA GLU C 632 22.52 14.57 -7.81
C GLU C 632 23.53 15.57 -8.35
N LYS C 633 23.94 16.56 -7.56
CA LYS C 633 24.89 17.54 -8.07
C LYS C 633 26.33 17.13 -7.83
N ALA C 634 26.69 16.81 -6.58
CA ALA C 634 28.10 16.72 -6.21
C ALA C 634 28.58 15.32 -5.87
N ALA C 635 27.97 14.65 -4.89
CA ALA C 635 28.51 13.40 -4.37
C ALA C 635 27.40 12.38 -4.18
N GLU C 636 27.74 11.11 -4.39
CA GLU C 636 26.81 9.99 -4.22
C GLU C 636 27.43 8.84 -3.43
N PRO C 637 27.65 9.01 -2.10
CA PRO C 637 27.78 7.80 -1.27
C PRO C 637 26.46 7.06 -1.20
N THR C 638 25.43 7.78 -0.72
CA THR C 638 24.00 7.55 -0.90
C THR C 638 23.55 6.09 -0.91
N LEU C 639 24.09 5.28 0.00
CA LEU C 639 23.68 3.88 0.05
C LEU C 639 23.41 3.50 1.49
N THR C 640 22.24 2.91 1.72
CA THR C 640 21.83 2.49 3.06
C THR C 640 20.83 1.36 2.93
N PHE C 641 21.13 0.24 3.60
CA PHE C 641 20.27 -0.93 3.60
C PHE C 641 19.76 -1.18 5.00
N GLU C 642 18.69 -1.96 5.09
CA GLU C 642 18.18 -2.42 6.37
C GLU C 642 19.03 -3.59 6.87
N ALA C 643 18.54 -4.28 7.90
CA ALA C 643 19.18 -5.51 8.36
C ALA C 643 18.55 -6.77 7.77
N VAL C 644 17.32 -6.67 7.28
CA VAL C 644 16.65 -7.82 6.69
C VAL C 644 17.15 -8.06 5.26
N ASP C 645 17.40 -6.97 4.52
CA ASP C 645 17.72 -7.06 3.10
C ASP C 645 19.07 -7.71 2.86
N VAL C 646 20.04 -7.46 3.71
CA VAL C 646 21.40 -7.98 3.55
C VAL C 646 21.43 -9.43 4.05
N PRO C 647 22.22 -10.32 3.45
CA PRO C 647 22.29 -11.70 3.96
C PRO C 647 23.07 -11.80 5.26
N MET C 648 22.94 -12.96 5.88
CA MET C 648 23.40 -13.23 7.24
C MET C 648 24.89 -13.50 7.27
N LEU C 649 25.40 -13.75 8.48
CA LEU C 649 26.78 -14.17 8.69
C LEU C 649 26.91 -15.32 9.67
N CYS C 650 25.83 -15.72 10.32
CA CYS C 650 25.79 -16.79 11.30
C CYS C 650 24.79 -17.83 10.80
N PRO C 651 24.89 -19.07 11.27
CA PRO C 651 23.88 -20.10 10.89
C PRO C 651 22.49 -19.65 11.28
N PRO C 652 21.48 -19.90 10.43
CA PRO C 652 20.14 -19.40 10.72
C PRO C 652 19.52 -20.12 11.92
N LEU C 653 18.57 -19.44 12.55
CA LEU C 653 17.81 -20.06 13.62
C LEU C 653 16.99 -21.23 13.06
N PRO C 654 17.10 -22.41 13.66
CA PRO C 654 16.28 -23.54 13.20
C PRO C 654 14.79 -23.26 13.38
N TRP C 655 14.01 -23.73 12.41
CA TRP C 655 12.56 -23.52 12.42
C TRP C 655 11.94 -24.49 13.41
N THR C 656 11.93 -24.09 14.69
CA THR C 656 11.29 -24.88 15.74
C THR C 656 9.78 -24.80 15.69
N SER C 657 9.25 -23.61 15.44
CA SER C 657 7.81 -23.36 15.42
C SER C 657 7.53 -22.39 14.28
N PRO C 658 6.27 -22.28 13.84
CA PRO C 658 5.93 -21.23 12.86
C PRO C 658 6.21 -19.81 13.33
N HIS C 659 6.36 -19.57 14.63
CA HIS C 659 6.69 -18.24 15.15
C HIS C 659 8.17 -17.92 15.04
N SER C 660 9.04 -18.88 15.33
CA SER C 660 10.46 -18.64 15.51
C SER C 660 11.26 -19.25 14.37
N GLY C 661 12.24 -18.52 13.87
CA GLY C 661 13.11 -19.02 12.83
C GLY C 661 13.72 -17.87 12.03
N ALA C 662 14.51 -18.27 11.03
CA ALA C 662 15.14 -17.37 10.05
C ALA C 662 16.07 -16.41 10.79
N PHE C 663 15.76 -15.12 10.86
CA PHE C 663 16.63 -14.16 11.53
C PHE C 663 16.58 -14.36 13.03
N LEU C 664 17.64 -13.90 13.71
CA LEU C 664 17.80 -14.20 15.13
C LEU C 664 16.85 -13.37 15.98
N LEU C 665 16.70 -12.09 15.68
CA LEU C 665 15.81 -11.22 16.44
C LEU C 665 14.73 -10.56 15.60
N SER C 666 15.05 -10.18 14.37
CA SER C 666 14.07 -9.53 13.49
C SER C 666 12.99 -10.52 13.06
N PRO C 667 11.74 -10.07 12.91
CA PRO C 667 10.65 -11.01 12.64
C PRO C 667 10.47 -11.33 11.16
N THR C 668 10.19 -12.59 10.86
CA THR C 668 9.94 -13.04 9.50
C THR C 668 8.88 -14.14 9.53
N LYS C 669 7.82 -13.94 8.75
CA LYS C 669 6.73 -14.91 8.67
C LYS C 669 7.15 -16.12 7.86
N LEU C 670 6.52 -17.25 8.16
CA LEU C 670 6.86 -18.49 7.45
C LEU C 670 6.30 -18.50 6.04
N MET C 671 5.13 -17.92 5.83
CA MET C 671 4.49 -17.89 4.52
C MET C 671 4.39 -16.47 4.02
N ARG C 672 4.87 -16.23 2.80
CA ARG C 672 4.70 -14.94 2.15
C ARG C 672 3.25 -14.75 1.74
N THR C 673 2.62 -13.69 2.25
CA THR C 673 1.19 -13.48 2.08
C THR C 673 0.93 -11.98 2.08
N VAL C 674 -0.02 -11.55 1.24
CA VAL C 674 -0.39 -10.15 1.13
C VAL C 674 -0.87 -9.61 2.48
N GLU C 675 -0.75 -8.30 2.65
CA GLU C 675 -0.90 -7.69 3.97
C GLU C 675 -2.35 -7.74 4.44
N GLY C 676 -2.54 -8.22 5.67
CA GLY C 676 -3.85 -8.33 6.25
C GLY C 676 -4.44 -9.73 6.27
N ALA C 677 -4.01 -10.60 5.38
CA ALA C 677 -4.53 -11.97 5.31
C ALA C 677 -3.74 -12.84 6.27
N THR C 678 -4.45 -13.57 7.15
CA THR C 678 -3.80 -14.31 8.22
C THR C 678 -4.30 -15.74 8.35
N GLN C 679 -5.05 -16.26 7.38
CA GLN C 679 -5.58 -17.62 7.49
C GLN C 679 -4.49 -18.67 7.34
N HIS C 680 -3.40 -18.34 6.64
CA HIS C 680 -2.29 -19.27 6.49
C HIS C 680 -1.66 -19.61 7.83
N GLN C 681 -1.43 -18.60 8.67
CA GLN C 681 -0.81 -18.82 9.97
C GLN C 681 -1.73 -19.59 10.91
N GLU C 682 -3.03 -19.31 10.85
CA GLU C 682 -3.99 -20.07 11.66
C GLU C 682 -4.01 -21.54 11.26
N LEU C 683 -3.99 -21.82 9.95
CA LEU C 683 -3.95 -23.21 9.51
C LEU C 683 -2.63 -23.88 9.89
N LEU C 684 -1.52 -23.13 9.84
CA LEU C 684 -0.22 -23.72 10.15
C LEU C 684 -0.05 -23.97 11.64
N GLU C 685 -0.75 -23.21 12.49
CA GLU C 685 -0.64 -23.45 13.93
C GLU C 685 -1.72 -24.40 14.45
N THR C 686 -2.83 -24.54 13.74
CA THR C 686 -3.90 -25.43 14.20
C THR C 686 -3.49 -26.90 14.03
N CYS C 687 -2.66 -27.21 13.05
CA CYS C 687 -2.25 -28.58 12.78
C CYS C 687 -1.32 -29.10 13.88
N PRO C 688 -1.22 -30.42 14.02
CA PRO C 688 -0.23 -31.00 14.94
C PRO C 688 1.18 -30.60 14.55
N PRO C 689 2.05 -30.36 15.53
CA PRO C 689 3.40 -29.85 15.20
C PRO C 689 4.28 -30.84 14.49
N THR C 690 4.03 -32.14 14.66
CA THR C 690 4.90 -33.16 14.08
C THR C 690 4.79 -33.19 12.56
N ALA C 691 3.59 -32.93 12.02
CA ALA C 691 3.33 -33.06 10.60
C ALA C 691 4.16 -32.08 9.77
N LEU C 692 4.50 -30.92 10.32
CA LEU C 692 5.30 -29.95 9.60
C LEU C 692 6.80 -30.20 9.73
N HIS C 693 7.19 -31.14 10.59
CA HIS C 693 8.57 -31.26 11.07
C HIS C 693 9.58 -31.34 9.93
N GLY C 694 9.45 -32.36 9.08
CA GLY C 694 10.39 -32.53 7.98
C GLY C 694 10.43 -31.33 7.05
N ALA C 695 9.25 -30.73 6.80
CA ALA C 695 9.19 -29.53 5.97
C ALA C 695 10.05 -28.43 6.56
N LEU C 696 9.89 -28.18 7.87
CA LEU C 696 10.72 -27.17 8.53
C LEU C 696 12.20 -27.57 8.46
N ASP C 697 12.48 -28.87 8.65
CA ASP C 697 13.86 -29.34 8.57
C ASP C 697 14.42 -29.11 7.18
N ALA C 698 13.59 -29.30 6.14
CA ALA C 698 14.03 -29.04 4.78
C ALA C 698 14.45 -27.60 4.62
N LEU C 699 13.66 -26.68 5.20
CA LEU C 699 14.00 -25.27 5.14
C LEU C 699 15.32 -25.00 5.87
N THR C 700 15.53 -25.68 7.00
CA THR C 700 16.78 -25.50 7.72
C THR C 700 17.96 -26.02 6.91
N GLN C 701 17.74 -27.11 6.16
CA GLN C 701 18.79 -27.63 5.30
C GLN C 701 19.12 -26.64 4.19
N LEU C 702 18.12 -25.87 3.76
CA LEU C 702 18.35 -24.86 2.74
C LEU C 702 18.95 -23.59 3.32
N GLY C 703 19.04 -23.49 4.65
CA GLY C 703 19.59 -22.29 5.26
C GLY C 703 21.02 -22.43 5.72
N ASN C 704 21.49 -23.66 5.92
CA ASN C 704 22.84 -23.90 6.42
C ASN C 704 23.89 -23.85 5.32
N CYS C 705 23.50 -23.67 4.07
CA CYS C 705 24.45 -23.66 2.97
C CYS C 705 25.29 -22.40 3.02
N ALA C 706 26.54 -22.52 2.59
CA ALA C 706 27.52 -21.44 2.67
C ALA C 706 27.86 -20.98 1.26
N TRP C 707 27.98 -19.66 1.09
CA TRP C 707 28.12 -19.03 -0.21
C TRP C 707 29.27 -18.03 -0.17
N ARG C 708 29.99 -17.90 -1.28
CA ARG C 708 31.05 -16.94 -1.44
C ARG C 708 30.87 -16.22 -2.77
N VAL C 709 31.60 -15.13 -2.94
CA VAL C 709 31.53 -14.31 -4.15
C VAL C 709 32.79 -14.55 -4.97
N ASN C 710 32.62 -14.78 -6.27
CA ASN C 710 33.74 -14.96 -7.18
C ASN C 710 34.19 -13.59 -7.67
N GLY C 711 35.28 -13.09 -7.08
CA GLY C 711 35.80 -11.78 -7.45
C GLY C 711 36.29 -11.73 -8.89
N ARG C 712 36.83 -12.84 -9.39
CA ARG C 712 37.34 -12.91 -10.76
C ARG C 712 36.22 -12.68 -11.77
N VAL C 713 35.00 -13.13 -11.46
CA VAL C 713 33.89 -12.95 -12.39
C VAL C 713 33.44 -11.50 -12.44
N LEU C 714 33.21 -10.87 -11.27
CA LEU C 714 32.66 -9.52 -11.29
C LEU C 714 33.71 -8.44 -11.43
N ASP C 715 34.99 -8.79 -11.49
CA ASP C 715 35.99 -7.79 -11.89
C ASP C 715 35.67 -7.24 -13.28
N LEU C 716 35.36 -8.12 -14.22
CA LEU C 716 35.00 -7.68 -15.57
C LEU C 716 33.66 -6.94 -15.58
N VAL C 717 32.72 -7.34 -14.72
CA VAL C 717 31.43 -6.67 -14.66
C VAL C 717 31.60 -5.25 -14.13
N LEU C 718 32.43 -5.06 -13.10
CA LEU C 718 32.73 -3.71 -12.63
C LEU C 718 33.46 -2.89 -13.69
N GLN C 719 34.39 -3.52 -14.41
CA GLN C 719 35.12 -2.82 -15.47
C GLN C 719 34.18 -2.34 -16.57
N LEU C 720 33.17 -3.13 -16.90
CA LEU C 720 32.18 -2.69 -17.88
C LEU C 720 31.20 -1.68 -17.30
N PHE C 721 30.87 -1.81 -16.01
CA PHE C 721 29.80 -1.01 -15.41
C PHE C 721 30.26 0.42 -15.10
N GLN C 722 31.49 0.59 -14.61
CA GLN C 722 31.98 1.93 -14.32
C GLN C 722 32.15 2.75 -15.59
N ALA C 723 32.67 2.14 -16.65
CA ALA C 723 32.82 2.82 -17.93
C ALA C 723 31.49 2.83 -18.66
N LYS C 724 31.50 3.24 -19.93
CA LYS C 724 30.29 3.23 -20.75
C LYS C 724 29.80 1.80 -20.94
N GLY C 725 28.67 1.48 -20.31
CA GLY C 725 28.20 0.11 -20.32
C GLY C 725 27.73 -0.32 -21.69
N CYS C 726 27.96 -1.59 -22.01
CA CYS C 726 27.41 -2.19 -23.21
C CYS C 726 26.09 -2.83 -22.86
N PRO C 727 24.97 -2.42 -23.46
CA PRO C 727 23.67 -3.03 -23.12
C PRO C 727 23.58 -4.51 -23.46
N GLN C 728 24.46 -5.01 -24.33
CA GLN C 728 24.58 -6.44 -24.56
C GLN C 728 25.11 -7.10 -23.29
N LEU C 729 24.68 -8.35 -23.07
CA LEU C 729 25.08 -9.26 -21.99
C LEU C 729 24.58 -8.82 -20.61
N GLY C 730 23.66 -7.87 -20.53
CA GLY C 730 22.94 -7.57 -19.31
C GLY C 730 23.43 -6.37 -18.54
N VAL C 731 24.64 -5.89 -18.80
CA VAL C 731 25.16 -4.73 -18.07
C VAL C 731 24.49 -3.47 -18.60
N PRO C 732 23.95 -2.61 -17.73
CA PRO C 732 23.23 -1.43 -18.23
C PRO C 732 24.16 -0.25 -18.47
N ALA C 733 23.92 0.45 -19.58
CA ALA C 733 24.59 1.71 -19.85
C ALA C 733 23.94 2.83 -19.04
N PRO C 734 24.67 3.90 -18.75
CA PRO C 734 24.06 5.04 -18.08
C PRO C 734 23.03 5.71 -18.98
N PRO C 735 22.02 6.36 -18.41
CA PRO C 735 20.98 6.99 -19.24
C PRO C 735 21.46 8.23 -20.00
N SER C 736 22.70 8.66 -19.82
CA SER C 736 23.23 9.77 -20.61
C SER C 736 23.37 9.39 -22.08
N GLU C 737 23.57 8.10 -22.37
CA GLU C 737 23.61 7.51 -23.71
C GLU C 737 24.70 8.09 -24.60
N ALA C 738 25.75 8.67 -24.03
CA ALA C 738 26.83 9.27 -24.81
C ALA C 738 28.13 9.27 -24.03
N ALA C 763 9.31 11.69 -26.41
CA ALA C 763 8.31 10.63 -26.33
C ALA C 763 8.97 9.29 -26.05
N HIS C 764 9.52 8.66 -27.09
CA HIS C 764 10.18 7.38 -26.92
C HIS C 764 11.52 7.52 -26.22
N CYS C 765 12.18 8.67 -26.37
CA CYS C 765 13.44 8.93 -25.67
C CYS C 765 13.22 8.95 -24.16
N GLN C 766 12.12 9.54 -23.71
CA GLN C 766 11.79 9.55 -22.29
C GLN C 766 11.53 8.13 -21.78
N LYS C 767 10.87 7.29 -22.58
CA LYS C 767 10.63 5.91 -22.20
C LYS C 767 11.94 5.13 -22.09
N VAL C 768 12.87 5.35 -23.03
CA VAL C 768 14.17 4.70 -22.99
C VAL C 768 14.95 5.15 -21.76
N ALA C 769 14.91 6.45 -21.46
CA ALA C 769 15.59 6.97 -20.27
C ALA C 769 14.98 6.40 -18.99
N ARG C 770 13.65 6.27 -18.94
CA ARG C 770 12.98 5.73 -17.76
C ARG C 770 13.36 4.26 -17.53
N GLU C 771 13.32 3.45 -18.59
CA GLU C 771 13.69 2.04 -18.47
C GLU C 771 15.15 1.88 -18.10
N MET C 772 16.03 2.72 -18.68
CA MET C 772 17.45 2.58 -18.41
C MET C 772 17.79 3.00 -16.99
N HIS C 773 17.14 4.06 -16.50
CA HIS C 773 17.35 4.48 -15.12
C HIS C 773 16.80 3.45 -14.14
N SER C 774 15.64 2.85 -14.47
CA SER C 774 15.05 1.83 -13.62
C SER C 774 15.92 0.58 -13.53
N LEU C 775 16.55 0.19 -14.64
CA LEU C 775 17.47 -0.94 -14.59
C LEU C 775 18.76 -0.57 -13.88
N ARG C 776 19.24 0.66 -14.08
CA ARG C 776 20.53 1.04 -13.51
C ARG C 776 20.45 1.21 -11.99
N ALA C 777 19.27 1.54 -11.45
CA ALA C 777 19.14 1.63 -10.00
C ALA C 777 19.35 0.27 -9.33
N GLU C 778 18.69 -0.77 -9.86
CA GLU C 778 18.90 -2.12 -9.35
C GLU C 778 20.32 -2.59 -9.60
N ALA C 779 20.93 -2.16 -10.71
CA ALA C 779 22.33 -2.46 -10.96
C ALA C 779 23.23 -1.87 -9.89
N LEU C 780 22.97 -0.61 -9.50
CA LEU C 780 23.71 0.04 -8.44
C LEU C 780 23.58 -0.73 -7.13
N TYR C 781 22.35 -1.10 -6.76
CA TYR C 781 22.12 -1.80 -5.51
C TYR C 781 22.82 -3.15 -5.48
N ARG C 782 22.66 -3.95 -6.56
CA ARG C 782 23.23 -5.28 -6.59
C ARG C 782 24.75 -5.25 -6.62
N LEU C 783 25.33 -4.36 -7.43
CA LEU C 783 26.80 -4.32 -7.51
C LEU C 783 27.41 -3.70 -6.26
N SER C 784 26.72 -2.76 -5.60
CA SER C 784 27.23 -2.23 -4.34
C SER C 784 27.19 -3.28 -3.24
N LEU C 785 26.10 -4.06 -3.18
CA LEU C 785 26.06 -5.19 -2.25
C LEU C 785 27.11 -6.24 -2.59
N ALA C 786 27.45 -6.39 -3.88
CA ALA C 786 28.49 -7.33 -4.27
C ALA C 786 29.86 -6.86 -3.79
N GLN C 787 30.18 -5.59 -4.01
CA GLN C 787 31.49 -5.08 -3.60
C GLN C 787 31.62 -5.03 -2.07
N HIS C 788 30.53 -4.71 -1.35
CA HIS C 788 30.60 -4.69 0.10
C HIS C 788 30.79 -6.08 0.69
N LEU C 789 30.10 -7.08 0.14
CA LEU C 789 30.14 -8.45 0.61
C LEU C 789 31.32 -9.23 0.01
N ARG C 790 32.19 -8.55 -0.74
CA ARG C 790 33.41 -9.15 -1.28
C ARG C 790 34.31 -9.63 -0.15
N ASP C 791 35.03 -10.73 -0.43
CA ASP C 791 35.95 -11.43 0.48
C ASP C 791 35.35 -11.66 1.88
N ARG C 792 34.06 -11.96 1.90
CA ARG C 792 33.35 -12.29 3.13
C ARG C 792 32.28 -13.32 2.83
N VAL C 793 32.18 -14.33 3.69
CA VAL C 793 31.23 -15.42 3.47
C VAL C 793 29.84 -14.99 3.94
N PHE C 794 28.81 -15.31 3.15
CA PHE C 794 27.44 -14.93 3.43
C PHE C 794 26.53 -16.14 3.27
N TRP C 795 25.52 -16.25 4.14
CA TRP C 795 24.61 -17.39 4.14
C TRP C 795 23.19 -16.86 4.07
N LEU C 796 22.31 -17.58 3.36
CA LEU C 796 20.99 -17.05 3.02
C LEU C 796 19.88 -17.82 3.70
N PRO C 797 18.94 -17.14 4.35
CA PRO C 797 17.74 -17.83 4.84
C PRO C 797 16.74 -18.06 3.73
N HIS C 798 15.81 -18.97 3.98
CA HIS C 798 14.75 -19.31 3.04
C HIS C 798 13.41 -19.30 3.75
N ASN C 799 12.35 -18.97 3.01
CA ASN C 799 11.00 -19.18 3.50
C ASN C 799 10.13 -19.74 2.39
N MET C 800 8.94 -20.17 2.79
CA MET C 800 8.04 -20.94 1.94
C MET C 800 6.85 -20.05 1.59
N ASP C 801 6.29 -20.21 0.39
CA ASP C 801 5.24 -19.30 -0.02
C ASP C 801 3.84 -19.85 0.31
N PHE C 802 2.86 -19.16 -0.28
CA PHE C 802 1.46 -19.55 -0.27
C PHE C 802 1.24 -20.99 -0.70
N ARG C 803 1.93 -21.47 -1.74
CA ARG C 803 1.75 -22.86 -2.18
C ARG C 803 2.68 -23.84 -1.48
N GLY C 804 3.95 -23.51 -1.34
CA GLY C 804 4.92 -24.45 -0.81
C GLY C 804 6.31 -24.30 -1.41
N ARG C 805 6.45 -23.47 -2.42
CA ARG C 805 7.73 -23.23 -3.05
C ARG C 805 8.58 -22.31 -2.17
N THR C 806 9.91 -22.44 -2.27
CA THR C 806 10.80 -21.73 -1.38
C THR C 806 11.57 -20.64 -2.11
N TYR C 807 11.73 -19.50 -1.44
CA TYR C 807 12.57 -18.42 -1.93
C TYR C 807 13.41 -17.83 -0.81
N PRO C 808 14.60 -17.29 -1.12
CA PRO C 808 15.36 -16.57 -0.11
C PRO C 808 14.68 -15.28 0.30
N CYS C 809 14.78 -14.97 1.60
CA CYS C 809 14.21 -13.72 2.11
C CYS C 809 14.86 -12.45 1.56
N PRO C 810 16.18 -12.33 1.40
CA PRO C 810 16.72 -11.14 0.73
C PRO C 810 16.31 -11.09 -0.74
N PRO C 811 15.75 -9.96 -1.19
CA PRO C 811 15.34 -9.86 -2.60
C PRO C 811 16.42 -9.36 -3.54
N HIS C 812 17.54 -8.85 -3.02
CA HIS C 812 18.55 -8.25 -3.90
C HIS C 812 19.55 -9.28 -4.41
N PHE C 813 20.08 -10.13 -3.54
CA PHE C 813 21.11 -11.11 -3.89
C PHE C 813 20.63 -12.55 -3.72
N ASN C 814 19.39 -12.85 -4.10
CA ASN C 814 18.99 -14.24 -4.13
C ASN C 814 19.62 -14.93 -5.34
N HIS C 815 19.95 -16.22 -5.20
CA HIS C 815 20.50 -16.98 -6.36
C HIS C 815 19.35 -17.44 -7.23
N LEU C 816 18.15 -16.95 -6.98
CA LEU C 816 17.01 -17.21 -7.88
C LEU C 816 16.92 -15.92 -8.71
N GLY C 817 18.04 -15.47 -9.27
CA GLY C 817 18.08 -14.21 -10.01
C GLY C 817 18.48 -14.36 -11.44
N SER C 818 19.01 -13.32 -12.05
CA SER C 818 19.33 -13.27 -13.50
C SER C 818 20.41 -14.24 -13.95
N ASP C 819 21.39 -13.69 -14.66
CA ASP C 819 22.53 -14.52 -15.11
C ASP C 819 23.76 -13.84 -14.56
N VAL C 820 23.73 -12.51 -14.49
CA VAL C 820 24.92 -11.92 -13.88
C VAL C 820 24.98 -12.26 -12.39
N ALA C 821 23.86 -12.49 -11.73
CA ALA C 821 23.88 -12.92 -10.31
C ALA C 821 24.51 -14.29 -10.19
N ARG C 822 24.03 -15.25 -10.97
CA ARG C 822 24.50 -16.63 -10.88
C ARG C 822 25.93 -16.74 -11.43
N ALA C 823 26.53 -15.65 -11.91
CA ALA C 823 27.94 -15.67 -12.33
C ALA C 823 28.81 -15.40 -11.12
N LEU C 824 28.22 -15.00 -9.97
CA LEU C 824 29.08 -14.57 -8.89
C LEU C 824 29.11 -15.58 -7.74
N LEU C 825 27.98 -16.22 -7.45
CA LEU C 825 27.87 -17.07 -6.28
C LEU C 825 28.59 -18.40 -6.49
N GLU C 826 29.29 -18.87 -5.46
CA GLU C 826 30.05 -20.11 -5.55
C GLU C 826 30.17 -20.72 -4.15
N PHE C 827 30.10 -22.04 -4.08
CA PHE C 827 30.07 -22.75 -2.80
C PHE C 827 31.34 -22.49 -1.99
N ALA C 828 31.23 -22.63 -0.67
CA ALA C 828 32.36 -22.44 0.21
C ALA C 828 33.06 -23.77 0.54
N GLN C 829 32.33 -24.71 1.10
CA GLN C 829 32.88 -26.03 1.38
C GLN C 829 33.08 -26.79 0.07
N GLY C 830 34.17 -27.56 0.00
CA GLY C 830 34.60 -28.18 -1.23
C GLY C 830 34.60 -29.68 -1.16
N ARG C 831 34.50 -30.31 -2.34
CA ARG C 831 34.58 -31.75 -2.48
C ARG C 831 35.61 -32.10 -3.54
N PRO C 832 36.30 -33.23 -3.41
CA PRO C 832 37.24 -33.65 -4.45
C PRO C 832 36.54 -34.38 -5.58
N LEU C 833 37.08 -34.21 -6.79
CA LEU C 833 36.39 -34.67 -7.99
C LEU C 833 36.42 -36.18 -8.12
N GLY C 834 37.61 -36.76 -8.24
CA GLY C 834 37.74 -38.20 -8.29
C GLY C 834 37.62 -38.78 -9.69
N PRO C 835 37.06 -39.99 -9.79
CA PRO C 835 36.98 -40.69 -11.08
C PRO C 835 36.07 -40.03 -12.10
N HIS C 836 34.81 -39.81 -11.71
CA HIS C 836 33.80 -39.26 -12.61
C HIS C 836 33.61 -37.76 -12.44
N GLY C 837 34.70 -37.03 -12.18
CA GLY C 837 34.59 -35.63 -11.84
C GLY C 837 34.41 -34.67 -12.99
N LEU C 838 35.40 -34.60 -13.89
CA LEU C 838 35.41 -33.54 -14.89
C LEU C 838 34.44 -33.80 -16.03
N ASP C 839 33.98 -35.04 -16.19
CA ASP C 839 33.01 -35.36 -17.24
C ASP C 839 31.70 -34.60 -17.01
N TRP C 840 31.27 -34.52 -15.75
CA TRP C 840 30.03 -33.80 -15.44
C TRP C 840 30.17 -32.32 -15.70
N LEU C 841 31.32 -31.74 -15.37
CA LEU C 841 31.55 -30.32 -15.63
C LEU C 841 31.61 -30.03 -17.13
N LYS C 842 32.19 -30.94 -17.91
CA LYS C 842 32.22 -30.76 -19.37
C LYS C 842 30.82 -30.84 -19.97
N ILE C 843 30.03 -31.82 -19.54
CA ILE C 843 28.64 -31.91 -19.99
C ILE C 843 27.85 -30.68 -19.56
N HIS C 844 28.15 -30.15 -18.37
CA HIS C 844 27.50 -28.94 -17.88
C HIS C 844 27.83 -27.74 -18.76
N LEU C 845 29.08 -27.62 -19.18
CA LEU C 845 29.47 -26.47 -19.99
C LEU C 845 28.88 -26.56 -21.39
N VAL C 846 28.80 -27.77 -21.96
CA VAL C 846 28.09 -27.94 -23.22
C VAL C 846 26.60 -27.62 -23.06
N ASN C 847 26.01 -27.95 -21.91
CA ASN C 847 24.63 -27.59 -21.64
C ASN C 847 24.44 -26.09 -21.55
N LEU C 848 25.41 -25.38 -20.95
CA LEU C 848 25.33 -23.93 -20.84
C LEU C 848 25.68 -23.20 -22.13
N THR C 849 26.33 -23.87 -23.10
CA THR C 849 26.51 -23.24 -24.41
C THR C 849 25.19 -23.16 -25.17
N GLY C 850 24.40 -24.24 -25.15
CA GLY C 850 23.13 -24.25 -25.81
C GLY C 850 23.17 -24.59 -27.29
N LEU C 851 24.36 -24.79 -27.86
CA LEU C 851 24.48 -25.05 -29.28
C LEU C 851 24.10 -26.48 -29.66
N LYS C 852 24.25 -27.43 -28.74
CA LYS C 852 24.25 -28.84 -29.06
C LYS C 852 23.31 -29.61 -28.12
N LYS C 853 22.06 -29.15 -28.04
CA LYS C 853 21.12 -29.68 -27.06
C LYS C 853 20.75 -31.13 -27.32
N ARG C 854 20.34 -31.46 -28.54
CA ARG C 854 19.74 -32.77 -28.81
C ARG C 854 20.81 -33.79 -29.22
N GLU C 855 21.63 -34.15 -28.25
CA GLU C 855 22.58 -35.26 -28.41
C GLU C 855 22.65 -36.01 -27.09
N PRO C 856 23.05 -37.27 -27.11
CA PRO C 856 23.32 -37.98 -25.85
C PRO C 856 24.58 -37.45 -25.18
N LEU C 857 24.84 -37.97 -23.98
CA LEU C 857 25.92 -37.46 -23.14
C LEU C 857 27.30 -37.73 -23.74
N ARG C 858 27.45 -38.86 -24.45
CA ARG C 858 28.75 -39.18 -25.04
C ARG C 858 29.12 -38.19 -26.14
N LYS C 859 28.13 -37.71 -26.89
CA LYS C 859 28.39 -36.74 -27.94
C LYS C 859 28.65 -35.36 -27.36
N ARG C 860 27.98 -35.02 -26.25
CA ARG C 860 28.26 -33.76 -25.57
C ARG C 860 29.67 -33.75 -25.01
N LEU C 861 30.12 -34.88 -24.45
CA LEU C 861 31.49 -34.96 -23.94
C LEU C 861 32.52 -34.92 -25.06
N ALA C 862 32.23 -35.58 -26.19
CA ALA C 862 33.11 -35.51 -27.35
C ALA C 862 33.19 -34.08 -27.89
N PHE C 863 32.06 -33.39 -27.93
CA PHE C 863 32.04 -31.99 -28.36
C PHE C 863 32.83 -31.12 -27.41
N ALA C 864 32.75 -31.39 -26.10
CA ALA C 864 33.55 -30.65 -25.13
C ALA C 864 35.04 -30.87 -25.33
N GLU C 865 35.43 -32.11 -25.64
CA GLU C 865 36.83 -32.38 -25.95
C GLU C 865 37.25 -31.76 -27.28
N GLU C 866 36.30 -31.51 -28.18
CA GLU C 866 36.63 -30.92 -29.47
C GLU C 866 36.97 -29.43 -29.35
N VAL C 867 36.39 -28.73 -28.38
CA VAL C 867 36.45 -27.27 -28.33
C VAL C 867 37.35 -26.79 -27.19
N MET C 868 38.38 -27.56 -26.86
CA MET C 868 39.22 -27.23 -25.72
C MET C 868 39.99 -25.93 -25.92
N ASP C 869 40.45 -25.66 -27.15
CA ASP C 869 41.13 -24.41 -27.43
C ASP C 869 40.18 -23.22 -27.29
N ASP C 870 38.94 -23.39 -27.73
CA ASP C 870 37.92 -22.36 -27.57
C ASP C 870 37.68 -22.07 -26.10
N ILE C 871 37.60 -23.13 -25.29
CA ILE C 871 37.36 -23.03 -23.85
C ILE C 871 38.51 -22.30 -23.18
N LEU C 872 39.74 -22.69 -23.52
CA LEU C 872 40.92 -22.09 -22.89
C LEU C 872 41.07 -20.62 -23.25
N ASP C 873 40.80 -20.25 -24.50
CA ASP C 873 40.83 -18.83 -24.84
C ASP C 873 39.62 -18.08 -24.28
N SER C 874 38.53 -18.79 -23.98
CA SER C 874 37.41 -18.16 -23.30
C SER C 874 37.66 -18.01 -21.81
N ALA C 875 38.65 -18.70 -21.27
CA ALA C 875 38.91 -18.70 -19.84
C ALA C 875 40.21 -18.01 -19.45
N ASP C 876 41.33 -18.40 -20.06
CA ASP C 876 42.63 -17.93 -19.61
C ASP C 876 42.81 -16.44 -19.89
N GLN C 877 42.25 -15.96 -21.00
CA GLN C 877 42.25 -14.53 -21.33
C GLN C 877 40.82 -14.16 -21.73
N PRO C 878 39.94 -13.93 -20.74
CA PRO C 878 38.53 -13.63 -21.06
C PRO C 878 38.33 -12.28 -21.73
N LEU C 879 38.90 -11.23 -21.15
CA LEU C 879 38.74 -9.89 -21.68
C LEU C 879 39.65 -9.69 -22.89
N THR C 880 39.07 -9.18 -23.98
CA THR C 880 39.75 -8.92 -25.25
C THR C 880 40.46 -10.18 -25.77
N GLY C 881 39.65 -11.20 -26.03
CA GLY C 881 40.14 -12.43 -26.63
C GLY C 881 39.44 -12.73 -27.94
N ARG C 882 39.19 -14.01 -28.22
CA ARG C 882 38.43 -14.37 -29.40
C ARG C 882 36.93 -14.29 -29.19
N LYS C 883 36.49 -14.01 -27.96
CA LYS C 883 35.11 -13.61 -27.65
C LYS C 883 34.11 -14.72 -27.95
N TRP C 884 34.47 -15.95 -27.57
CA TRP C 884 33.63 -17.10 -27.85
C TRP C 884 32.40 -17.15 -26.94
N TRP C 885 32.56 -16.71 -25.68
CA TRP C 885 31.53 -16.94 -24.68
C TRP C 885 30.30 -16.05 -24.84
N MET C 886 30.36 -15.05 -25.71
CA MET C 886 29.19 -14.20 -25.93
C MET C 886 28.13 -14.89 -26.78
N GLY C 887 28.52 -15.84 -27.62
CA GLY C 887 27.56 -16.51 -28.49
C GLY C 887 26.68 -17.52 -27.80
N ALA C 888 26.99 -17.87 -26.55
CA ALA C 888 26.16 -18.80 -25.81
C ALA C 888 24.84 -18.16 -25.42
N GLU C 889 23.88 -19.00 -25.05
CA GLU C 889 22.59 -18.49 -24.61
C GLU C 889 22.71 -17.81 -23.25
N GLU C 890 23.57 -18.34 -22.37
CA GLU C 890 23.82 -17.79 -21.05
C GLU C 890 25.31 -17.50 -20.94
N PRO C 891 25.74 -16.28 -21.24
CA PRO C 891 27.17 -15.99 -21.39
C PRO C 891 28.03 -16.06 -20.12
N TRP C 892 27.58 -15.42 -19.03
CA TRP C 892 28.44 -15.28 -17.86
C TRP C 892 28.62 -16.60 -17.11
N GLN C 893 27.55 -17.40 -17.01
CA GLN C 893 27.68 -18.72 -16.41
C GLN C 893 28.59 -19.61 -17.25
N THR C 894 28.52 -19.46 -18.57
CA THR C 894 29.44 -20.16 -19.46
C THR C 894 30.88 -19.75 -19.21
N LEU C 895 31.13 -18.44 -19.00
CA LEU C 895 32.49 -18.00 -18.72
C LEU C 895 32.99 -18.52 -17.38
N ALA C 896 32.13 -18.55 -16.36
CA ALA C 896 32.54 -19.09 -15.07
C ALA C 896 32.85 -20.58 -15.14
N CYS C 897 32.01 -21.34 -15.84
CA CYS C 897 32.23 -22.78 -15.96
C CYS C 897 33.47 -23.08 -16.79
N CYS C 898 33.73 -22.28 -17.82
CA CYS C 898 34.94 -22.47 -18.62
C CYS C 898 36.19 -22.09 -17.83
N MET C 899 36.09 -21.08 -16.96
CA MET C 899 37.20 -20.78 -16.04
C MET C 899 37.48 -21.95 -15.10
N GLU C 900 36.42 -22.56 -14.55
CA GLU C 900 36.62 -23.67 -13.62
C GLU C 900 37.21 -24.88 -14.32
N VAL C 901 36.73 -25.22 -15.52
CA VAL C 901 37.29 -26.38 -16.21
C VAL C 901 38.71 -26.11 -16.71
N ALA C 902 39.05 -24.87 -17.08
CA ALA C 902 40.42 -24.58 -17.47
C ALA C 902 41.38 -24.65 -16.28
N ASN C 903 40.92 -24.21 -15.10
CA ASN C 903 41.75 -24.37 -13.91
C ASN C 903 41.87 -25.84 -13.52
N ALA C 904 40.81 -26.62 -13.73
CA ALA C 904 40.81 -28.00 -13.28
C ALA C 904 41.66 -28.90 -14.19
N VAL C 905 41.76 -28.56 -15.48
CA VAL C 905 42.56 -29.36 -16.40
C VAL C 905 44.04 -29.25 -16.07
N ARG C 906 44.53 -28.02 -15.88
CA ARG C 906 45.94 -27.78 -15.60
C ARG C 906 46.24 -28.14 -14.13
N ALA C 907 46.34 -29.43 -13.88
CA ALA C 907 46.65 -29.94 -12.55
C ALA C 907 47.54 -31.16 -12.67
N SER C 908 48.28 -31.43 -11.59
CA SER C 908 49.12 -32.64 -11.55
C SER C 908 48.26 -33.90 -11.51
N ASP C 909 47.28 -33.93 -10.62
CA ASP C 909 46.30 -35.01 -10.55
C ASP C 909 44.91 -34.38 -10.59
N PRO C 910 44.18 -34.52 -11.69
CA PRO C 910 42.86 -33.85 -11.77
C PRO C 910 41.80 -34.47 -10.88
N ALA C 911 42.03 -35.65 -10.32
CA ALA C 911 41.03 -36.28 -9.47
C ALA C 911 40.98 -35.62 -8.10
N ALA C 912 42.09 -35.07 -7.63
CA ALA C 912 42.18 -34.52 -6.28
C ALA C 912 41.88 -33.02 -6.22
N TYR C 913 41.38 -32.43 -7.30
CA TYR C 913 41.00 -31.02 -7.27
C TYR C 913 39.76 -30.80 -6.44
N VAL C 914 39.76 -29.74 -5.65
CA VAL C 914 38.64 -29.42 -4.75
C VAL C 914 37.63 -28.58 -5.52
N SER C 915 36.39 -29.05 -5.57
CA SER C 915 35.36 -28.42 -6.39
C SER C 915 34.43 -27.57 -5.53
N HIS C 916 34.23 -26.32 -5.94
CA HIS C 916 33.30 -25.42 -5.28
C HIS C 916 32.16 -25.00 -6.19
N LEU C 917 31.97 -25.68 -7.31
CA LEU C 917 31.05 -25.18 -8.33
C LEU C 917 29.80 -26.05 -8.41
N PRO C 918 28.61 -25.46 -8.26
CA PRO C 918 27.38 -26.25 -8.36
C PRO C 918 27.12 -26.70 -9.79
N VAL C 919 26.39 -27.81 -9.91
CA VAL C 919 26.04 -28.38 -11.21
C VAL C 919 24.53 -28.41 -11.33
N HIS C 920 24.01 -27.74 -12.36
CA HIS C 920 22.58 -27.71 -12.61
C HIS C 920 22.10 -29.07 -13.14
N GLN C 921 21.05 -29.59 -12.52
CA GLN C 921 20.27 -30.68 -13.09
C GLN C 921 18.83 -30.19 -13.20
N ASP C 922 18.25 -30.27 -14.39
CA ASP C 922 16.99 -29.60 -14.65
C ASP C 922 16.04 -30.53 -15.40
N GLY C 923 14.75 -30.37 -15.11
CA GLY C 923 13.73 -31.12 -15.80
C GLY C 923 12.99 -30.26 -16.80
N SER C 924 13.03 -30.64 -18.07
CA SER C 924 12.35 -29.90 -19.12
C SER C 924 10.85 -30.16 -19.07
N CYS C 925 10.08 -29.09 -18.92
CA CYS C 925 8.62 -29.13 -18.81
C CYS C 925 8.17 -30.03 -17.65
N ASN C 926 8.51 -29.57 -16.45
CA ASN C 926 8.26 -30.34 -15.24
C ASN C 926 6.78 -30.51 -14.94
N GLY C 927 5.95 -29.56 -15.36
CA GLY C 927 4.52 -29.68 -15.13
C GLY C 927 3.92 -30.83 -15.90
N LEU C 928 4.31 -30.98 -17.16
CA LEU C 928 3.86 -32.13 -17.95
C LEU C 928 4.47 -33.41 -17.43
N GLN C 929 5.66 -33.35 -16.82
CA GLN C 929 6.25 -34.52 -16.20
C GLN C 929 5.40 -35.01 -15.03
N HIS C 930 4.98 -34.07 -14.17
CA HIS C 930 4.13 -34.44 -13.04
C HIS C 930 2.75 -34.89 -13.51
N TYR C 931 2.22 -34.27 -14.57
CA TYR C 931 0.94 -34.70 -15.12
C TYR C 931 1.01 -36.10 -15.71
N ALA C 932 2.11 -36.42 -16.42
CA ALA C 932 2.29 -37.75 -16.97
C ALA C 932 2.50 -38.79 -15.88
N ALA C 933 3.15 -38.40 -14.78
CA ALA C 933 3.26 -39.29 -13.64
C ALA C 933 1.91 -39.55 -13.00
N LEU C 934 1.09 -38.51 -12.88
CA LEU C 934 -0.22 -38.67 -12.23
C LEU C 934 -1.18 -39.48 -13.09
N GLY C 935 -1.16 -39.27 -14.40
CA GLY C 935 -2.12 -39.93 -15.26
C GLY C 935 -1.70 -41.25 -15.85
N ARG C 936 -0.44 -41.64 -15.64
CA ARG C 936 0.14 -42.87 -16.21
C ARG C 936 -0.01 -42.92 -17.72
N ASP C 937 0.19 -41.77 -18.37
CA ASP C 937 0.02 -41.66 -19.81
C ASP C 937 1.26 -42.20 -20.51
N SER C 938 1.07 -43.24 -21.32
CA SER C 938 2.21 -43.90 -21.96
C SER C 938 2.73 -43.08 -23.13
N VAL C 939 1.85 -42.40 -23.86
CA VAL C 939 2.28 -41.63 -25.02
C VAL C 939 3.07 -40.39 -24.60
N GLY C 940 2.60 -39.70 -23.56
CA GLY C 940 3.29 -38.51 -23.10
C GLY C 940 4.54 -38.79 -22.30
N ALA C 941 4.69 -40.02 -21.80
CA ALA C 941 5.86 -40.36 -20.98
C ALA C 941 7.13 -40.50 -21.81
N ALA C 942 7.03 -40.47 -23.13
CA ALA C 942 8.20 -40.45 -23.99
C ALA C 942 8.53 -39.05 -24.47
N SER C 943 7.50 -38.20 -24.65
CA SER C 943 7.72 -36.83 -25.11
C SER C 943 8.52 -36.02 -24.09
N VAL C 944 8.10 -36.06 -22.84
CA VAL C 944 8.96 -35.67 -21.73
C VAL C 944 9.71 -36.92 -21.28
N ASN C 945 10.97 -36.73 -20.90
CA ASN C 945 11.90 -37.85 -20.81
C ASN C 945 11.69 -38.69 -19.57
N LEU C 946 10.60 -39.46 -19.53
CA LEU C 946 10.28 -40.32 -18.40
C LEU C 946 10.40 -41.80 -18.75
N GLU C 947 11.06 -42.14 -19.85
CA GLU C 947 11.21 -43.50 -20.31
C GLU C 947 12.65 -43.72 -20.75
N PRO C 948 13.21 -44.91 -20.53
CA PRO C 948 14.58 -45.18 -20.99
C PRO C 948 14.71 -45.11 -22.51
N SER C 949 15.55 -44.18 -22.96
CA SER C 949 15.86 -44.04 -24.37
C SER C 949 17.27 -43.49 -24.50
N ASP C 950 17.87 -43.71 -25.67
CA ASP C 950 19.26 -43.34 -25.87
C ASP C 950 19.42 -41.87 -26.25
N VAL C 951 18.40 -41.24 -26.81
CA VAL C 951 18.51 -39.84 -27.22
C VAL C 951 17.48 -39.01 -26.47
N PRO C 952 17.77 -37.75 -26.14
CA PRO C 952 16.77 -36.89 -25.53
C PRO C 952 15.68 -36.53 -26.52
N GLN C 953 14.49 -36.29 -25.99
CA GLN C 953 13.34 -35.96 -26.82
C GLN C 953 12.68 -34.70 -26.28
N ASP C 954 12.52 -33.69 -27.13
CA ASP C 954 11.86 -32.44 -26.78
C ASP C 954 10.44 -32.44 -27.28
N VAL C 955 9.57 -31.75 -26.55
CA VAL C 955 8.16 -31.67 -26.93
C VAL C 955 7.93 -30.52 -27.92
N TYR C 956 8.78 -29.48 -27.87
CA TYR C 956 8.63 -28.33 -28.76
C TYR C 956 8.80 -28.74 -30.22
N SER C 957 9.91 -29.42 -30.51
CA SER C 957 10.16 -29.87 -31.88
C SER C 957 9.18 -30.94 -32.30
N GLY C 958 8.68 -31.74 -31.36
CA GLY C 958 7.64 -32.71 -31.69
C GLY C 958 6.37 -32.04 -32.17
N VAL C 959 5.95 -30.98 -31.48
CA VAL C 959 4.75 -30.25 -31.90
C VAL C 959 5.00 -29.54 -33.23
N ALA C 960 6.16 -28.90 -33.38
CA ALA C 960 6.46 -28.15 -34.60
C ALA C 960 6.66 -29.06 -35.80
N ALA C 961 6.98 -30.34 -35.59
CA ALA C 961 7.03 -31.29 -36.69
C ALA C 961 5.71 -32.01 -36.91
N GLN C 962 4.85 -32.08 -35.90
CA GLN C 962 3.55 -32.73 -36.07
C GLN C 962 2.54 -31.81 -36.72
N VAL C 963 2.68 -30.49 -36.57
CA VAL C 963 1.78 -29.58 -37.27
C VAL C 963 2.03 -29.60 -38.77
N GLU C 964 3.22 -30.01 -39.22
CA GLU C 964 3.53 -30.08 -40.65
C GLU C 964 2.66 -31.10 -41.37
N VAL C 965 2.27 -32.18 -40.68
CA VAL C 965 1.38 -33.18 -41.28
C VAL C 965 0.03 -32.55 -41.61
N PHE C 966 -0.51 -31.78 -40.67
CA PHE C 966 -1.77 -31.08 -40.93
C PHE C 966 -1.59 -30.01 -41.99
N ARG C 967 -0.43 -29.37 -42.02
CA ARG C 967 -0.14 -28.36 -43.03
C ARG C 967 -0.18 -28.94 -44.44
N ARG C 968 0.49 -30.09 -44.65
CA ARG C 968 0.49 -30.66 -45.98
C ARG C 968 -0.87 -31.25 -46.33
N GLN C 969 -1.54 -31.90 -45.37
CA GLN C 969 -2.86 -32.47 -45.62
C GLN C 969 -3.91 -31.40 -45.92
N ASP C 970 -3.71 -30.18 -45.42
CA ASP C 970 -4.58 -29.07 -45.79
C ASP C 970 -4.17 -28.40 -47.11
N ALA C 971 -2.90 -28.03 -47.24
CA ALA C 971 -2.44 -27.25 -48.39
C ALA C 971 -2.23 -28.07 -49.64
N GLN C 972 -2.47 -29.39 -49.61
CA GLN C 972 -2.62 -30.11 -50.87
C GLN C 972 -3.82 -29.58 -51.67
N ARG C 973 -4.86 -29.11 -50.99
CA ARG C 973 -5.94 -28.38 -51.66
C ARG C 973 -5.51 -26.99 -52.11
N GLY C 974 -4.57 -26.36 -51.42
CA GLY C 974 -3.98 -25.11 -51.88
C GLY C 974 -4.70 -23.84 -51.48
N MET C 975 -5.08 -23.71 -50.21
CA MET C 975 -5.64 -22.47 -49.71
C MET C 975 -4.51 -21.52 -49.33
N ARG C 976 -4.83 -20.48 -48.55
CA ARG C 976 -3.83 -19.54 -48.07
C ARG C 976 -2.91 -20.14 -47.02
N VAL C 977 -3.13 -21.40 -46.62
CA VAL C 977 -2.21 -22.10 -45.73
C VAL C 977 -0.84 -22.25 -46.39
N ALA C 978 -0.83 -22.59 -47.68
CA ALA C 978 0.44 -22.83 -48.39
C ALA C 978 1.23 -21.55 -48.58
N GLN C 979 0.58 -20.39 -48.48
CA GLN C 979 1.29 -19.13 -48.61
C GLN C 979 2.24 -18.90 -47.45
N VAL C 980 1.82 -19.26 -46.25
CA VAL C 980 2.57 -18.97 -45.04
C VAL C 980 3.02 -20.26 -44.37
N LEU C 981 2.06 -21.13 -44.05
CA LEU C 981 2.28 -22.18 -43.08
C LEU C 981 3.13 -23.32 -43.64
N GLU C 982 2.97 -23.63 -44.93
CA GLU C 982 3.86 -24.60 -45.56
C GLU C 982 5.24 -24.00 -45.79
N GLY C 983 5.35 -22.67 -45.75
CA GLY C 983 6.66 -22.06 -45.81
C GLY C 983 7.28 -21.86 -44.44
N PHE C 984 6.49 -21.35 -43.49
CA PHE C 984 7.02 -20.86 -42.21
C PHE C 984 6.30 -21.53 -41.04
N ILE C 985 6.80 -22.69 -40.61
CA ILE C 985 6.59 -23.21 -39.26
C ILE C 985 7.96 -23.62 -38.72
N THR C 986 8.16 -23.41 -37.42
CA THR C 986 9.39 -23.76 -36.74
C THR C 986 9.11 -23.87 -35.26
N ARG C 987 10.07 -24.39 -34.51
CA ARG C 987 9.85 -24.58 -33.08
C ARG C 987 10.09 -23.31 -32.28
N LYS C 988 10.54 -22.24 -32.91
CA LYS C 988 10.73 -20.98 -32.20
C LYS C 988 9.42 -20.21 -32.06
N VAL C 989 8.41 -20.57 -32.84
CA VAL C 989 7.14 -19.85 -32.76
C VAL C 989 6.16 -20.60 -31.86
N VAL C 990 6.47 -21.85 -31.50
CA VAL C 990 5.54 -22.65 -30.70
C VAL C 990 6.18 -22.96 -29.34
N LYS C 991 7.23 -22.24 -28.99
CA LYS C 991 7.93 -22.47 -27.72
C LYS C 991 7.18 -21.89 -26.54
N GLN C 992 6.59 -20.70 -26.70
CA GLN C 992 5.96 -20.02 -25.57
C GLN C 992 4.68 -20.70 -25.14
N THR C 993 3.86 -21.15 -26.10
CA THR C 993 2.57 -21.75 -25.74
C THR C 993 2.74 -23.12 -25.09
N VAL C 994 3.78 -23.87 -25.47
CA VAL C 994 4.04 -25.16 -24.83
C VAL C 994 4.75 -24.94 -23.49
N MET C 995 5.44 -23.81 -23.33
CA MET C 995 5.92 -23.44 -22.01
C MET C 995 4.78 -23.11 -21.07
N THR C 996 3.73 -22.46 -21.57
CA THR C 996 2.71 -21.90 -20.72
C THR C 996 1.40 -22.69 -20.70
N VAL C 997 1.35 -23.87 -21.34
CA VAL C 997 0.17 -24.72 -21.23
C VAL C 997 0.02 -25.27 -19.81
N VAL C 998 1.14 -25.50 -19.11
CA VAL C 998 1.09 -25.99 -17.72
C VAL C 998 0.45 -24.95 -16.81
N TYR C 999 0.68 -23.67 -17.09
CA TYR C 999 0.02 -22.58 -16.39
C TYR C 999 -1.34 -22.33 -17.06
N GLY C 1000 -1.95 -21.20 -16.73
CA GLY C 1000 -3.12 -20.79 -17.49
C GLY C 1000 -2.74 -20.32 -18.87
N VAL C 1001 -3.57 -20.66 -19.85
CA VAL C 1001 -3.50 -20.08 -21.20
C VAL C 1001 -4.83 -20.34 -21.88
N THR C 1002 -5.15 -19.52 -22.87
CA THR C 1002 -6.32 -19.68 -23.71
C THR C 1002 -5.95 -19.41 -25.16
N ARG C 1003 -6.94 -19.56 -26.05
CA ARG C 1003 -6.69 -19.39 -27.47
C ARG C 1003 -6.46 -17.92 -27.83
N TYR C 1004 -7.07 -17.00 -27.09
CA TYR C 1004 -6.86 -15.57 -27.33
C TYR C 1004 -5.42 -15.16 -27.07
N GLY C 1005 -4.91 -15.50 -25.88
CA GLY C 1005 -3.54 -15.14 -25.55
C GLY C 1005 -2.52 -15.86 -26.40
N GLY C 1006 -2.73 -17.14 -26.67
CA GLY C 1006 -1.85 -17.88 -27.55
C GLY C 1006 -1.85 -17.34 -28.96
N ARG C 1007 -3.01 -16.90 -29.44
CA ARG C 1007 -3.11 -16.23 -30.73
C ARG C 1007 -2.29 -14.95 -30.74
N LEU C 1008 -2.35 -14.17 -29.66
CA LEU C 1008 -1.52 -12.97 -29.56
C LEU C 1008 -0.03 -13.31 -29.61
N GLN C 1009 0.36 -14.39 -28.91
CA GLN C 1009 1.77 -14.80 -28.88
C GLN C 1009 2.27 -15.18 -30.27
N ILE C 1010 1.51 -16.00 -30.99
CA ILE C 1010 2.02 -16.39 -32.31
C ILE C 1010 1.82 -15.27 -33.33
N GLU C 1011 0.90 -14.33 -33.09
CA GLU C 1011 0.82 -13.15 -33.93
C GLU C 1011 2.08 -12.32 -33.83
N LYS C 1012 2.56 -12.10 -32.60
CA LYS C 1012 3.83 -11.41 -32.42
C LYS C 1012 4.99 -12.19 -33.03
N ARG C 1013 4.98 -13.52 -32.87
CA ARG C 1013 6.04 -14.35 -33.45
C ARG C 1013 6.05 -14.26 -34.97
N LEU C 1014 4.87 -14.28 -35.59
CA LEU C 1014 4.78 -14.19 -37.04
C LEU C 1014 5.20 -12.82 -37.56
N ARG C 1015 4.79 -11.75 -36.87
CA ARG C 1015 5.17 -10.42 -37.31
C ARG C 1015 6.59 -10.06 -36.92
N GLU C 1016 7.28 -10.92 -36.16
CA GLU C 1016 8.66 -10.66 -35.80
C GLU C 1016 9.59 -10.82 -37.00
N LEU C 1017 9.25 -11.71 -37.94
CA LEU C 1017 10.13 -11.99 -39.07
C LEU C 1017 10.10 -10.84 -40.07
N SER C 1018 11.29 -10.46 -40.55
CA SER C 1018 11.39 -9.39 -41.55
C SER C 1018 10.95 -9.88 -42.92
N ASP C 1019 11.27 -11.12 -43.27
CA ASP C 1019 10.90 -11.68 -44.57
C ASP C 1019 9.61 -12.47 -44.41
N PHE C 1020 8.47 -11.75 -44.47
CA PHE C 1020 7.15 -12.31 -44.25
C PHE C 1020 6.12 -11.30 -44.74
N PRO C 1021 5.13 -11.73 -45.52
CA PRO C 1021 4.02 -10.84 -45.88
C PRO C 1021 3.19 -10.48 -44.65
N GLN C 1022 3.06 -9.18 -44.40
CA GLN C 1022 2.32 -8.68 -43.25
C GLN C 1022 0.81 -8.63 -43.48
N GLU C 1023 0.35 -8.88 -44.71
CA GLU C 1023 -1.08 -8.80 -44.97
C GLU C 1023 -1.81 -10.05 -44.50
N PHE C 1024 -1.08 -11.12 -44.21
CA PHE C 1024 -1.68 -12.41 -43.87
C PHE C 1024 -1.35 -12.86 -42.44
N VAL C 1025 -1.04 -11.92 -41.55
CA VAL C 1025 -0.76 -12.25 -40.15
C VAL C 1025 -2.03 -12.79 -39.48
N TRP C 1026 -3.15 -12.14 -39.75
CA TRP C 1026 -4.35 -12.27 -38.92
C TRP C 1026 -4.98 -13.66 -39.03
N GLU C 1027 -5.14 -14.16 -40.26
CA GLU C 1027 -5.75 -15.48 -40.42
C GLU C 1027 -4.76 -16.59 -40.09
N ALA C 1028 -3.46 -16.35 -40.33
CA ALA C 1028 -2.44 -17.33 -40.03
C ALA C 1028 -2.34 -17.60 -38.54
N SER C 1029 -2.51 -16.54 -37.73
CA SER C 1029 -2.49 -16.73 -36.28
C SER C 1029 -3.65 -17.62 -35.82
N HIS C 1030 -4.84 -17.42 -36.38
CA HIS C 1030 -6.00 -18.24 -36.06
C HIS C 1030 -5.75 -19.70 -36.42
N TYR C 1031 -5.28 -19.94 -37.64
CA TYR C 1031 -5.03 -21.31 -38.10
C TYR C 1031 -3.95 -21.98 -37.27
N LEU C 1032 -2.89 -21.25 -36.93
CA LEU C 1032 -1.79 -21.84 -36.19
C LEU C 1032 -2.16 -22.16 -34.75
N VAL C 1033 -2.94 -21.28 -34.09
CA VAL C 1033 -3.33 -21.59 -32.72
C VAL C 1033 -4.30 -22.77 -32.70
N ARG C 1034 -5.17 -22.88 -33.71
CA ARG C 1034 -6.08 -24.03 -33.77
C ARG C 1034 -5.31 -25.32 -33.95
N GLN C 1035 -4.30 -25.33 -34.83
CA GLN C 1035 -3.54 -26.55 -35.06
C GLN C 1035 -2.64 -26.89 -33.88
N VAL C 1036 -2.12 -25.88 -33.18
CA VAL C 1036 -1.28 -26.13 -32.00
C VAL C 1036 -2.11 -26.75 -30.89
N PHE C 1037 -3.31 -26.23 -30.65
CA PHE C 1037 -4.15 -26.83 -29.61
C PHE C 1037 -4.60 -28.23 -30.00
N LYS C 1038 -4.86 -28.47 -31.30
CA LYS C 1038 -5.19 -29.82 -31.74
C LYS C 1038 -4.03 -30.79 -31.51
N SER C 1039 -2.80 -30.35 -31.82
CA SER C 1039 -1.64 -31.21 -31.62
C SER C 1039 -1.39 -31.50 -30.15
N LEU C 1040 -1.55 -30.49 -29.29
CA LEU C 1040 -1.36 -30.70 -27.86
C LEU C 1040 -2.45 -31.60 -27.27
N GLN C 1041 -3.66 -31.53 -27.80
CA GLN C 1041 -4.70 -32.46 -27.38
C GLN C 1041 -4.37 -33.88 -27.82
N GLU C 1042 -3.81 -34.03 -29.03
CA GLU C 1042 -3.46 -35.36 -29.51
C GLU C 1042 -2.31 -35.97 -28.73
N MET C 1043 -1.30 -35.18 -28.38
CA MET C 1043 -0.12 -35.73 -27.70
C MET C 1043 -0.43 -36.10 -26.26
N PHE C 1044 -1.09 -35.21 -25.52
CA PHE C 1044 -1.34 -35.37 -24.09
C PHE C 1044 -2.83 -35.59 -23.88
N SER C 1045 -3.20 -36.75 -23.34
CA SER C 1045 -4.60 -37.12 -23.18
C SER C 1045 -5.09 -36.96 -21.74
N GLY C 1046 -4.38 -37.56 -20.78
CA GLY C 1046 -4.79 -37.47 -19.39
C GLY C 1046 -4.57 -36.11 -18.75
N THR C 1047 -3.65 -35.32 -19.30
CA THR C 1047 -3.38 -33.99 -18.76
C THR C 1047 -4.61 -33.09 -18.86
N ARG C 1048 -5.28 -33.11 -20.01
CA ARG C 1048 -6.47 -32.28 -20.19
C ARG C 1048 -7.62 -32.77 -19.33
N ALA C 1049 -7.74 -34.09 -19.13
CA ALA C 1049 -8.77 -34.62 -18.25
C ALA C 1049 -8.54 -34.19 -16.81
N ILE C 1050 -7.29 -34.21 -16.35
CA ILE C 1050 -6.99 -33.78 -14.98
C ILE C 1050 -7.24 -32.29 -14.82
N GLN C 1051 -6.86 -31.49 -15.82
CA GLN C 1051 -7.10 -30.04 -15.75
C GLN C 1051 -8.59 -29.72 -15.72
N HIS C 1052 -9.38 -30.39 -16.55
CA HIS C 1052 -10.83 -30.18 -16.55
C HIS C 1052 -11.46 -30.61 -15.23
N TRP C 1053 -11.03 -31.75 -14.67
CA TRP C 1053 -11.56 -32.21 -13.40
C TRP C 1053 -11.22 -31.25 -12.26
N LEU C 1054 -9.98 -30.75 -12.22
CA LEU C 1054 -9.58 -29.80 -11.20
C LEU C 1054 -10.34 -28.49 -11.31
N THR C 1055 -10.53 -28.00 -12.54
CA THR C 1055 -11.29 -26.77 -12.75
C THR C 1055 -12.75 -26.94 -12.34
N GLU C 1056 -13.34 -28.09 -12.65
CA GLU C 1056 -14.72 -28.36 -12.26
C GLU C 1056 -14.86 -28.42 -10.74
N SER C 1057 -13.89 -29.05 -10.05
CA SER C 1057 -13.95 -29.11 -8.60
C SER C 1057 -13.82 -27.72 -7.97
N ALA C 1058 -12.90 -26.90 -8.49
CA ALA C 1058 -12.74 -25.54 -7.97
C ALA C 1058 -13.99 -24.69 -8.20
N ARG C 1059 -14.60 -24.82 -9.38
CA ARG C 1059 -15.83 -24.09 -9.66
C ARG C 1059 -16.96 -24.54 -8.73
N LEU C 1060 -17.10 -25.84 -8.53
CA LEU C 1060 -18.19 -26.33 -7.71
C LEU C 1060 -17.98 -26.03 -6.23
N ILE C 1061 -16.74 -25.82 -5.80
CA ILE C 1061 -16.53 -25.42 -4.41
C ILE C 1061 -16.59 -23.90 -4.23
N SER C 1062 -16.37 -23.12 -5.30
CA SER C 1062 -16.40 -21.67 -5.17
C SER C 1062 -17.78 -21.05 -5.39
N HIS C 1063 -18.76 -21.81 -5.86
CA HIS C 1063 -20.12 -21.28 -5.93
C HIS C 1063 -20.67 -21.01 -4.53
N MET C 1064 -20.45 -21.92 -3.60
CA MET C 1064 -20.71 -21.61 -2.21
C MET C 1064 -19.54 -20.80 -1.66
N GLY C 1065 -19.76 -20.20 -0.49
CA GLY C 1065 -18.73 -19.39 0.13
C GLY C 1065 -17.63 -20.22 0.76
N SER C 1066 -16.92 -21.00 -0.06
CA SER C 1066 -15.90 -21.90 0.43
C SER C 1066 -14.66 -21.76 -0.43
N VAL C 1067 -13.59 -21.26 0.16
CA VAL C 1067 -12.28 -21.22 -0.48
C VAL C 1067 -11.73 -22.64 -0.56
N VAL C 1068 -11.16 -22.99 -1.71
CA VAL C 1068 -10.65 -24.35 -1.92
C VAL C 1068 -9.47 -24.61 -0.99
N GLU C 1069 -9.37 -25.85 -0.51
CA GLU C 1069 -8.41 -26.23 0.51
C GLU C 1069 -7.93 -27.65 0.25
N TRP C 1070 -6.63 -27.88 0.43
CA TRP C 1070 -6.08 -29.22 0.26
C TRP C 1070 -4.88 -29.39 1.18
N VAL C 1071 -4.49 -30.65 1.38
CA VAL C 1071 -3.40 -31.02 2.28
C VAL C 1071 -2.35 -31.77 1.48
N THR C 1072 -1.11 -31.33 1.55
CA THR C 1072 -0.01 -31.97 0.85
C THR C 1072 0.31 -33.32 1.49
N PRO C 1073 0.91 -34.25 0.74
CA PRO C 1073 1.30 -35.52 1.35
C PRO C 1073 2.38 -35.41 2.43
N LEU C 1074 3.11 -34.29 2.49
CA LEU C 1074 4.07 -34.07 3.57
C LEU C 1074 3.47 -33.37 4.77
N GLY C 1075 2.20 -32.97 4.73
CA GLY C 1075 1.50 -32.49 5.90
C GLY C 1075 1.16 -31.01 5.91
N VAL C 1076 1.63 -30.23 4.94
CA VAL C 1076 1.36 -28.79 4.92
C VAL C 1076 -0.04 -28.55 4.35
N PRO C 1077 -0.90 -27.78 5.04
CA PRO C 1077 -2.19 -27.40 4.44
C PRO C 1077 -2.13 -26.07 3.71
N VAL C 1078 -2.94 -25.90 2.66
CA VAL C 1078 -2.92 -24.73 1.80
C VAL C 1078 -4.34 -24.17 1.68
N ILE C 1079 -4.46 -22.84 1.67
CA ILE C 1079 -5.71 -22.10 1.51
C ILE C 1079 -5.52 -21.27 0.25
N GLN C 1080 -6.47 -20.41 -0.13
CA GLN C 1080 -6.27 -19.46 -1.25
C GLN C 1080 -6.81 -18.07 -0.95
N PRO C 1081 -6.02 -17.01 -1.24
CA PRO C 1081 -6.43 -15.63 -0.92
C PRO C 1081 -7.19 -14.92 -2.03
N TYR C 1082 -8.23 -15.56 -2.56
CA TYR C 1082 -9.05 -14.96 -3.61
C TYR C 1082 -10.44 -14.68 -3.06
N ARG C 1083 -10.77 -13.39 -2.93
CA ARG C 1083 -12.10 -12.94 -2.54
C ARG C 1083 -12.40 -11.66 -3.30
N LEU C 1084 -13.69 -11.33 -3.36
CA LEU C 1084 -14.12 -10.14 -4.10
C LEU C 1084 -13.67 -8.88 -3.38
N ASP C 1085 -13.62 -7.79 -4.14
CA ASP C 1085 -13.13 -6.51 -3.63
C ASP C 1085 -14.03 -5.98 -2.53
N SER C 1086 -13.47 -5.83 -1.34
CA SER C 1086 -14.26 -5.50 -0.15
C SER C 1086 -14.69 -4.03 -0.19
N LYS C 1087 -15.48 -3.66 0.82
CA LYS C 1087 -15.80 -2.27 1.03
C LYS C 1087 -14.53 -1.54 1.41
N VAL C 1088 -13.99 -0.75 0.49
CA VAL C 1088 -12.71 -0.09 0.72
C VAL C 1088 -12.87 0.95 1.84
N LYS C 1089 -11.78 1.17 2.57
CA LYS C 1089 -11.85 2.00 3.77
C LYS C 1089 -10.89 3.17 3.63
N GLN C 1090 -11.40 4.36 3.96
CA GLN C 1090 -10.71 5.62 3.77
C GLN C 1090 -10.44 6.27 5.12
N ILE C 1091 -9.26 6.86 5.25
CA ILE C 1091 -8.84 7.54 6.47
C ILE C 1091 -8.98 9.05 6.25
N GLY C 1092 -9.87 9.67 7.00
CA GLY C 1092 -10.06 11.11 6.92
C GLY C 1092 -8.90 11.83 7.59
N GLY C 1093 -8.42 12.89 6.95
CA GLY C 1093 -7.23 13.55 7.45
C GLY C 1093 -7.12 14.97 6.90
N GLY C 1094 -6.00 15.59 7.22
CA GLY C 1094 -5.81 16.99 6.85
C GLY C 1094 -5.35 17.16 5.42
N ILE C 1095 -4.18 16.60 5.09
CA ILE C 1095 -3.58 16.87 3.78
C ILE C 1095 -4.31 16.09 2.68
N GLN C 1096 -4.77 14.88 2.98
CA GLN C 1096 -5.30 13.97 1.98
C GLN C 1096 -5.99 12.82 2.69
N SER C 1097 -7.04 12.31 2.08
CA SER C 1097 -7.68 11.08 2.53
C SER C 1097 -7.27 9.94 1.61
N ILE C 1098 -6.81 8.84 2.20
CA ILE C 1098 -6.32 7.69 1.44
C ILE C 1098 -7.19 6.48 1.74
N THR C 1099 -7.28 5.58 0.76
CA THR C 1099 -8.12 4.40 0.86
C THR C 1099 -7.29 3.14 0.70
N TYR C 1100 -7.77 2.05 1.31
CA TYR C 1100 -7.11 0.76 1.24
C TYR C 1100 -8.15 -0.35 1.27
N THR C 1101 -7.70 -1.55 0.94
CA THR C 1101 -8.54 -2.74 0.95
C THR C 1101 -8.07 -3.68 2.06
N HIS C 1102 -8.99 -4.09 2.92
CA HIS C 1102 -8.66 -4.96 4.05
C HIS C 1102 -8.80 -6.40 3.61
N ASN C 1103 -7.68 -7.14 3.61
CA ASN C 1103 -7.67 -8.51 3.12
C ASN C 1103 -8.08 -9.52 4.18
N GLY C 1104 -8.19 -9.11 5.44
CA GLY C 1104 -8.51 -10.05 6.50
C GLY C 1104 -9.99 -10.33 6.68
N ASP C 1105 -10.84 -9.68 5.90
CA ASP C 1105 -12.28 -9.87 6.06
C ASP C 1105 -12.69 -11.21 5.45
N ILE C 1106 -13.24 -12.08 6.30
CA ILE C 1106 -13.80 -13.35 5.85
C ILE C 1106 -15.22 -13.17 5.32
N SER C 1107 -15.84 -12.02 5.58
CA SER C 1107 -17.23 -11.80 5.20
C SER C 1107 -17.42 -11.73 3.70
N ARG C 1108 -16.40 -11.30 2.96
CA ARG C 1108 -16.55 -11.11 1.52
C ARG C 1108 -16.51 -12.44 0.80
N LYS C 1109 -17.28 -12.53 -0.29
CA LYS C 1109 -17.52 -13.78 -1.00
C LYS C 1109 -16.32 -14.18 -1.86
N PRO C 1110 -16.17 -15.48 -2.14
CA PRO C 1110 -15.08 -15.93 -2.99
C PRO C 1110 -15.18 -15.43 -4.42
N ASN C 1111 -14.02 -15.23 -5.05
CA ASN C 1111 -13.94 -14.90 -6.46
C ASN C 1111 -13.79 -16.20 -7.24
N THR C 1112 -14.87 -16.67 -7.88
CA THR C 1112 -14.92 -18.00 -8.54
C THR C 1112 -14.26 -18.02 -9.90
N ARG C 1113 -13.58 -16.96 -10.29
CA ARG C 1113 -12.86 -16.93 -11.58
C ARG C 1113 -11.38 -17.04 -11.24
N LYS C 1114 -10.99 -16.41 -10.14
CA LYS C 1114 -9.57 -16.47 -9.74
C LYS C 1114 -9.31 -17.77 -8.95
N GLN C 1115 -10.33 -18.61 -8.70
CA GLN C 1115 -10.05 -19.90 -8.08
C GLN C 1115 -10.05 -21.03 -9.11
N LYS C 1116 -11.00 -21.01 -10.06
CA LYS C 1116 -10.99 -22.01 -11.12
C LYS C 1116 -9.75 -21.83 -12.00
N ASN C 1117 -9.33 -20.58 -12.23
CA ASN C 1117 -8.04 -20.34 -12.84
C ASN C 1117 -7.03 -20.12 -11.73
N GLY C 1118 -6.30 -21.17 -11.37
CA GLY C 1118 -5.41 -21.08 -10.24
C GLY C 1118 -5.34 -22.33 -9.38
N PHE C 1119 -6.41 -23.12 -9.29
CA PHE C 1119 -6.25 -24.43 -8.64
C PHE C 1119 -5.30 -25.37 -9.41
N PRO C 1120 -5.44 -25.60 -10.73
CA PRO C 1120 -4.55 -26.57 -11.40
C PRO C 1120 -3.07 -26.17 -11.44
N PRO C 1121 -2.69 -24.89 -11.61
CA PRO C 1121 -1.25 -24.62 -11.49
C PRO C 1121 -0.72 -24.72 -10.06
N ASN C 1122 -1.56 -24.50 -9.06
CA ASN C 1122 -1.08 -24.51 -7.69
C ASN C 1122 -0.86 -25.93 -7.18
N PHE C 1123 -1.73 -26.88 -7.59
CA PHE C 1123 -1.55 -28.27 -7.16
C PHE C 1123 -0.23 -28.86 -7.68
N ILE C 1124 0.11 -28.58 -8.93
CA ILE C 1124 1.35 -29.11 -9.51
C ILE C 1124 2.56 -28.51 -8.83
N HIS C 1125 2.51 -27.21 -8.51
CA HIS C 1125 3.63 -26.59 -7.81
C HIS C 1125 3.78 -27.12 -6.39
N SER C 1126 2.66 -27.45 -5.74
CA SER C 1126 2.70 -28.13 -4.45
C SER C 1126 3.41 -29.48 -4.55
N LEU C 1127 3.09 -30.26 -5.59
CA LEU C 1127 3.75 -31.55 -5.78
C LEU C 1127 5.25 -31.38 -6.06
N ASP C 1128 5.60 -30.35 -6.83
CA ASP C 1128 7.01 -30.04 -7.10
C ASP C 1128 7.75 -29.73 -5.80
N SER C 1129 7.13 -28.95 -4.92
CA SER C 1129 7.74 -28.62 -3.64
C SER C 1129 7.92 -29.86 -2.78
N SER C 1130 6.93 -30.75 -2.78
CA SER C 1130 7.04 -31.99 -2.00
C SER C 1130 8.18 -32.87 -2.50
N HIS C 1131 8.31 -33.00 -3.83
CA HIS C 1131 9.37 -33.83 -4.39
C HIS C 1131 10.75 -33.25 -4.08
N MET C 1132 10.89 -31.92 -4.19
CA MET C 1132 12.16 -31.28 -3.84
C MET C 1132 12.49 -31.48 -2.37
N MET C 1133 11.48 -31.38 -1.50
CA MET C 1133 11.73 -31.56 -0.06
C MET C 1133 12.18 -32.98 0.25
N LEU C 1134 11.55 -33.97 -0.38
CA LEU C 1134 11.93 -35.37 -0.15
C LEU C 1134 13.36 -35.63 -0.60
N THR C 1135 13.74 -35.14 -1.79
CA THR C 1135 15.09 -35.42 -2.25
C THR C 1135 16.12 -34.61 -1.46
N ALA C 1136 15.73 -33.46 -0.89
CA ALA C 1136 16.62 -32.72 0.00
C ALA C 1136 16.88 -33.49 1.29
N LEU C 1137 15.80 -33.98 1.92
CA LEU C 1137 15.94 -34.71 3.18
C LEU C 1137 16.71 -36.01 2.99
N HIS C 1138 16.60 -36.63 1.81
CA HIS C 1138 17.35 -37.86 1.59
C HIS C 1138 18.76 -37.62 1.07
N CYS C 1139 19.05 -36.43 0.52
CA CYS C 1139 20.44 -36.12 0.21
C CYS C 1139 21.22 -35.67 1.44
N TYR C 1140 20.51 -35.19 2.48
CA TYR C 1140 21.23 -34.75 3.68
C TYR C 1140 21.89 -35.91 4.42
N ARG C 1141 21.26 -37.09 4.40
CA ARG C 1141 21.78 -38.22 5.16
C ARG C 1141 23.10 -38.72 4.61
N LYS C 1142 23.25 -38.74 3.28
CA LYS C 1142 24.43 -39.31 2.66
C LYS C 1142 25.57 -38.31 2.54
N GLY C 1143 25.41 -37.10 3.06
CA GLY C 1143 26.48 -36.14 3.04
C GLY C 1143 26.56 -35.29 1.81
N LEU C 1144 25.43 -34.88 1.26
CA LEU C 1144 25.37 -34.08 0.05
C LEU C 1144 24.70 -32.75 0.34
N THR C 1145 25.32 -31.66 -0.08
CA THR C 1145 24.71 -30.34 0.04
C THR C 1145 23.74 -30.12 -1.12
N PHE C 1146 22.51 -29.75 -0.79
CA PHE C 1146 21.45 -29.61 -1.76
C PHE C 1146 20.97 -28.16 -1.80
N VAL C 1147 21.04 -27.53 -2.97
CA VAL C 1147 20.43 -26.22 -3.15
C VAL C 1147 19.47 -26.31 -4.34
N SER C 1148 18.25 -25.85 -4.15
CA SER C 1148 17.25 -25.95 -5.21
C SER C 1148 16.73 -24.57 -5.59
N VAL C 1149 16.95 -24.20 -6.84
CA VAL C 1149 15.97 -23.37 -7.54
C VAL C 1149 14.86 -24.32 -7.94
N HIS C 1150 13.63 -23.79 -8.13
CA HIS C 1150 12.52 -24.65 -8.51
C HIS C 1150 12.84 -25.37 -9.82
N ASP C 1151 12.66 -26.70 -9.79
CA ASP C 1151 13.06 -27.64 -10.86
C ASP C 1151 14.47 -27.38 -11.42
N CYS C 1152 15.37 -26.94 -10.53
CA CYS C 1152 16.77 -26.75 -10.87
C CYS C 1152 17.63 -27.10 -9.66
N TYR C 1153 18.25 -28.28 -9.69
CA TYR C 1153 18.86 -28.86 -8.50
C TYR C 1153 20.38 -28.74 -8.60
N TRP C 1154 21.04 -28.31 -7.52
CA TRP C 1154 22.47 -28.06 -7.50
C TRP C 1154 23.14 -28.83 -6.38
N THR C 1155 24.20 -29.56 -6.73
CA THR C 1155 25.19 -30.09 -5.78
C THR C 1155 26.58 -29.89 -6.36
N HIS C 1156 27.58 -30.39 -5.62
CA HIS C 1156 28.96 -30.36 -6.06
C HIS C 1156 29.16 -31.23 -7.29
N ALA C 1157 30.24 -30.97 -8.03
CA ALA C 1157 30.47 -31.68 -9.28
C ALA C 1157 30.75 -33.17 -9.06
N ALA C 1158 31.20 -33.56 -7.86
CA ALA C 1158 31.55 -34.94 -7.60
C ALA C 1158 30.34 -35.85 -7.38
N ASP C 1159 29.28 -35.32 -6.79
CA ASP C 1159 28.21 -36.16 -6.25
C ASP C 1159 26.92 -36.08 -7.07
N VAL C 1160 27.02 -35.82 -8.37
CA VAL C 1160 25.82 -35.63 -9.17
C VAL C 1160 25.10 -36.96 -9.39
N SER C 1161 25.86 -38.05 -9.46
CA SER C 1161 25.26 -39.37 -9.72
C SER C 1161 24.37 -39.81 -8.56
N VAL C 1162 24.81 -39.54 -7.33
CA VAL C 1162 24.03 -39.92 -6.16
C VAL C 1162 22.76 -39.08 -6.07
N MET C 1163 22.85 -37.78 -6.40
CA MET C 1163 21.65 -36.96 -6.52
C MET C 1163 20.68 -37.54 -7.53
N ASN C 1164 21.17 -37.89 -8.72
CA ASN C 1164 20.28 -38.41 -9.76
C ASN C 1164 19.62 -39.71 -9.32
N GLN C 1165 20.37 -40.58 -8.63
CA GLN C 1165 19.82 -41.83 -8.13
C GLN C 1165 18.70 -41.59 -7.13
N VAL C 1166 18.95 -40.77 -6.10
CA VAL C 1166 17.92 -40.56 -5.10
C VAL C 1166 16.80 -39.67 -5.63
N CYS C 1167 17.06 -38.87 -6.67
CA CYS C 1167 16.02 -38.06 -7.28
C CYS C 1167 14.99 -38.94 -7.98
N ARG C 1168 15.47 -39.88 -8.79
CA ARG C 1168 14.57 -40.83 -9.42
C ARG C 1168 13.89 -41.71 -8.39
N GLU C 1169 14.62 -42.13 -7.34
CA GLU C 1169 14.03 -42.97 -6.31
C GLU C 1169 12.92 -42.26 -5.56
N GLN C 1170 13.14 -41.00 -5.18
CA GLN C 1170 12.11 -40.26 -4.47
C GLN C 1170 10.95 -39.88 -5.37
N PHE C 1171 11.19 -39.71 -6.67
CA PHE C 1171 10.07 -39.50 -7.59
C PHE C 1171 9.17 -40.74 -7.63
N VAL C 1172 9.77 -41.93 -7.73
CA VAL C 1172 8.97 -43.15 -7.77
C VAL C 1172 8.24 -43.36 -6.44
N ARG C 1173 8.92 -43.11 -5.32
CA ARG C 1173 8.28 -43.27 -4.02
C ARG C 1173 7.16 -42.27 -3.78
N LEU C 1174 7.31 -41.02 -4.24
CA LEU C 1174 6.25 -40.03 -4.09
C LEU C 1174 5.05 -40.35 -4.96
N HIS C 1175 5.29 -40.67 -6.23
CA HIS C 1175 4.17 -40.89 -7.13
C HIS C 1175 3.60 -42.30 -7.04
N SER C 1176 4.20 -43.18 -6.23
CA SER C 1176 3.58 -44.47 -5.96
C SER C 1176 2.36 -44.32 -5.07
N GLU C 1177 2.31 -43.28 -4.24
CA GLU C 1177 1.16 -43.05 -3.39
C GLU C 1177 -0.02 -42.56 -4.22
N PRO C 1178 -1.25 -42.94 -3.87
CA PRO C 1178 -2.41 -42.47 -4.63
C PRO C 1178 -2.75 -41.02 -4.33
N ILE C 1179 -2.07 -40.08 -5.00
CA ILE C 1179 -2.20 -38.66 -4.68
C ILE C 1179 -3.60 -38.16 -4.98
N LEU C 1180 -4.12 -38.49 -6.17
CA LEU C 1180 -5.47 -38.09 -6.54
C LEU C 1180 -6.51 -38.77 -5.66
N GLN C 1181 -6.29 -40.03 -5.28
CA GLN C 1181 -7.27 -40.73 -4.46
C GLN C 1181 -7.32 -40.17 -3.04
N ASP C 1182 -6.16 -39.86 -2.44
CA ASP C 1182 -6.20 -39.27 -1.11
C ASP C 1182 -6.72 -37.83 -1.15
N LEU C 1183 -6.48 -37.12 -2.25
CA LEU C 1183 -7.10 -35.80 -2.42
C LEU C 1183 -8.61 -35.91 -2.48
N SER C 1184 -9.12 -36.92 -3.20
CA SER C 1184 -10.57 -37.12 -3.26
C SER C 1184 -11.16 -37.48 -1.90
N ARG C 1185 -10.47 -38.35 -1.15
CA ARG C 1185 -10.96 -38.71 0.18
C ARG C 1185 -10.92 -37.52 1.14
N PHE C 1186 -9.87 -36.69 1.06
CA PHE C 1186 -9.80 -35.52 1.91
C PHE C 1186 -10.85 -34.48 1.54
N LEU C 1187 -11.12 -34.31 0.26
CA LEU C 1187 -12.14 -33.37 -0.19
C LEU C 1187 -13.55 -33.96 -0.14
N VAL C 1188 -13.68 -35.23 0.25
CA VAL C 1188 -14.99 -35.77 0.60
C VAL C 1188 -15.25 -35.69 2.10
N LYS C 1189 -14.24 -35.93 2.94
CA LYS C 1189 -14.41 -35.76 4.38
C LYS C 1189 -14.63 -34.29 4.73
N ARG C 1190 -13.75 -33.42 4.26
CA ARG C 1190 -13.97 -31.99 4.30
C ARG C 1190 -14.84 -31.58 3.11
N PHE C 1191 -15.60 -30.50 3.27
CA PHE C 1191 -16.42 -29.87 2.23
C PHE C 1191 -17.56 -30.74 1.72
N CYS C 1192 -17.92 -31.79 2.42
CA CYS C 1192 -19.03 -32.65 2.01
C CYS C 1192 -19.62 -33.32 3.25
N SER C 1193 -20.56 -34.24 3.03
CA SER C 1193 -21.22 -35.01 4.08
C SER C 1193 -21.88 -34.11 5.13
N GLU C 1194 -22.55 -33.06 4.66
CA GLU C 1194 -23.19 -32.10 5.54
C GLU C 1194 -24.64 -31.92 5.14
N PRO C 1195 -25.53 -31.64 6.10
CA PRO C 1195 -26.94 -31.43 5.79
C PRO C 1195 -27.28 -29.98 5.43
N GLN C 1196 -26.25 -29.19 5.07
CA GLN C 1196 -26.46 -27.77 4.81
C GLN C 1196 -27.37 -27.54 3.61
N LYS C 1197 -27.16 -28.27 2.52
CA LYS C 1197 -28.02 -28.17 1.35
C LYS C 1197 -27.91 -29.45 0.54
N ILE C 1198 -28.89 -29.66 -0.35
CA ILE C 1198 -29.01 -30.92 -1.06
C ILE C 1198 -28.23 -30.89 -2.38
N LEU C 1199 -28.17 -29.72 -3.02
CA LEU C 1199 -27.48 -29.61 -4.30
C LEU C 1199 -25.97 -29.82 -4.17
N GLU C 1200 -25.40 -29.39 -3.04
CA GLU C 1200 -24.00 -29.65 -2.75
C GLU C 1200 -23.73 -31.15 -2.66
N ALA C 1201 -24.57 -31.88 -1.92
CA ALA C 1201 -24.38 -33.32 -1.80
C ALA C 1201 -24.68 -34.04 -3.09
N SER C 1202 -25.51 -33.44 -3.96
CA SER C 1202 -25.80 -34.07 -5.25
C SER C 1202 -24.65 -33.88 -6.23
N GLN C 1203 -24.00 -32.72 -6.21
CA GLN C 1203 -23.01 -32.38 -7.23
C GLN C 1203 -21.58 -32.68 -6.80
N LEU C 1204 -21.15 -32.19 -5.63
CA LEU C 1204 -19.76 -32.34 -5.22
C LEU C 1204 -19.41 -33.80 -4.96
N LYS C 1205 -20.33 -34.56 -4.35
CA LYS C 1205 -20.05 -35.96 -4.05
C LYS C 1205 -19.89 -36.78 -5.32
N GLU C 1206 -20.65 -36.45 -6.36
CA GLU C 1206 -20.51 -37.15 -7.63
C GLU C 1206 -19.25 -36.72 -8.36
N THR C 1207 -18.95 -35.42 -8.38
CA THR C 1207 -17.85 -34.93 -9.20
C THR C 1207 -16.50 -35.26 -8.57
N LEU C 1208 -16.36 -35.09 -7.26
CA LEU C 1208 -15.07 -35.24 -6.61
C LEU C 1208 -14.62 -36.69 -6.53
N GLN C 1209 -15.56 -37.64 -6.52
CA GLN C 1209 -15.19 -39.05 -6.46
C GLN C 1209 -14.74 -39.56 -7.83
N ALA C 1210 -15.08 -38.85 -8.90
CA ALA C 1210 -14.67 -39.25 -10.24
C ALA C 1210 -13.27 -38.73 -10.53
N VAL C 1211 -12.33 -39.64 -10.74
CA VAL C 1211 -10.93 -39.28 -10.97
C VAL C 1211 -10.49 -39.92 -12.28
N PRO C 1212 -9.53 -39.31 -13.00
CA PRO C 1212 -9.08 -39.89 -14.27
C PRO C 1212 -8.39 -41.23 -14.06
N LYS C 1213 -8.82 -42.23 -14.84
CA LYS C 1213 -8.26 -43.56 -14.70
C LYS C 1213 -6.85 -43.61 -15.26
N PRO C 1214 -5.94 -44.35 -14.64
CA PRO C 1214 -4.57 -44.41 -15.12
C PRO C 1214 -4.43 -45.29 -16.36
N GLY C 1215 -3.31 -45.11 -17.04
CA GLY C 1215 -2.98 -45.90 -18.21
C GLY C 1215 -2.13 -47.09 -17.88
N ALA C 1216 -1.25 -47.46 -18.82
CA ALA C 1216 -0.36 -48.62 -18.67
C ALA C 1216 1.07 -48.13 -18.81
N PHE C 1217 1.67 -47.73 -17.70
CA PHE C 1217 3.04 -47.27 -17.65
C PHE C 1217 3.70 -47.84 -16.40
N ASP C 1218 4.84 -48.48 -16.58
CA ASP C 1218 5.61 -49.02 -15.47
C ASP C 1218 6.44 -47.89 -14.87
N LEU C 1219 6.11 -47.49 -13.65
CA LEU C 1219 6.74 -46.33 -13.04
C LEU C 1219 8.17 -46.62 -12.62
N GLU C 1220 8.48 -47.87 -12.27
CA GLU C 1220 9.83 -48.23 -11.82
C GLU C 1220 10.89 -48.00 -12.91
N GLN C 1221 10.48 -47.98 -14.18
CA GLN C 1221 11.39 -47.69 -15.28
C GLN C 1221 12.00 -46.30 -15.19
N VAL C 1222 11.37 -45.38 -14.45
CA VAL C 1222 11.94 -44.06 -14.25
C VAL C 1222 13.29 -44.17 -13.55
N LYS C 1223 13.49 -45.23 -12.75
CA LYS C 1223 14.77 -45.42 -12.08
C LYS C 1223 15.91 -45.73 -13.05
N ARG C 1224 15.60 -46.11 -14.29
CA ARG C 1224 16.63 -46.38 -15.29
C ARG C 1224 16.57 -45.42 -16.48
N SER C 1225 16.02 -44.22 -16.28
CA SER C 1225 15.96 -43.21 -17.33
C SER C 1225 17.09 -42.20 -17.14
N THR C 1226 17.80 -41.91 -18.21
CA THR C 1226 19.01 -41.12 -18.16
C THR C 1226 18.81 -39.66 -18.52
N TYR C 1227 17.58 -39.24 -18.82
CA TYR C 1227 17.33 -37.87 -19.25
C TYR C 1227 16.26 -37.16 -18.45
N PHE C 1228 15.58 -37.85 -17.54
CA PHE C 1228 14.76 -37.21 -16.53
C PHE C 1228 15.68 -36.44 -15.57
N PHE C 1229 15.44 -35.13 -15.46
CA PHE C 1229 16.24 -34.21 -14.64
C PHE C 1229 17.72 -34.27 -15.02
N SER C 1230 17.98 -34.27 -16.32
CA SER C 1230 19.34 -34.30 -16.83
C SER C 1230 19.52 -33.29 -17.95
#